data_9F8X
#
_entry.id   9F8X
#
_cell.length_a   65.260
_cell.length_b   69.375
_cell.length_c   153.188
_cell.angle_alpha   81.384
_cell.angle_beta   77.918
_cell.angle_gamma   88.608
#
_symmetry.space_group_name_H-M   'P 1'
#
loop_
_entity.id
_entity.type
_entity.pdbx_description
1 polymer 'Nitrous-oxide reductase'
2 non-polymer 'DINUCLEAR COPPER ION'
3 non-polymer '[4Cu:2S] cluster'
4 non-polymer 'CALCIUM ION'
5 non-polymer 'CHLORIDE ION'
6 non-polymer 1,2-ETHANEDIOL
7 non-polymer 'SODIUM ION'
8 water water
#
_entity_poly.entity_id   1
_entity_poly.type   'polypeptide(L)'
_entity_poly.pdbx_seq_one_letter_code
;MKKRDDLTKDTPEVSEGGLSRRRFMGAAALAGVAGATGLGTSVMSRETWAAAAEEARNKAHVAPGELDEYYGFWSGGHQG
EVRVLGVPSMRELMRIPVFNVDSATGWGITNESKEILGGDQQYLNGDCHHPHISMTDGRYDGKYLFINDKANTRVARIRL
DIMKTDKITHIPNVQAIHGLRLQKVPKTNYVFCNAEFVIPQPNDGTDFSLDNSYTMFTAIDAETMDVAWQVIVDGNLDNT
DADYTGKYAASTCYNSERAVDLAGTMRNDRDWVVVFNVERIAAAVKAGNFKTIGDSKVPVVDGRGESEFTRYIPVPKNPH
GLNTSPDGKYFIANGKLSPTVSVIAIDKLDDLFEDKIELRDTIVAEPELGLGPLHTTFDGRGNAYTTLFIDSQVCKWNIA
DAIKHYNGDRVNYIRQKLDVQYQPGHNHASLTESRDADGKWLVVLSKFSKDRFLPVGPLHPENDQLIDISGEEMKLVHDG
PTYAEPHDCILVRRDQIKTKKIYERNDPYFASCRAQAEKDGVTLESDNKVIRDGNKVRVYMTSVAPQYGMTEFKVKEGDE
VTVYITNLDMVEDVTHGFCMVNHGVSMEISPQQTASVTFTAGKPGVYWYYCNWFCHALHMEMGGRMLVEKA
;
_entity_poly.pdbx_strand_id   A,B,C,D
#
# COMPACT_ATOMS: atom_id res chain seq x y z
N ALA A 60 51.05 8.62 -38.34
CA ALA A 60 49.58 8.62 -38.07
C ALA A 60 49.18 7.54 -37.05
N HIS A 61 49.82 6.36 -37.09
CA HIS A 61 49.39 5.15 -36.37
C HIS A 61 50.42 4.80 -35.29
N VAL A 62 49.97 4.52 -34.06
CA VAL A 62 50.87 4.11 -32.98
C VAL A 62 50.60 2.64 -32.60
N ALA A 63 51.54 1.74 -32.97
CA ALA A 63 51.34 0.31 -32.78
C ALA A 63 51.48 -0.03 -31.28
N PRO A 64 51.04 -1.22 -30.85
CA PRO A 64 51.33 -1.69 -29.48
C PRO A 64 52.82 -1.67 -29.14
N GLY A 65 53.15 -1.05 -28.00
CA GLY A 65 54.53 -0.96 -27.56
C GLY A 65 55.26 0.29 -28.06
N GLU A 66 54.69 1.00 -29.05
CA GLU A 66 55.23 2.28 -29.50
C GLU A 66 54.57 3.38 -28.69
N LEU A 67 55.23 4.56 -28.60
CA LEU A 67 54.67 5.71 -27.91
C LEU A 67 54.28 6.84 -28.89
N ASP A 68 53.35 7.67 -28.42
CA ASP A 68 52.94 8.83 -29.16
C ASP A 68 54.12 9.81 -29.19
N GLU A 69 54.10 10.75 -30.14
CA GLU A 69 55.13 11.75 -30.29
C GLU A 69 54.83 13.09 -29.58
N TYR A 70 53.53 13.35 -29.36
CA TYR A 70 53.12 14.56 -28.63
C TYR A 70 52.15 14.19 -27.53
N TYR A 71 52.16 15.02 -26.49
CA TYR A 71 51.06 15.11 -25.56
C TYR A 71 50.05 16.10 -26.10
N GLY A 72 48.77 15.82 -25.92
CA GLY A 72 47.73 16.81 -26.10
C GLY A 72 47.00 17.04 -24.79
N PHE A 73 46.78 18.29 -24.43
CA PHE A 73 46.00 18.62 -23.24
C PHE A 73 44.71 19.26 -23.69
N TRP A 74 43.63 18.48 -23.57
CA TRP A 74 42.29 18.86 -24.00
C TRP A 74 41.53 19.50 -22.86
N SER A 75 40.86 20.59 -23.15
CA SER A 75 39.84 21.08 -22.25
C SER A 75 38.68 20.09 -22.20
N GLY A 76 38.00 20.01 -21.06
CA GLY A 76 36.76 19.26 -20.92
C GLY A 76 35.48 20.06 -21.07
N GLY A 77 35.58 21.37 -21.22
CA GLY A 77 34.38 22.18 -21.27
C GLY A 77 33.64 22.07 -19.95
N HIS A 78 32.31 21.97 -20.06
CA HIS A 78 31.46 21.94 -18.89
C HIS A 78 31.51 20.61 -18.17
N GLN A 79 32.30 19.63 -18.66
CA GLN A 79 32.59 18.47 -17.87
C GLN A 79 33.62 18.74 -16.77
N GLY A 80 34.45 19.77 -16.93
CA GLY A 80 35.25 20.29 -15.83
C GLY A 80 36.66 19.74 -15.69
N GLU A 81 37.05 18.72 -16.45
CA GLU A 81 38.39 18.09 -16.29
C GLU A 81 39.28 18.51 -17.46
N VAL A 82 40.59 18.24 -17.30
CA VAL A 82 41.51 18.26 -18.43
C VAL A 82 41.85 16.82 -18.86
N ARG A 83 41.87 16.58 -20.18
CA ARG A 83 42.11 15.25 -20.72
C ARG A 83 43.47 15.23 -21.40
N VAL A 84 44.28 14.24 -21.07
CA VAL A 84 45.62 14.12 -21.65
C VAL A 84 45.56 13.05 -22.73
N LEU A 85 45.89 13.43 -23.98
CA LEU A 85 45.86 12.53 -25.13
C LEU A 85 47.29 12.31 -25.60
N GLY A 86 47.49 11.15 -26.21
CA GLY A 86 48.64 10.94 -27.04
C GLY A 86 48.28 11.32 -28.49
N VAL A 87 49.21 12.01 -29.16
CA VAL A 87 49.05 12.43 -30.54
C VAL A 87 50.25 11.82 -31.28
N PRO A 88 50.06 11.17 -32.44
CA PRO A 88 48.85 11.21 -33.26
C PRO A 88 47.85 10.07 -33.10
N SER A 89 48.00 9.22 -32.06
CA SER A 89 47.04 8.15 -31.87
C SER A 89 45.65 8.65 -31.49
N MET A 90 45.62 9.81 -30.81
CA MET A 90 44.40 10.47 -30.35
C MET A 90 43.69 9.67 -29.26
N ARG A 91 44.46 8.91 -28.50
CA ARG A 91 43.92 8.12 -27.41
C ARG A 91 44.09 8.91 -26.10
N GLU A 92 43.08 8.82 -25.24
CA GLU A 92 43.10 9.49 -23.96
C GLU A 92 43.88 8.62 -22.95
N LEU A 93 45.00 9.18 -22.52
CA LEU A 93 45.92 8.58 -21.58
C LEU A 93 45.55 8.80 -20.15
N MET A 94 44.96 9.97 -19.86
CA MET A 94 44.74 10.33 -18.46
C MET A 94 43.68 11.44 -18.38
N ARG A 95 42.95 11.46 -17.27
CA ARG A 95 42.06 12.57 -16.93
C ARG A 95 42.61 13.26 -15.71
N ILE A 96 42.68 14.58 -15.76
CA ILE A 96 43.15 15.37 -14.62
C ILE A 96 41.94 16.13 -14.09
N PRO A 97 41.45 15.75 -12.90
CA PRO A 97 40.26 16.42 -12.37
C PRO A 97 40.65 17.85 -11.98
N VAL A 98 39.73 18.80 -12.25
CA VAL A 98 39.97 20.21 -11.94
C VAL A 98 38.76 20.79 -11.23
N PHE A 99 37.67 21.00 -11.97
CA PHE A 99 36.45 21.59 -11.41
C PHE A 99 35.33 20.59 -11.23
N ASN A 100 35.52 19.39 -11.78
CA ASN A 100 34.64 18.25 -11.56
C ASN A 100 34.97 17.56 -10.24
N VAL A 101 34.05 16.69 -9.81
CA VAL A 101 34.26 15.87 -8.67
C VAL A 101 34.49 14.43 -9.13
N ASP A 102 35.70 13.90 -8.90
CA ASP A 102 36.08 12.59 -9.42
C ASP A 102 35.84 11.50 -8.36
N SER A 103 34.87 10.64 -8.62
CA SER A 103 34.55 9.48 -7.81
C SER A 103 35.77 8.57 -7.59
N ALA A 104 36.69 8.48 -8.57
CA ALA A 104 37.76 7.50 -8.50
C ALA A 104 38.88 8.04 -7.59
N THR A 105 39.57 9.12 -8.02
CA THR A 105 40.67 9.67 -7.26
C THR A 105 40.20 10.36 -5.98
N GLY A 106 38.93 10.75 -5.92
CA GLY A 106 38.43 11.52 -4.80
C GLY A 106 38.69 13.01 -4.95
N TRP A 107 39.06 13.50 -6.14
CA TRP A 107 39.20 14.94 -6.29
C TRP A 107 37.85 15.62 -6.04
N GLY A 108 37.84 16.53 -5.06
CA GLY A 108 36.63 17.19 -4.62
C GLY A 108 36.04 16.55 -3.35
N ILE A 109 36.56 15.38 -2.96
CA ILE A 109 36.18 14.60 -1.77
C ILE A 109 37.34 14.61 -0.74
N THR A 110 38.57 14.35 -1.19
CA THR A 110 39.73 14.35 -0.30
C THR A 110 39.93 15.71 0.36
N ASN A 111 40.55 15.70 1.53
CA ASN A 111 40.86 16.97 2.20
C ASN A 111 41.87 17.81 1.43
N GLU A 112 42.84 17.14 0.76
CA GLU A 112 43.89 17.87 0.06
C GLU A 112 43.26 18.62 -1.11
N SER A 113 42.40 17.95 -1.88
CA SER A 113 41.78 18.61 -3.01
C SER A 113 40.85 19.72 -2.54
N LYS A 114 40.14 19.49 -1.43
CA LYS A 114 39.22 20.51 -0.90
C LYS A 114 40.00 21.75 -0.45
N GLU A 115 41.21 21.57 0.08
CA GLU A 115 42.00 22.72 0.49
C GLU A 115 42.43 23.53 -0.75
N ILE A 116 42.84 22.81 -1.80
CA ILE A 116 43.21 23.45 -3.06
C ILE A 116 42.00 24.21 -3.63
N LEU A 117 40.82 23.58 -3.67
CA LEU A 117 39.64 24.23 -4.21
C LEU A 117 39.24 25.48 -3.42
N GLY A 118 39.40 25.40 -2.11
CA GLY A 118 39.03 26.49 -1.23
C GLY A 118 37.59 26.93 -1.45
N GLY A 119 37.40 28.27 -1.46
CA GLY A 119 36.06 28.82 -1.65
C GLY A 119 35.22 28.80 -0.37
N ASP A 120 34.07 29.48 -0.42
N ASP A 120 34.08 29.48 -0.46
CA ASP A 120 33.16 29.50 0.72
CA ASP A 120 33.16 29.56 0.67
C ASP A 120 31.91 28.67 0.41
C ASP A 120 32.07 28.50 0.51
N GLN A 121 31.94 27.92 -0.69
CA GLN A 121 30.96 26.87 -0.88
C GLN A 121 31.53 25.84 -1.86
N GLN A 122 31.00 24.64 -1.75
CA GLN A 122 31.34 23.54 -2.64
C GLN A 122 30.65 23.79 -3.98
N TYR A 123 31.42 23.62 -5.06
CA TYR A 123 30.89 23.58 -6.41
C TYR A 123 31.12 22.20 -6.99
N LEU A 124 30.06 21.56 -7.53
CA LEU A 124 30.18 20.24 -8.12
C LEU A 124 30.51 20.32 -9.60
N ASN A 125 30.69 21.53 -10.11
CA ASN A 125 30.83 21.76 -11.55
C ASN A 125 31.84 22.85 -11.86
N GLY A 126 32.25 22.87 -13.13
CA GLY A 126 32.98 23.97 -13.71
C GLY A 126 32.86 23.92 -15.24
N ASP A 127 33.53 24.84 -15.92
CA ASP A 127 33.43 24.95 -17.37
C ASP A 127 34.76 25.49 -17.90
N CYS A 128 35.62 24.55 -18.30
CA CYS A 128 37.03 24.83 -18.62
C CYS A 128 37.24 24.77 -20.13
N HIS A 129 37.78 25.86 -20.73
CA HIS A 129 37.84 25.96 -22.19
C HIS A 129 39.26 26.01 -22.76
N HIS A 130 40.19 26.63 -22.02
CA HIS A 130 41.40 27.23 -22.60
C HIS A 130 42.62 26.76 -21.80
N PRO A 131 43.23 25.60 -22.16
CA PRO A 131 44.39 25.07 -21.46
C PRO A 131 45.66 25.60 -22.13
N HIS A 132 46.58 26.13 -21.29
CA HIS A 132 47.83 26.69 -21.81
C HIS A 132 49.00 26.30 -20.91
N ILE A 133 50.15 26.08 -21.53
N ILE A 133 50.14 26.07 -21.55
CA ILE A 133 51.32 25.62 -20.83
CA ILE A 133 51.37 25.59 -20.92
C ILE A 133 52.37 26.72 -20.74
C ILE A 133 52.36 26.74 -20.74
N SER A 134 52.97 26.79 -19.56
CA SER A 134 53.98 27.77 -19.20
C SER A 134 55.17 27.73 -20.18
N MET A 135 55.72 28.93 -20.43
N MET A 135 55.73 28.93 -20.41
CA MET A 135 56.74 29.15 -21.44
CA MET A 135 56.75 29.11 -21.42
C MET A 135 57.95 29.86 -20.84
C MET A 135 57.95 29.85 -20.82
N THR A 136 59.11 29.58 -21.43
CA THR A 136 60.34 30.30 -21.17
C THR A 136 60.84 30.77 -22.53
N ASP A 137 61.00 32.10 -22.69
CA ASP A 137 61.41 32.73 -23.93
C ASP A 137 60.62 32.20 -25.13
N GLY A 138 59.32 32.13 -24.97
CA GLY A 138 58.48 31.78 -26.11
C GLY A 138 58.53 30.32 -26.53
N ARG A 139 59.03 29.41 -25.64
CA ARG A 139 59.04 27.97 -25.89
C ARG A 139 58.40 27.28 -24.71
N TYR A 140 57.63 26.23 -24.96
CA TYR A 140 56.96 25.52 -23.88
C TYR A 140 57.99 24.96 -22.90
N ASP A 141 57.78 25.19 -21.59
CA ASP A 141 58.73 24.71 -20.61
C ASP A 141 58.25 23.53 -19.75
N GLY A 142 56.98 23.13 -19.91
CA GLY A 142 56.48 21.92 -19.30
C GLY A 142 56.25 22.01 -17.80
N LYS A 143 56.30 23.19 -17.18
CA LYS A 143 56.13 23.21 -15.73
C LYS A 143 54.64 23.15 -15.32
N TYR A 144 53.84 24.07 -15.87
CA TYR A 144 52.45 24.24 -15.43
C TYR A 144 51.50 24.31 -16.62
N LEU A 145 50.27 23.85 -16.41
CA LEU A 145 49.14 24.15 -17.27
C LEU A 145 48.18 25.01 -16.47
N PHE A 146 47.56 25.97 -17.16
CA PHE A 146 46.55 26.83 -16.57
C PHE A 146 45.28 26.70 -17.38
N ILE A 147 44.13 26.85 -16.71
CA ILE A 147 42.86 26.80 -17.41
C ILE A 147 41.81 27.62 -16.65
N ASN A 148 40.79 28.10 -17.41
CA ASN A 148 39.70 28.90 -16.88
C ASN A 148 38.54 28.03 -16.36
N ASP A 149 37.72 28.67 -15.55
CA ASP A 149 36.37 28.17 -15.20
C ASP A 149 35.36 29.27 -15.41
N LYS A 150 34.55 29.13 -16.47
CA LYS A 150 33.51 30.08 -16.83
C LYS A 150 32.32 29.99 -15.89
N ALA A 151 32.07 28.82 -15.30
CA ALA A 151 30.87 28.60 -14.52
C ALA A 151 30.91 29.26 -13.17
N ASN A 152 31.98 29.09 -12.40
CA ASN A 152 32.05 29.57 -11.04
C ASN A 152 33.27 30.48 -10.84
N THR A 153 33.73 31.14 -11.93
CA THR A 153 34.65 32.28 -11.87
C THR A 153 35.96 31.96 -11.14
N ARG A 154 36.70 30.99 -11.72
CA ARG A 154 37.96 30.52 -11.16
C ARG A 154 39.00 30.35 -12.26
N VAL A 155 40.27 30.21 -11.84
CA VAL A 155 41.39 29.80 -12.66
C VAL A 155 42.12 28.69 -11.88
N ALA A 156 42.57 27.68 -12.61
CA ALA A 156 43.31 26.57 -12.04
C ALA A 156 44.72 26.50 -12.65
N ARG A 157 45.64 25.99 -11.83
CA ARG A 157 46.97 25.60 -12.24
C ARG A 157 47.19 24.14 -11.96
N ILE A 158 47.73 23.44 -12.95
N ILE A 158 47.73 23.44 -12.96
CA ILE A 158 48.06 22.03 -12.90
CA ILE A 158 48.05 22.02 -12.92
C ILE A 158 49.58 21.88 -12.91
C ILE A 158 49.56 21.87 -12.92
N ARG A 159 50.09 21.04 -12.02
CA ARG A 159 51.50 20.73 -12.00
C ARG A 159 51.74 19.54 -12.94
N LEU A 160 52.59 19.76 -13.95
CA LEU A 160 52.77 18.78 -15.01
C LEU A 160 53.79 17.70 -14.63
N ASP A 161 54.41 17.78 -13.47
CA ASP A 161 55.25 16.69 -12.99
C ASP A 161 54.42 15.50 -12.49
N ILE A 162 53.25 15.76 -11.91
CA ILE A 162 52.38 14.69 -11.40
C ILE A 162 51.02 14.70 -12.08
N MET A 163 50.73 15.67 -12.96
N MET A 163 50.74 15.72 -12.90
CA MET A 163 49.45 15.76 -13.67
CA MET A 163 49.50 15.87 -13.66
C MET A 163 48.29 15.89 -12.68
C MET A 163 48.30 15.91 -12.71
N LYS A 164 48.39 16.85 -11.76
CA LYS A 164 47.35 17.13 -10.76
C LYS A 164 47.17 18.63 -10.69
N THR A 165 45.94 19.08 -10.46
CA THR A 165 45.71 20.44 -10.06
C THR A 165 46.40 20.74 -8.73
N ASP A 166 47.05 21.92 -8.62
CA ASP A 166 47.66 22.32 -7.37
C ASP A 166 47.22 23.67 -6.86
N LYS A 167 46.58 24.50 -7.70
CA LYS A 167 46.10 25.80 -7.24
C LYS A 167 44.80 26.14 -7.94
N ILE A 168 43.86 26.70 -7.18
CA ILE A 168 42.62 27.25 -7.70
C ILE A 168 42.45 28.65 -7.10
N THR A 169 42.24 29.63 -7.97
CA THR A 169 42.09 31.01 -7.56
C THR A 169 40.69 31.51 -7.97
N HIS A 170 39.95 32.12 -7.01
CA HIS A 170 38.69 32.74 -7.30
C HIS A 170 38.98 34.17 -7.77
N ILE A 171 38.46 34.56 -8.93
CA ILE A 171 38.76 35.88 -9.46
C ILE A 171 37.73 36.89 -8.96
N PRO A 172 38.17 37.99 -8.28
CA PRO A 172 37.19 38.89 -7.63
C PRO A 172 36.53 39.92 -8.54
N ASN A 173 35.29 40.21 -8.23
CA ASN A 173 34.57 41.34 -8.77
C ASN A 173 34.28 41.26 -10.27
N VAL A 174 34.27 40.01 -10.80
CA VAL A 174 33.98 39.72 -12.19
C VAL A 174 33.17 38.42 -12.23
N GLN A 175 32.58 38.12 -13.39
CA GLN A 175 31.90 36.87 -13.64
C GLN A 175 32.39 36.26 -14.94
N ALA A 176 32.55 34.93 -14.87
CA ALA A 176 32.66 34.01 -15.98
C ALA A 176 34.03 34.21 -16.66
N ILE A 177 35.05 33.53 -16.10
CA ILE A 177 36.37 33.56 -16.73
C ILE A 177 36.33 32.75 -18.01
N HIS A 178 36.62 33.39 -19.14
CA HIS A 178 36.51 32.74 -20.44
C HIS A 178 37.89 32.68 -21.08
N GLY A 179 38.25 33.69 -21.90
CA GLY A 179 39.58 33.76 -22.47
C GLY A 179 40.66 33.63 -21.39
N LEU A 180 41.66 32.83 -21.70
CA LEU A 180 42.84 32.72 -20.87
C LEU A 180 44.00 32.35 -21.78
N ARG A 181 45.12 33.09 -21.65
CA ARG A 181 46.37 32.70 -22.28
C ARG A 181 47.53 33.27 -21.44
N LEU A 182 48.75 32.84 -21.75
CA LEU A 182 49.90 33.12 -20.91
C LEU A 182 50.86 34.11 -21.57
N GLN A 183 51.52 34.87 -20.69
CA GLN A 183 52.72 35.58 -21.10
C GLN A 183 53.71 34.59 -21.71
N LYS A 184 54.36 35.00 -22.81
CA LYS A 184 55.33 34.14 -23.50
C LYS A 184 56.78 34.50 -23.22
N VAL A 185 57.04 35.78 -23.01
CA VAL A 185 58.38 36.33 -22.98
C VAL A 185 58.39 37.41 -21.89
N PRO A 186 59.45 37.50 -21.06
CA PRO A 186 60.60 36.59 -21.08
C PRO A 186 60.32 35.16 -20.64
N LYS A 187 59.22 34.99 -19.89
CA LYS A 187 58.69 33.71 -19.49
C LYS A 187 57.28 33.99 -18.97
N THR A 188 56.58 32.91 -18.59
CA THR A 188 55.26 33.09 -18.02
C THR A 188 55.37 33.57 -16.58
N ASN A 189 55.32 34.90 -16.42
CA ASN A 189 55.18 35.51 -15.11
C ASN A 189 53.70 35.78 -14.85
N TYR A 190 52.96 36.14 -15.90
CA TYR A 190 51.53 36.39 -15.78
C TYR A 190 50.68 35.37 -16.55
N VAL A 191 49.55 35.03 -15.93
CA VAL A 191 48.40 34.42 -16.56
C VAL A 191 47.36 35.49 -16.86
N PHE A 192 46.93 35.65 -18.09
CA PHE A 192 45.98 36.68 -18.47
C PHE A 192 44.60 36.05 -18.66
N CYS A 193 43.56 36.68 -18.06
N CYS A 193 43.56 36.65 -18.06
CA CYS A 193 42.24 36.10 -17.87
CA CYS A 193 42.26 36.06 -18.28
C CYS A 193 41.18 37.15 -18.28
C CYS A 193 41.16 37.09 -18.26
N ASN A 194 40.22 36.77 -19.14
CA ASN A 194 39.10 37.62 -19.49
C ASN A 194 37.89 37.20 -18.68
N ALA A 195 37.09 38.16 -18.22
CA ALA A 195 35.78 37.86 -17.66
C ALA A 195 34.72 38.34 -18.64
N GLU A 196 33.80 37.43 -19.02
CA GLU A 196 32.94 37.67 -20.16
C GLU A 196 31.76 38.60 -19.91
N PHE A 197 31.20 38.55 -18.70
CA PHE A 197 29.88 39.12 -18.45
C PHE A 197 29.96 40.36 -17.55
N VAL A 198 29.45 41.48 -18.08
CA VAL A 198 29.49 42.74 -17.35
C VAL A 198 28.58 42.67 -16.11
N ILE A 199 29.09 43.16 -14.99
CA ILE A 199 28.34 43.18 -13.74
C ILE A 199 28.52 44.55 -13.09
N PRO A 200 27.56 44.96 -12.21
CA PRO A 200 27.79 46.14 -11.40
C PRO A 200 29.07 46.07 -10.59
N GLN A 201 29.67 47.25 -10.35
CA GLN A 201 30.86 47.35 -9.53
C GLN A 201 30.61 48.28 -8.34
N PRO A 202 30.55 47.78 -7.09
CA PRO A 202 30.56 46.36 -6.77
C PRO A 202 29.19 45.71 -7.02
N ASN A 203 29.20 44.38 -7.03
CA ASN A 203 28.01 43.63 -7.38
C ASN A 203 27.23 43.27 -6.14
N ASP A 204 26.49 44.26 -5.63
CA ASP A 204 25.89 44.17 -4.30
C ASP A 204 24.37 44.33 -4.29
N GLY A 205 23.72 44.32 -5.46
CA GLY A 205 22.25 44.36 -5.54
C GLY A 205 21.64 45.77 -5.47
N THR A 206 22.47 46.82 -5.31
CA THR A 206 21.94 48.18 -5.17
C THR A 206 21.59 48.81 -6.52
N ASP A 207 22.24 48.35 -7.62
CA ASP A 207 22.02 48.89 -8.95
C ASP A 207 22.26 47.75 -9.94
N PHE A 208 21.18 47.25 -10.52
CA PHE A 208 21.24 46.12 -11.44
C PHE A 208 21.46 46.59 -12.89
N SER A 209 21.57 47.90 -13.14
CA SER A 209 21.54 48.38 -14.52
C SER A 209 22.77 47.92 -15.31
N LEU A 210 22.49 47.60 -16.56
CA LEU A 210 23.54 47.29 -17.52
C LEU A 210 24.39 48.54 -17.78
N ASP A 211 23.76 49.73 -17.73
CA ASP A 211 24.47 50.97 -18.01
C ASP A 211 25.66 51.17 -17.07
N ASN A 212 25.58 50.62 -15.83
CA ASN A 212 26.66 50.76 -14.87
C ASN A 212 27.35 49.42 -14.57
N SER A 213 27.20 48.48 -15.52
CA SER A 213 27.88 47.19 -15.43
C SER A 213 29.15 47.19 -16.29
N TYR A 214 30.19 46.56 -15.75
CA TYR A 214 31.46 46.47 -16.45
C TYR A 214 32.11 45.11 -16.17
N THR A 215 33.15 44.82 -16.96
CA THR A 215 34.01 43.67 -16.71
C THR A 215 35.45 44.15 -16.66
N MET A 216 36.34 43.23 -16.26
CA MET A 216 37.77 43.51 -16.11
C MET A 216 38.60 42.38 -16.70
N PHE A 217 39.77 42.79 -17.20
CA PHE A 217 40.85 41.92 -17.58
C PHE A 217 41.73 41.72 -16.36
N THR A 218 42.10 40.49 -16.11
CA THR A 218 42.83 40.11 -14.91
C THR A 218 44.19 39.51 -15.24
N ALA A 219 45.22 39.93 -14.49
CA ALA A 219 46.52 39.29 -14.55
C ALA A 219 46.76 38.58 -13.23
N ILE A 220 47.15 37.32 -13.30
CA ILE A 220 47.48 36.52 -12.14
C ILE A 220 48.99 36.22 -12.17
N ASP A 221 49.61 36.27 -10.99
CA ASP A 221 51.01 35.84 -10.85
C ASP A 221 51.07 34.31 -11.01
N ALA A 222 51.79 33.84 -12.02
CA ALA A 222 51.76 32.44 -12.39
C ALA A 222 52.34 31.54 -11.31
N GLU A 223 53.34 32.05 -10.56
N GLU A 223 53.31 32.08 -10.56
CA GLU A 223 54.05 31.22 -9.59
CA GLU A 223 54.07 31.29 -9.60
C GLU A 223 53.31 31.15 -8.25
C GLU A 223 53.34 31.18 -8.26
N THR A 224 52.69 32.26 -7.82
CA THR A 224 51.94 32.26 -6.57
C THR A 224 50.49 31.88 -6.77
N MET A 225 49.98 32.16 -7.97
CA MET A 225 48.57 32.09 -8.29
C MET A 225 47.71 33.10 -7.51
N ASP A 226 48.34 34.15 -6.98
CA ASP A 226 47.60 35.28 -6.44
C ASP A 226 47.38 36.30 -7.55
N VAL A 227 46.19 36.91 -7.58
CA VAL A 227 45.86 37.90 -8.59
C VAL A 227 46.77 39.12 -8.40
N ALA A 228 47.32 39.62 -9.53
CA ALA A 228 48.29 40.72 -9.49
C ALA A 228 47.59 42.07 -9.68
N TRP A 229 46.71 42.18 -10.66
CA TRP A 229 46.00 43.41 -10.95
C TRP A 229 44.88 43.12 -11.93
N GLN A 230 43.99 44.10 -12.07
CA GLN A 230 42.83 44.06 -12.92
C GLN A 230 42.69 45.39 -13.64
N VAL A 231 42.18 45.33 -14.87
CA VAL A 231 41.94 46.49 -15.70
C VAL A 231 40.46 46.57 -16.08
N ILE A 232 39.76 47.66 -15.70
CA ILE A 232 38.39 47.87 -16.12
C ILE A 232 38.36 48.29 -17.60
N VAL A 233 37.47 47.70 -18.35
CA VAL A 233 37.35 47.96 -19.76
C VAL A 233 35.93 48.41 -20.08
N ASP A 234 35.77 48.98 -21.27
CA ASP A 234 34.45 49.13 -21.83
C ASP A 234 34.07 47.80 -22.49
N GLY A 235 32.81 47.66 -22.88
CA GLY A 235 32.37 46.45 -23.57
C GLY A 235 32.61 45.19 -22.74
N ASN A 236 32.96 44.10 -23.40
CA ASN A 236 33.22 42.87 -22.66
C ASN A 236 34.51 42.27 -23.19
N LEU A 237 34.74 41.03 -22.76
CA LEU A 237 36.00 40.33 -23.08
C LEU A 237 35.69 38.90 -23.45
N ASP A 238 36.23 38.42 -24.57
CA ASP A 238 35.92 37.07 -25.04
C ASP A 238 37.20 36.24 -24.96
N ASN A 239 38.10 36.32 -25.96
CA ASN A 239 39.34 35.56 -25.98
C ASN A 239 40.53 36.50 -25.92
N THR A 240 41.70 35.93 -25.55
CA THR A 240 42.90 36.73 -25.29
C THR A 240 44.15 36.04 -25.77
N ASP A 241 45.21 36.82 -26.10
CA ASP A 241 46.53 36.27 -26.38
C ASP A 241 47.55 37.34 -26.04
N ALA A 242 48.81 36.93 -26.06
CA ALA A 242 49.93 37.76 -25.65
C ALA A 242 50.97 37.79 -26.77
N ASP A 243 51.82 38.80 -26.72
CA ASP A 243 52.89 38.94 -27.73
C ASP A 243 54.12 38.12 -27.34
N TYR A 244 55.24 38.35 -28.07
CA TYR A 244 56.50 37.70 -27.80
C TYR A 244 57.54 38.70 -27.27
N THR A 245 57.07 39.70 -26.52
CA THR A 245 57.97 40.61 -25.81
C THR A 245 57.66 40.73 -24.32
N GLY A 246 56.38 40.49 -23.94
CA GLY A 246 55.95 40.74 -22.57
C GLY A 246 55.19 42.05 -22.41
N LYS A 247 55.30 42.93 -23.39
CA LYS A 247 54.72 44.25 -23.26
C LYS A 247 53.21 44.27 -23.49
N TYR A 248 52.70 43.44 -24.40
CA TYR A 248 51.33 43.57 -24.89
C TYR A 248 50.56 42.26 -24.72
N ALA A 249 49.28 42.43 -24.37
CA ALA A 249 48.27 41.40 -24.49
C ALA A 249 47.06 42.03 -25.16
N ALA A 250 46.17 41.18 -25.69
CA ALA A 250 45.02 41.69 -26.44
C ALA A 250 43.84 40.76 -26.29
N SER A 251 42.62 41.34 -26.33
CA SER A 251 41.38 40.60 -26.15
C SER A 251 40.35 41.05 -27.18
N THR A 252 39.53 40.11 -27.63
CA THR A 252 38.32 40.47 -28.36
C THR A 252 37.19 40.89 -27.42
N CYS A 253 36.28 41.70 -27.97
CA CYS A 253 35.03 42.11 -27.34
C CYS A 253 33.92 41.82 -28.34
N TYR A 254 32.82 41.18 -27.92
CA TYR A 254 31.64 41.06 -28.75
C TYR A 254 30.48 41.94 -28.30
N ASN A 255 30.52 42.45 -27.09
CA ASN A 255 29.41 43.17 -26.48
C ASN A 255 29.87 44.59 -26.14
N SER A 256 30.30 45.35 -27.16
CA SER A 256 30.56 46.76 -26.98
C SER A 256 29.29 47.49 -26.52
N GLU A 257 28.14 46.88 -26.80
CA GLU A 257 26.80 47.39 -26.51
C GLU A 257 26.44 47.23 -25.03
N ARG A 258 27.14 46.35 -24.31
CA ARG A 258 26.79 45.97 -22.93
C ARG A 258 25.29 45.67 -22.85
N ALA A 259 24.84 44.81 -23.79
CA ALA A 259 23.46 44.33 -23.87
C ALA A 259 23.30 42.89 -23.37
N VAL A 260 22.06 42.56 -22.99
CA VAL A 260 21.65 41.19 -22.72
C VAL A 260 20.91 40.64 -23.93
N ASP A 261 19.98 41.40 -24.51
CA ASP A 261 19.17 40.87 -25.59
C ASP A 261 20.05 40.65 -26.82
N LEU A 262 19.67 39.65 -27.61
CA LEU A 262 20.46 39.21 -28.73
C LEU A 262 20.67 40.35 -29.74
N ALA A 263 19.59 41.04 -30.11
CA ALA A 263 19.72 42.07 -31.11
C ALA A 263 20.64 43.18 -30.61
N GLY A 264 20.54 43.55 -29.32
CA GLY A 264 21.44 44.50 -28.66
C GLY A 264 22.92 44.10 -28.79
N THR A 265 23.24 42.81 -28.63
CA THR A 265 24.64 42.41 -28.66
C THR A 265 25.22 42.50 -30.06
N MET A 266 24.37 42.63 -31.11
CA MET A 266 24.82 42.62 -32.49
C MET A 266 24.57 43.99 -33.15
N ARG A 267 24.17 44.99 -32.36
CA ARG A 267 23.71 46.28 -32.91
C ARG A 267 24.85 47.00 -33.65
N ASN A 268 26.06 47.06 -33.07
CA ASN A 268 27.16 47.82 -33.66
C ASN A 268 27.73 47.04 -34.84
N ASP A 269 28.09 47.73 -35.92
CA ASP A 269 28.76 47.14 -37.05
C ASP A 269 30.14 46.58 -36.67
N ARG A 270 30.82 47.26 -35.74
N ARG A 270 30.83 47.26 -35.74
CA ARG A 270 32.10 46.80 -35.25
CA ARG A 270 32.11 46.79 -35.27
C ARG A 270 32.08 46.76 -33.72
C ARG A 270 32.12 46.78 -33.74
N ASP A 271 32.78 45.78 -33.14
CA ASP A 271 33.18 45.86 -31.75
C ASP A 271 34.65 46.22 -31.77
N TRP A 272 35.51 45.51 -31.03
CA TRP A 272 36.92 45.84 -31.05
C TRP A 272 37.78 44.68 -30.58
N VAL A 273 39.09 44.85 -30.81
CA VAL A 273 40.14 44.25 -30.01
C VAL A 273 40.65 45.32 -29.07
N VAL A 274 40.71 44.99 -27.79
CA VAL A 274 41.31 45.88 -26.81
C VAL A 274 42.73 45.39 -26.56
N VAL A 275 43.70 46.28 -26.77
CA VAL A 275 45.09 45.95 -26.54
C VAL A 275 45.47 46.54 -25.20
N PHE A 276 46.14 45.74 -24.36
CA PHE A 276 46.59 46.15 -23.05
C PHE A 276 48.09 46.39 -23.08
N ASN A 277 48.52 47.56 -22.60
CA ASN A 277 49.93 47.88 -22.44
C ASN A 277 50.32 47.41 -21.04
N VAL A 278 50.82 46.17 -20.98
CA VAL A 278 51.10 45.52 -19.73
C VAL A 278 52.22 46.25 -19.00
N GLU A 279 53.18 46.81 -19.76
CA GLU A 279 54.28 47.53 -19.13
C GLU A 279 53.76 48.75 -18.38
N ARG A 280 52.87 49.53 -19.00
CA ARG A 280 52.31 50.70 -18.36
C ARG A 280 51.45 50.33 -17.16
N ILE A 281 50.65 49.26 -17.32
CA ILE A 281 49.76 48.84 -16.25
C ILE A 281 50.59 48.44 -15.04
N ALA A 282 51.57 47.55 -15.21
CA ALA A 282 52.44 47.13 -14.12
C ALA A 282 53.12 48.34 -13.47
N ALA A 283 53.50 49.36 -14.24
CA ALA A 283 54.15 50.54 -13.65
C ALA A 283 53.18 51.33 -12.79
N ALA A 284 51.92 51.48 -13.25
CA ALA A 284 50.92 52.25 -12.53
C ALA A 284 50.64 51.59 -11.19
N VAL A 285 50.55 50.24 -11.20
CA VAL A 285 50.31 49.43 -10.01
C VAL A 285 51.49 49.58 -9.04
N LYS A 286 52.73 49.45 -9.55
CA LYS A 286 53.91 49.58 -8.71
C LYS A 286 53.98 50.98 -8.07
N ALA A 287 53.52 52.03 -8.78
CA ALA A 287 53.55 53.41 -8.31
C ALA A 287 52.44 53.69 -7.30
N GLY A 288 51.50 52.75 -7.11
CA GLY A 288 50.38 52.96 -6.21
C GLY A 288 49.23 53.73 -6.86
N ASN A 289 49.22 53.85 -8.21
CA ASN A 289 48.17 54.55 -8.92
C ASN A 289 47.06 53.56 -9.36
N PHE A 290 46.26 53.16 -8.38
CA PHE A 290 45.18 52.21 -8.55
C PHE A 290 44.14 52.40 -7.45
N LYS A 291 42.99 51.74 -7.65
CA LYS A 291 41.91 51.71 -6.67
C LYS A 291 41.58 50.24 -6.40
N THR A 292 40.61 50.05 -5.52
CA THR A 292 40.10 48.73 -5.22
C THR A 292 38.58 48.73 -5.29
N ILE A 293 38.03 47.55 -5.52
CA ILE A 293 36.59 47.35 -5.66
C ILE A 293 36.16 46.40 -4.55
N GLY A 294 35.03 46.75 -3.89
CA GLY A 294 34.39 45.91 -2.90
C GLY A 294 35.33 45.54 -1.76
N ASP A 295 35.36 44.24 -1.44
CA ASP A 295 36.16 43.69 -0.36
C ASP A 295 37.51 43.14 -0.83
N SER A 296 37.87 43.34 -2.12
CA SER A 296 39.14 42.85 -2.62
C SER A 296 40.24 43.90 -2.51
N LYS A 297 41.44 43.45 -2.14
CA LYS A 297 42.62 44.32 -2.13
C LYS A 297 43.40 44.30 -3.45
N VAL A 298 42.87 43.59 -4.45
CA VAL A 298 43.56 43.57 -5.73
C VAL A 298 43.57 44.98 -6.36
N PRO A 299 44.75 45.42 -6.86
CA PRO A 299 44.82 46.69 -7.59
C PRO A 299 44.00 46.73 -8.88
N VAL A 300 43.20 47.77 -9.05
CA VAL A 300 42.36 47.99 -10.22
C VAL A 300 42.76 49.30 -10.88
N VAL A 301 43.10 49.21 -12.17
CA VAL A 301 43.32 50.41 -12.96
C VAL A 301 42.19 50.54 -13.97
N ASP A 302 41.96 51.75 -14.45
CA ASP A 302 40.82 52.00 -15.31
C ASP A 302 41.29 52.16 -16.74
N GLY A 303 40.98 51.16 -17.59
CA GLY A 303 41.28 51.22 -19.00
C GLY A 303 40.09 51.56 -19.89
N ARG A 304 39.02 52.16 -19.33
CA ARG A 304 37.89 52.62 -20.11
C ARG A 304 38.23 53.88 -20.87
N GLY A 305 37.53 54.07 -22.00
CA GLY A 305 37.60 55.33 -22.72
C GLY A 305 39.02 55.56 -23.24
N GLU A 306 39.44 56.83 -23.17
CA GLU A 306 40.79 57.21 -23.53
C GLU A 306 41.66 57.02 -22.29
N SER A 307 42.55 56.06 -22.38
CA SER A 307 43.36 55.59 -21.28
C SER A 307 44.77 55.34 -21.79
N GLU A 308 45.78 55.53 -20.91
CA GLU A 308 47.15 55.15 -21.23
C GLU A 308 47.31 53.63 -21.34
N PHE A 309 46.39 52.86 -20.74
CA PHE A 309 46.62 51.42 -20.56
C PHE A 309 46.07 50.60 -21.73
N THR A 310 45.17 51.16 -22.52
CA THR A 310 44.40 50.40 -23.50
C THR A 310 44.31 51.14 -24.82
N ARG A 311 44.12 50.37 -25.88
CA ARG A 311 43.69 50.87 -27.17
C ARG A 311 42.59 49.98 -27.73
N TYR A 312 41.52 50.60 -28.26
CA TYR A 312 40.33 49.89 -28.72
C TYR A 312 40.28 49.96 -30.25
N ILE A 313 40.80 48.93 -30.91
CA ILE A 313 40.92 48.87 -32.37
C ILE A 313 39.62 48.29 -32.90
N PRO A 314 38.81 49.03 -33.66
CA PRO A 314 37.53 48.49 -34.14
C PRO A 314 37.71 47.30 -35.07
N VAL A 315 36.91 46.25 -34.83
CA VAL A 315 36.98 44.99 -35.56
C VAL A 315 35.56 44.50 -35.72
N PRO A 316 35.12 44.12 -36.94
CA PRO A 316 33.82 43.50 -37.16
C PRO A 316 33.91 41.98 -36.90
N LYS A 317 32.83 41.33 -36.41
CA LYS A 317 31.61 41.85 -35.82
C LYS A 317 31.21 40.80 -34.78
N ASN A 318 31.15 41.18 -33.50
CA ASN A 318 31.10 40.20 -32.42
C ASN A 318 32.30 39.25 -32.56
N PRO A 319 33.52 39.79 -32.72
CA PRO A 319 34.69 38.90 -32.96
C PRO A 319 34.95 38.00 -31.78
N HIS A 320 35.62 36.88 -32.06
CA HIS A 320 35.70 35.77 -31.12
C HIS A 320 37.14 35.39 -30.83
N GLY A 321 37.78 34.48 -31.59
CA GLY A 321 39.15 34.11 -31.27
C GLY A 321 40.13 35.25 -31.45
N LEU A 322 41.22 35.21 -30.67
CA LEU A 322 42.31 36.17 -30.74
C LEU A 322 43.58 35.35 -30.63
N ASN A 323 44.35 35.29 -31.75
CA ASN A 323 45.47 34.36 -31.88
C ASN A 323 46.77 35.07 -32.30
N THR A 324 47.84 34.83 -31.57
CA THR A 324 49.15 35.41 -31.90
C THR A 324 49.94 34.50 -32.84
N SER A 325 50.45 35.06 -33.93
CA SER A 325 51.25 34.29 -34.87
C SER A 325 52.61 33.96 -34.25
N PRO A 326 53.22 32.78 -34.58
CA PRO A 326 54.43 32.32 -33.88
C PRO A 326 55.72 33.07 -34.24
N ASP A 327 55.63 33.92 -35.25
CA ASP A 327 56.75 34.83 -35.53
C ASP A 327 56.65 36.11 -34.69
N GLY A 328 55.60 36.22 -33.84
CA GLY A 328 55.39 37.39 -33.01
C GLY A 328 54.89 38.63 -33.75
N LYS A 329 54.55 38.53 -35.04
CA LYS A 329 54.16 39.70 -35.81
C LYS A 329 52.71 40.15 -35.66
N TYR A 330 51.77 39.20 -35.42
CA TYR A 330 50.37 39.53 -35.59
C TYR A 330 49.52 39.02 -34.42
N PHE A 331 48.52 39.82 -34.07
CA PHE A 331 47.34 39.34 -33.35
C PHE A 331 46.23 39.22 -34.39
N ILE A 332 45.59 38.03 -34.50
CA ILE A 332 44.52 37.85 -35.46
C ILE A 332 43.21 37.66 -34.71
N ALA A 333 42.28 38.60 -34.94
CA ALA A 333 40.92 38.54 -34.42
C ALA A 333 40.03 37.86 -35.44
N ASN A 334 39.15 36.99 -34.95
CA ASN A 334 38.31 36.18 -35.81
C ASN A 334 36.92 36.84 -35.86
N GLY A 335 36.42 37.07 -37.06
CA GLY A 335 35.33 38.02 -37.28
C GLY A 335 33.95 37.52 -36.88
N LYS A 336 33.73 36.19 -36.79
CA LYS A 336 32.46 35.55 -36.43
C LYS A 336 31.28 36.02 -37.27
N LEU A 337 30.59 37.11 -36.91
CA LEU A 337 29.43 37.54 -37.69
C LEU A 337 29.86 38.26 -38.95
N SER A 338 31.12 38.71 -38.98
CA SER A 338 31.74 39.19 -40.20
C SER A 338 32.56 38.07 -40.79
N PRO A 339 32.49 37.83 -42.12
CA PRO A 339 33.18 36.68 -42.72
C PRO A 339 34.68 36.85 -42.97
N THR A 340 35.30 37.51 -42.00
CA THR A 340 36.64 38.03 -42.09
C THR A 340 37.43 37.57 -40.86
N VAL A 341 38.75 37.74 -40.96
CA VAL A 341 39.58 37.96 -39.79
C VAL A 341 40.25 39.32 -39.90
N SER A 342 40.75 39.85 -38.78
CA SER A 342 41.42 41.15 -38.75
C SER A 342 42.83 40.92 -38.23
N VAL A 343 43.83 41.34 -39.00
CA VAL A 343 45.23 41.09 -38.69
C VAL A 343 45.82 42.39 -38.19
N ILE A 344 46.22 42.40 -36.93
CA ILE A 344 46.80 43.56 -36.25
C ILE A 344 48.32 43.37 -36.16
N ALA A 345 49.08 44.34 -36.68
CA ALA A 345 50.54 44.30 -36.62
C ALA A 345 51.06 44.74 -35.25
N ILE A 346 51.66 43.80 -34.51
CA ILE A 346 52.16 44.05 -33.18
C ILE A 346 53.28 45.10 -33.23
N ASP A 347 54.04 45.14 -34.32
CA ASP A 347 55.16 46.08 -34.34
C ASP A 347 54.66 47.53 -34.55
N LYS A 348 53.38 47.77 -34.79
CA LYS A 348 52.79 49.10 -34.85
C LYS A 348 52.20 49.57 -33.52
N LEU A 349 52.17 48.71 -32.51
CA LEU A 349 51.50 49.05 -31.28
C LEU A 349 52.22 50.15 -30.48
N ASP A 350 53.56 50.15 -30.45
CA ASP A 350 54.28 51.22 -29.77
C ASP A 350 53.88 52.59 -30.33
N ASP A 351 53.80 52.70 -31.66
CA ASP A 351 53.38 53.93 -32.33
C ASP A 351 51.94 54.29 -31.97
N LEU A 352 51.05 53.29 -31.90
CA LEU A 352 49.68 53.55 -31.53
C LEU A 352 49.54 54.10 -30.10
N PHE A 353 50.34 53.57 -29.15
CA PHE A 353 50.31 54.02 -27.77
C PHE A 353 51.00 55.38 -27.61
N GLU A 354 51.69 55.87 -28.67
CA GLU A 354 52.16 57.26 -28.70
C GLU A 354 51.28 58.16 -29.59
N ASP A 355 50.14 57.66 -30.08
CA ASP A 355 49.20 58.37 -30.92
C ASP A 355 49.83 58.85 -32.23
N LYS A 356 50.79 58.10 -32.75
CA LYS A 356 51.47 58.51 -33.97
C LYS A 356 50.77 58.00 -35.23
N ILE A 357 49.89 56.99 -35.05
CA ILE A 357 49.08 56.37 -36.10
C ILE A 357 47.66 56.23 -35.56
N GLU A 358 46.73 55.99 -36.49
CA GLU A 358 45.33 55.81 -36.14
C GLU A 358 45.12 54.35 -35.68
N LEU A 359 44.08 54.12 -34.90
CA LEU A 359 43.72 52.76 -34.48
C LEU A 359 43.66 51.76 -35.64
N ARG A 360 42.93 52.10 -36.70
CA ARG A 360 42.81 51.17 -37.81
C ARG A 360 44.10 51.04 -38.62
N ASP A 361 45.08 51.95 -38.43
CA ASP A 361 46.35 51.79 -39.13
C ASP A 361 47.12 50.53 -38.68
N THR A 362 46.77 49.98 -37.51
CA THR A 362 47.36 48.72 -37.07
C THR A 362 46.82 47.51 -37.85
N ILE A 363 45.68 47.67 -38.54
CA ILE A 363 45.12 46.58 -39.35
C ILE A 363 45.92 46.52 -40.65
N VAL A 364 46.63 45.40 -40.89
CA VAL A 364 47.39 45.23 -42.12
C VAL A 364 46.71 44.24 -43.07
N ALA A 365 45.68 43.50 -42.61
CA ALA A 365 44.85 42.68 -43.50
C ALA A 365 43.51 42.47 -42.83
N GLU A 366 42.47 42.29 -43.64
CA GLU A 366 41.15 41.95 -43.13
C GLU A 366 40.46 41.11 -44.17
N PRO A 367 41.00 39.90 -44.44
CA PRO A 367 40.53 39.10 -45.59
C PRO A 367 39.19 38.44 -45.35
N GLU A 368 38.37 38.42 -46.39
CA GLU A 368 37.16 37.63 -46.38
C GLU A 368 37.55 36.18 -46.59
N LEU A 369 37.17 35.32 -45.63
CA LEU A 369 37.45 33.89 -45.68
C LEU A 369 36.23 33.01 -45.92
N GLY A 370 35.10 33.35 -45.31
CA GLY A 370 33.93 32.46 -45.36
C GLY A 370 33.07 32.68 -44.11
N LEU A 371 32.02 31.89 -43.98
CA LEU A 371 31.00 32.19 -43.00
C LEU A 371 31.33 31.59 -41.63
N GLY A 372 31.37 32.52 -40.65
CA GLY A 372 31.57 32.20 -39.24
C GLY A 372 32.99 31.92 -38.79
N PRO A 373 33.99 32.80 -39.09
CA PRO A 373 35.36 32.55 -38.63
C PRO A 373 35.46 32.66 -37.11
N LEU A 374 35.93 31.60 -36.46
CA LEU A 374 35.97 31.56 -34.99
C LEU A 374 37.40 31.60 -34.40
N HIS A 375 38.33 30.77 -34.89
CA HIS A 375 39.64 30.61 -34.27
C HIS A 375 40.66 30.38 -35.40
N THR A 376 41.85 30.92 -35.19
CA THR A 376 42.96 30.82 -36.15
C THR A 376 44.18 30.18 -35.49
N THR A 377 44.92 29.40 -36.25
CA THR A 377 46.16 28.78 -35.78
C THR A 377 47.17 28.79 -36.93
N PHE A 378 48.40 28.40 -36.64
CA PHE A 378 49.51 28.73 -37.55
C PHE A 378 50.45 27.54 -37.74
N ASP A 379 50.98 27.39 -38.96
CA ASP A 379 51.95 26.36 -39.28
C ASP A 379 53.41 26.76 -39.10
N GLY A 380 53.71 28.01 -38.83
CA GLY A 380 55.08 28.48 -38.75
C GLY A 380 55.75 28.61 -40.12
N ARG A 381 54.98 28.48 -41.20
CA ARG A 381 55.50 28.62 -42.57
C ARG A 381 54.92 29.89 -43.21
N GLY A 382 54.08 30.64 -42.49
CA GLY A 382 53.46 31.84 -43.02
C GLY A 382 51.99 31.67 -43.41
N ASN A 383 51.47 30.46 -43.16
CA ASN A 383 50.05 30.23 -43.38
C ASN A 383 49.30 30.22 -42.05
N ALA A 384 48.03 30.56 -42.16
CA ALA A 384 47.09 30.49 -41.05
C ALA A 384 45.95 29.54 -41.45
N TYR A 385 45.30 28.97 -40.43
CA TYR A 385 44.22 28.01 -40.55
C TYR A 385 43.08 28.50 -39.68
N THR A 386 41.94 28.79 -40.32
CA THR A 386 40.83 29.44 -39.63
C THR A 386 39.58 28.57 -39.74
N THR A 387 38.94 28.30 -38.60
CA THR A 387 37.69 27.58 -38.59
C THR A 387 36.54 28.47 -39.04
N LEU A 388 35.70 27.90 -39.90
CA LEU A 388 34.51 28.55 -40.41
C LEU A 388 33.31 27.76 -39.89
N PHE A 389 32.66 28.28 -38.83
CA PHE A 389 31.65 27.50 -38.13
C PHE A 389 30.42 27.28 -39.01
N ILE A 390 29.99 28.33 -39.70
CA ILE A 390 28.78 28.22 -40.50
C ILE A 390 29.01 27.39 -41.76
N ASP A 391 30.12 27.62 -42.50
CA ASP A 391 30.44 26.82 -43.66
C ASP A 391 30.92 25.41 -43.34
N SER A 392 31.25 25.14 -42.06
CA SER A 392 31.76 23.87 -41.57
C SER A 392 33.03 23.44 -42.32
N GLN A 393 34.02 24.34 -42.30
CA GLN A 393 35.29 24.11 -43.01
C GLN A 393 36.43 24.63 -42.14
N VAL A 394 37.65 24.17 -42.46
CA VAL A 394 38.84 24.88 -42.04
C VAL A 394 39.52 25.44 -43.30
N CYS A 395 39.88 26.71 -43.19
CA CYS A 395 40.38 27.49 -44.33
C CYS A 395 41.87 27.77 -44.08
N LYS A 396 42.73 27.29 -44.98
CA LYS A 396 44.16 27.59 -45.00
C LYS A 396 44.35 28.81 -45.91
N TRP A 397 45.01 29.84 -45.36
CA TRP A 397 45.24 31.07 -46.10
C TRP A 397 46.64 31.58 -45.81
N ASN A 398 47.19 32.37 -46.76
CA ASN A 398 48.53 32.91 -46.63
C ASN A 398 48.48 34.35 -46.14
N ILE A 399 49.18 34.64 -45.04
CA ILE A 399 49.10 35.91 -44.35
C ILE A 399 49.68 37.03 -45.24
N ALA A 400 50.85 36.78 -45.83
CA ALA A 400 51.50 37.81 -46.64
C ALA A 400 50.62 38.21 -47.83
N ASP A 401 49.99 37.22 -48.48
CA ASP A 401 49.10 37.49 -49.60
C ASP A 401 47.86 38.24 -49.15
N ALA A 402 47.35 37.98 -47.93
CA ALA A 402 46.20 38.70 -47.42
C ALA A 402 46.54 40.19 -47.20
N ILE A 403 47.77 40.48 -46.74
CA ILE A 403 48.27 41.84 -46.59
C ILE A 403 48.34 42.54 -47.96
N LYS A 404 48.91 41.85 -48.95
CA LYS A 404 48.94 42.43 -50.31
C LYS A 404 47.55 42.72 -50.85
N HIS A 405 46.57 41.81 -50.61
CA HIS A 405 45.21 42.02 -51.08
C HIS A 405 44.57 43.24 -50.43
N TYR A 406 44.81 43.37 -49.12
CA TYR A 406 44.35 44.54 -48.38
C TYR A 406 44.87 45.85 -48.97
N ASN A 407 46.11 45.79 -49.48
CA ASN A 407 46.80 46.93 -50.08
C ASN A 407 46.26 47.20 -51.48
N GLY A 408 45.40 46.34 -52.04
CA GLY A 408 44.84 46.56 -53.37
C GLY A 408 45.43 45.69 -54.47
N ASP A 409 46.35 44.77 -54.15
CA ASP A 409 47.00 43.93 -55.14
C ASP A 409 46.04 42.83 -55.60
N ARG A 410 46.16 42.42 -56.88
CA ARG A 410 45.25 41.42 -57.44
C ARG A 410 45.82 40.02 -57.21
N VAL A 411 45.68 39.54 -55.97
CA VAL A 411 46.37 38.37 -55.48
C VAL A 411 45.30 37.46 -54.89
N ASN A 412 45.70 36.22 -54.56
N ASN A 412 45.62 36.18 -54.70
CA ASN A 412 44.84 35.19 -54.01
CA ASN A 412 44.76 35.28 -53.93
C ASN A 412 45.42 34.66 -52.70
C ASN A 412 45.48 34.91 -52.65
N TYR A 413 44.70 34.90 -51.58
CA TYR A 413 45.23 34.59 -50.25
C TYR A 413 44.68 33.27 -49.72
N ILE A 414 43.50 32.82 -50.19
CA ILE A 414 42.99 31.52 -49.73
C ILE A 414 43.75 30.41 -50.44
N ARG A 415 44.27 29.43 -49.70
CA ARG A 415 44.96 28.28 -50.25
C ARG A 415 44.06 27.06 -50.40
N GLN A 416 43.24 26.77 -49.38
CA GLN A 416 42.45 25.55 -49.39
C GLN A 416 41.33 25.66 -48.37
N LYS A 417 40.19 25.06 -48.72
CA LYS A 417 39.09 24.87 -47.79
C LYS A 417 38.85 23.37 -47.69
N LEU A 418 38.90 22.87 -46.46
CA LEU A 418 38.63 21.47 -46.16
C LEU A 418 37.35 21.37 -45.35
N ASP A 419 36.37 20.60 -45.84
CA ASP A 419 35.16 20.34 -45.09
C ASP A 419 35.51 19.57 -43.82
N VAL A 420 34.90 19.96 -42.67
CA VAL A 420 35.04 19.22 -41.44
C VAL A 420 33.62 18.91 -40.95
N GLN A 421 33.55 17.96 -40.03
CA GLN A 421 32.30 17.30 -39.69
C GLN A 421 32.09 17.33 -38.18
N TYR A 422 31.34 18.31 -37.65
CA TYR A 422 30.65 19.40 -38.29
C TYR A 422 30.71 20.61 -37.34
N GLN A 423 30.75 21.83 -37.92
CA GLN A 423 30.60 23.06 -37.13
C GLN A 423 31.81 23.23 -36.19
N PRO A 424 32.98 23.61 -36.76
CA PRO A 424 34.21 23.70 -35.99
C PRO A 424 34.27 24.90 -35.07
N GLY A 425 34.83 24.72 -33.88
CA GLY A 425 35.15 25.79 -32.96
C GLY A 425 36.63 26.12 -33.00
N HIS A 426 37.37 25.72 -31.97
CA HIS A 426 38.81 25.92 -31.95
C HIS A 426 39.48 25.03 -32.99
N ASN A 427 40.66 25.48 -33.39
CA ASN A 427 41.61 24.61 -34.08
C ASN A 427 43.00 24.87 -33.48
N HIS A 428 43.88 23.93 -33.62
CA HIS A 428 45.19 24.06 -32.97
C HIS A 428 46.23 23.31 -33.77
N ALA A 429 47.28 24.02 -34.22
CA ALA A 429 48.39 23.41 -34.94
C ALA A 429 49.53 23.16 -33.97
N SER A 430 50.26 22.05 -34.18
CA SER A 430 51.29 21.64 -33.24
C SER A 430 52.33 22.75 -33.04
N LEU A 431 52.54 23.12 -31.78
CA LEU A 431 53.49 24.08 -31.26
C LEU A 431 53.18 25.50 -31.72
N THR A 432 51.93 25.76 -32.10
CA THR A 432 51.50 27.06 -32.61
C THR A 432 51.69 28.22 -31.61
N GLU A 433 51.59 28.00 -30.29
CA GLU A 433 51.69 29.07 -29.30
C GLU A 433 53.12 29.37 -28.91
N SER A 434 54.07 28.83 -29.68
CA SER A 434 55.48 28.96 -29.38
C SER A 434 56.25 29.33 -30.66
N ARG A 435 57.51 29.75 -30.45
CA ARG A 435 58.39 30.06 -31.57
C ARG A 435 58.64 28.84 -32.44
N ASP A 436 58.37 27.65 -31.90
N ASP A 436 58.49 27.63 -31.86
CA ASP A 436 58.79 26.41 -32.53
CA ASP A 436 58.87 26.40 -32.55
C ASP A 436 57.65 25.73 -33.30
C ASP A 436 57.67 25.74 -33.26
N ALA A 437 56.57 26.48 -33.53
CA ALA A 437 55.47 26.04 -34.38
C ALA A 437 56.01 25.22 -35.53
N ASP A 438 55.55 23.97 -35.69
CA ASP A 438 56.28 23.02 -36.52
C ASP A 438 55.51 22.63 -37.78
N GLY A 439 54.23 23.02 -37.90
CA GLY A 439 53.50 22.80 -39.13
C GLY A 439 53.18 21.36 -39.47
N LYS A 440 53.16 20.47 -38.48
CA LYS A 440 52.93 19.06 -38.73
C LYS A 440 51.46 18.66 -38.63
N TRP A 441 50.84 18.96 -37.48
CA TRP A 441 49.50 18.48 -37.16
C TRP A 441 48.56 19.66 -36.90
N LEU A 442 47.31 19.44 -37.29
CA LEU A 442 46.24 20.39 -37.01
C LEU A 442 45.08 19.60 -36.40
N VAL A 443 44.62 20.02 -35.23
CA VAL A 443 43.41 19.48 -34.61
C VAL A 443 42.27 20.49 -34.81
N VAL A 444 41.11 20.01 -35.26
CA VAL A 444 39.94 20.84 -35.42
C VAL A 444 38.90 20.24 -34.47
N LEU A 445 38.38 21.05 -33.55
CA LEU A 445 37.46 20.57 -32.52
C LEU A 445 36.05 21.05 -32.88
N SER A 446 35.25 20.12 -33.39
CA SER A 446 33.93 20.41 -33.91
C SER A 446 32.83 20.14 -32.88
N LYS A 447 31.72 20.85 -33.06
CA LYS A 447 30.69 20.90 -32.01
C LYS A 447 29.51 19.99 -32.29
N PHE A 448 29.35 19.52 -33.51
CA PHE A 448 28.32 18.55 -33.86
C PHE A 448 29.04 17.34 -34.44
N SER A 449 28.47 16.15 -34.23
CA SER A 449 28.99 14.99 -34.93
C SER A 449 27.95 14.32 -35.82
N LYS A 450 26.64 14.59 -35.61
CA LYS A 450 25.61 14.05 -36.49
C LYS A 450 25.81 12.54 -36.66
N ASP A 451 26.07 12.08 -37.89
CA ASP A 451 26.17 10.69 -38.30
C ASP A 451 27.59 10.13 -38.30
N ARG A 452 28.57 10.81 -37.74
CA ARG A 452 29.97 10.41 -37.90
C ARG A 452 30.34 9.19 -37.03
N PHE A 453 29.53 8.91 -35.97
CA PHE A 453 29.80 7.81 -35.06
C PHE A 453 28.52 7.01 -34.87
N LEU A 454 28.65 5.81 -34.28
CA LEU A 454 27.47 5.02 -33.96
C LEU A 454 26.47 5.87 -33.17
N PRO A 455 25.16 5.70 -33.44
CA PRO A 455 24.14 6.38 -32.65
C PRO A 455 24.17 6.00 -31.17
N VAL A 456 24.06 7.01 -30.30
CA VAL A 456 24.15 6.83 -28.85
C VAL A 456 23.09 7.66 -28.12
N GLY A 457 22.01 7.99 -28.80
CA GLY A 457 20.90 8.71 -28.16
C GLY A 457 20.92 10.19 -28.51
N PRO A 458 19.97 10.97 -27.94
CA PRO A 458 19.85 12.39 -28.29
C PRO A 458 21.13 13.21 -28.06
N LEU A 459 21.91 12.86 -27.04
CA LEU A 459 23.18 13.55 -26.76
C LEU A 459 24.25 12.89 -27.61
N HIS A 460 24.86 13.65 -28.52
CA HIS A 460 25.89 13.11 -29.40
C HIS A 460 27.26 13.54 -28.88
N PRO A 461 28.32 12.79 -29.25
CA PRO A 461 29.69 13.22 -28.98
C PRO A 461 30.07 14.41 -29.87
N GLU A 462 31.16 15.06 -29.50
CA GLU A 462 31.84 16.02 -30.33
C GLU A 462 32.80 15.25 -31.23
N ASN A 463 33.35 15.95 -32.23
CA ASN A 463 34.27 15.32 -33.17
C ASN A 463 35.55 16.15 -33.23
N ASP A 464 36.65 15.59 -32.71
CA ASP A 464 37.94 16.25 -32.83
C ASP A 464 38.71 15.57 -33.98
N GLN A 465 38.98 16.33 -35.05
CA GLN A 465 39.58 15.75 -36.25
C GLN A 465 41.05 16.11 -36.32
N LEU A 466 41.86 15.11 -36.65
CA LEU A 466 43.31 15.28 -36.80
C LEU A 466 43.64 15.37 -38.30
N ILE A 467 44.29 16.46 -38.67
CA ILE A 467 44.59 16.80 -40.06
C ILE A 467 46.12 16.96 -40.19
N ASP A 468 46.68 16.32 -41.22
CA ASP A 468 48.07 16.45 -41.63
C ASP A 468 48.23 17.74 -42.43
N ILE A 469 48.98 18.71 -41.87
CA ILE A 469 49.27 20.01 -42.52
C ILE A 469 50.75 20.15 -42.91
N SER A 470 51.47 19.01 -42.94
CA SER A 470 52.91 19.01 -43.19
C SER A 470 53.23 19.45 -44.63
N GLY A 471 52.29 19.25 -45.55
CA GLY A 471 52.47 19.62 -46.95
C GLY A 471 51.52 20.70 -47.44
N GLU A 472 51.52 20.90 -48.77
CA GLU A 472 50.70 21.92 -49.38
C GLU A 472 49.21 21.60 -49.17
N GLU A 473 48.83 20.31 -49.15
CA GLU A 473 47.43 19.89 -49.06
C GLU A 473 47.14 19.44 -47.63
N MET A 474 46.12 20.06 -46.98
CA MET A 474 45.60 19.53 -45.73
C MET A 474 44.85 18.23 -46.01
N LYS A 475 45.13 17.21 -45.18
CA LYS A 475 44.55 15.89 -45.34
C LYS A 475 43.98 15.39 -44.02
N LEU A 476 42.70 15.02 -44.02
CA LEU A 476 42.11 14.42 -42.82
C LEU A 476 42.75 13.06 -42.55
N VAL A 477 43.14 12.79 -41.29
CA VAL A 477 43.72 11.50 -40.89
C VAL A 477 42.78 10.72 -39.94
N HIS A 478 42.14 11.37 -38.96
CA HIS A 478 41.41 10.65 -37.91
C HIS A 478 40.22 11.47 -37.45
N ASP A 479 39.11 10.81 -37.15
CA ASP A 479 37.96 11.34 -36.44
C ASP A 479 37.91 10.82 -35.00
N GLY A 480 37.90 11.76 -34.06
CA GLY A 480 38.01 11.47 -32.64
C GLY A 480 36.74 11.88 -31.91
N PRO A 481 35.86 10.92 -31.53
CA PRO A 481 34.69 11.28 -30.75
C PRO A 481 35.18 11.71 -29.39
N THR A 482 34.51 12.71 -28.81
N THR A 482 34.52 12.74 -28.83
CA THR A 482 34.84 13.11 -27.47
CA THR A 482 34.86 13.26 -27.51
C THR A 482 33.57 13.53 -26.74
C THR A 482 33.58 13.57 -26.74
N TYR A 483 33.62 13.34 -25.44
CA TYR A 483 32.51 13.67 -24.59
C TYR A 483 32.44 15.17 -24.42
N ALA A 484 31.24 15.68 -24.18
CA ALA A 484 31.01 17.06 -23.85
C ALA A 484 32.08 17.63 -22.93
N GLU A 485 32.66 18.79 -23.30
CA GLU A 485 32.66 19.39 -24.64
C GLU A 485 33.96 20.14 -24.76
N PRO A 486 35.00 19.59 -25.45
CA PRO A 486 36.25 20.35 -25.59
C PRO A 486 36.04 21.65 -26.36
N HIS A 487 36.77 22.66 -25.90
CA HIS A 487 36.94 23.91 -26.62
C HIS A 487 38.30 23.87 -27.30
N ASP A 488 39.34 24.29 -26.58
CA ASP A 488 40.70 24.35 -27.08
C ASP A 488 41.51 23.16 -26.52
N CYS A 489 42.64 22.91 -27.17
CA CYS A 489 43.63 21.95 -26.73
C CYS A 489 45.02 22.52 -26.97
N ILE A 490 46.00 21.94 -26.30
CA ILE A 490 47.38 22.34 -26.56
C ILE A 490 48.25 21.10 -26.72
N LEU A 491 49.07 21.10 -27.78
CA LEU A 491 49.98 20.01 -28.09
C LEU A 491 51.40 20.39 -27.70
N VAL A 492 52.09 19.44 -27.07
CA VAL A 492 53.47 19.66 -26.66
C VAL A 492 54.25 18.42 -27.07
N ARG A 493 55.51 18.59 -27.45
CA ARG A 493 56.33 17.44 -27.78
C ARG A 493 56.47 16.57 -26.54
N ARG A 494 56.69 15.27 -26.77
CA ARG A 494 56.97 14.33 -25.68
C ARG A 494 58.13 14.79 -24.81
N ASP A 495 59.18 15.33 -25.44
CA ASP A 495 60.37 15.75 -24.70
C ASP A 495 60.22 17.05 -23.94
N GLN A 496 59.06 17.72 -24.05
CA GLN A 496 58.84 18.95 -23.31
C GLN A 496 58.16 18.72 -21.96
N ILE A 497 57.81 17.48 -21.65
CA ILE A 497 57.15 17.09 -20.40
C ILE A 497 58.07 16.15 -19.65
N LYS A 498 58.28 16.42 -18.35
CA LYS A 498 59.06 15.55 -17.47
C LYS A 498 58.22 15.23 -16.23
N THR A 499 57.78 13.98 -16.14
CA THR A 499 56.94 13.56 -15.03
C THR A 499 57.69 12.72 -13.99
N LYS A 500 57.15 12.68 -12.78
CA LYS A 500 57.57 11.79 -11.73
C LYS A 500 56.74 10.49 -11.74
N LYS A 501 57.34 9.38 -11.32
CA LYS A 501 56.64 8.11 -11.33
C LYS A 501 56.12 7.74 -9.95
N ILE A 502 56.77 8.25 -8.90
CA ILE A 502 56.35 8.03 -7.54
C ILE A 502 56.56 9.33 -6.77
N TYR A 503 55.84 9.45 -5.65
CA TYR A 503 55.96 10.64 -4.85
C TYR A 503 57.20 10.62 -3.99
N GLU A 504 57.71 11.82 -3.69
CA GLU A 504 58.64 12.01 -2.61
C GLU A 504 57.86 12.39 -1.35
N ARG A 505 58.38 12.04 -0.17
CA ARG A 505 57.63 12.22 1.05
C ARG A 505 57.49 13.70 1.47
N ASN A 506 58.24 14.62 0.84
CA ASN A 506 58.09 16.05 1.11
C ASN A 506 57.16 16.72 0.12
N ASP A 507 56.41 15.95 -0.68
CA ASP A 507 55.63 16.57 -1.76
C ASP A 507 54.59 17.53 -1.18
N PRO A 508 54.42 18.71 -1.78
CA PRO A 508 53.42 19.66 -1.31
C PRO A 508 51.97 19.15 -1.32
N TYR A 509 51.68 18.14 -2.15
CA TYR A 509 50.31 17.62 -2.30
C TYR A 509 49.81 16.94 -1.02
N PHE A 510 50.66 16.74 0.00
CA PHE A 510 50.19 16.27 1.29
C PHE A 510 50.91 16.97 2.44
N ALA A 511 51.28 18.24 2.23
CA ALA A 511 51.87 19.07 3.31
C ALA A 511 50.90 19.16 4.48
N SER A 512 49.58 19.32 4.23
CA SER A 512 48.63 19.45 5.31
C SER A 512 48.56 18.16 6.13
N CYS A 513 48.67 17.01 5.46
CA CYS A 513 48.64 15.74 6.18
C CYS A 513 49.85 15.65 7.12
N ARG A 514 51.04 16.00 6.61
CA ARG A 514 52.24 16.04 7.42
C ARG A 514 52.07 16.95 8.63
N ALA A 515 51.51 18.14 8.45
CA ALA A 515 51.37 19.07 9.56
C ALA A 515 50.42 18.51 10.65
N GLN A 516 49.29 17.90 10.26
CA GLN A 516 48.37 17.34 11.22
C GLN A 516 48.99 16.14 11.94
N ALA A 517 49.70 15.26 11.19
CA ALA A 517 50.38 14.13 11.79
C ALA A 517 51.36 14.60 12.87
N GLU A 518 52.13 15.65 12.54
CA GLU A 518 53.13 16.17 13.48
C GLU A 518 52.43 16.58 14.78
N LYS A 519 51.30 17.29 14.67
CA LYS A 519 50.60 17.80 15.86
C LYS A 519 50.14 16.67 16.77
N ASP A 520 49.76 15.53 16.15
CA ASP A 520 49.27 14.34 16.82
C ASP A 520 50.40 13.42 17.26
N GLY A 521 51.66 13.74 16.94
CA GLY A 521 52.79 12.90 17.31
C GLY A 521 52.89 11.64 16.45
N VAL A 522 52.34 11.70 15.23
CA VAL A 522 52.26 10.56 14.33
C VAL A 522 53.35 10.65 13.26
N THR A 523 54.00 9.48 13.00
CA THR A 523 54.96 9.32 11.93
C THR A 523 54.22 8.59 10.79
N LEU A 524 53.94 9.30 9.70
CA LEU A 524 53.06 8.76 8.66
C LEU A 524 53.62 7.49 8.04
N GLU A 525 54.93 7.39 7.88
CA GLU A 525 55.52 6.25 7.19
C GLU A 525 55.56 4.97 8.05
N SER A 526 55.20 5.06 9.33
N SER A 526 55.20 5.07 9.34
CA SER A 526 55.30 3.87 10.18
CA SER A 526 55.32 3.91 10.22
C SER A 526 54.09 3.60 11.07
C SER A 526 54.04 3.58 10.99
N ASP A 527 53.16 4.56 11.25
CA ASP A 527 52.17 4.45 12.31
C ASP A 527 50.81 3.97 11.80
N ASN A 528 50.16 3.13 12.63
CA ASN A 528 48.81 2.69 12.46
C ASN A 528 48.12 3.00 13.78
N LYS A 529 47.49 4.17 13.84
CA LYS A 529 47.05 4.75 15.10
C LYS A 529 45.69 5.42 14.89
N VAL A 530 44.91 5.45 15.96
CA VAL A 530 43.66 6.17 16.04
C VAL A 530 43.77 7.28 17.09
N ILE A 531 43.56 8.52 16.66
CA ILE A 531 43.66 9.71 17.50
C ILE A 531 42.25 10.23 17.75
N ARG A 532 41.86 10.44 19.03
CA ARG A 532 40.57 11.00 19.37
C ARG A 532 40.74 12.44 19.84
N ASP A 533 39.92 13.36 19.32
CA ASP A 533 40.03 14.78 19.59
C ASP A 533 38.60 15.33 19.64
N GLY A 534 38.01 15.34 20.83
CA GLY A 534 36.60 15.68 20.95
C GLY A 534 35.75 14.65 20.21
N ASN A 535 34.91 15.15 19.30
CA ASN A 535 34.10 14.29 18.46
C ASN A 535 34.77 14.07 17.09
N LYS A 536 36.05 14.43 16.97
CA LYS A 536 36.85 14.09 15.79
C LYS A 536 37.66 12.83 16.05
N VAL A 537 37.83 12.04 15.00
CA VAL A 537 38.67 10.85 15.05
C VAL A 537 39.56 10.93 13.82
N ARG A 538 40.87 10.83 14.04
CA ARG A 538 41.82 10.77 12.97
C ARG A 538 42.48 9.41 13.00
N VAL A 539 42.31 8.66 11.91
CA VAL A 539 42.77 7.29 11.73
C VAL A 539 43.93 7.34 10.74
N TYR A 540 45.13 6.96 11.18
CA TYR A 540 46.29 6.94 10.33
C TYR A 540 46.66 5.49 10.05
N MET A 541 46.77 5.14 8.77
CA MET A 541 47.16 3.78 8.41
C MET A 541 48.23 3.87 7.32
N THR A 542 49.12 2.87 7.36
CA THR A 542 50.04 2.58 6.27
C THR A 542 49.39 1.52 5.40
N SER A 543 49.85 1.40 4.15
CA SER A 543 49.38 0.36 3.26
C SER A 543 50.54 -0.21 2.43
N VAL A 544 50.56 -1.54 2.32
CA VAL A 544 51.44 -2.29 1.44
C VAL A 544 50.55 -3.35 0.83
N ALA A 545 50.28 -3.26 -0.47
CA ALA A 545 49.29 -4.15 -1.05
C ALA A 545 49.71 -5.59 -0.73
N PRO A 546 48.79 -6.51 -0.36
CA PRO A 546 47.32 -6.29 -0.28
C PRO A 546 46.76 -6.10 1.13
N GLN A 547 47.47 -5.35 1.96
CA GLN A 547 47.08 -5.18 3.36
C GLN A 547 47.14 -3.73 3.82
N TYR A 548 46.01 -3.18 4.30
CA TYR A 548 46.06 -2.00 5.14
C TYR A 548 46.76 -2.34 6.46
N GLY A 549 47.40 -1.35 7.05
CA GLY A 549 48.09 -1.55 8.32
C GLY A 549 47.17 -1.66 9.52
N MET A 550 45.88 -1.37 9.28
CA MET A 550 44.85 -1.50 10.30
C MET A 550 43.63 -2.15 9.63
N THR A 551 43.04 -3.15 10.26
CA THR A 551 41.88 -3.81 9.67
C THR A 551 40.60 -3.60 10.46
N GLU A 552 40.66 -2.84 11.56
CA GLU A 552 39.48 -2.52 12.33
C GLU A 552 39.70 -1.23 13.10
N PHE A 553 38.66 -0.43 13.23
CA PHE A 553 38.68 0.67 14.18
C PHE A 553 37.25 0.96 14.61
N LYS A 554 37.11 1.59 15.76
CA LYS A 554 35.82 1.87 16.34
C LYS A 554 35.63 3.36 16.56
N VAL A 555 34.42 3.84 16.28
CA VAL A 555 34.01 5.24 16.45
C VAL A 555 32.58 5.26 17.00
N LYS A 556 32.10 6.48 17.31
CA LYS A 556 30.71 6.68 17.70
C LYS A 556 29.95 7.30 16.54
N GLU A 557 28.67 6.94 16.46
CA GLU A 557 27.77 7.58 15.54
C GLU A 557 27.93 9.09 15.63
N GLY A 558 28.05 9.73 14.46
CA GLY A 558 28.16 11.17 14.39
C GLY A 558 29.58 11.74 14.55
N ASP A 559 30.55 10.91 14.87
CA ASP A 559 31.94 11.36 14.90
C ASP A 559 32.36 11.85 13.51
N GLU A 560 33.23 12.87 13.49
CA GLU A 560 33.82 13.37 12.27
C GLU A 560 35.12 12.62 12.07
N VAL A 561 35.12 11.65 11.14
CA VAL A 561 36.18 10.68 11.01
C VAL A 561 37.03 11.10 9.81
N THR A 562 38.34 11.23 10.03
CA THR A 562 39.29 11.47 8.94
C THR A 562 40.23 10.29 8.86
N VAL A 563 40.30 9.66 7.68
CA VAL A 563 41.18 8.54 7.44
C VAL A 563 42.32 9.02 6.54
N TYR A 564 43.55 8.83 7.02
CA TYR A 564 44.78 9.11 6.31
C TYR A 564 45.42 7.77 5.95
N ILE A 565 45.74 7.58 4.67
CA ILE A 565 46.42 6.41 4.16
C ILE A 565 47.72 6.85 3.51
N THR A 566 48.79 6.13 3.88
CA THR A 566 50.14 6.37 3.36
C THR A 566 50.57 5.09 2.63
N ASN A 567 50.76 5.15 1.32
CA ASN A 567 51.13 4.01 0.48
C ASN A 567 52.65 3.81 0.53
N LEU A 568 53.07 2.71 1.17
CA LEU A 568 54.49 2.41 1.34
C LEU A 568 55.06 1.57 0.21
N ASP A 569 54.25 1.17 -0.77
CA ASP A 569 54.84 0.52 -1.95
C ASP A 569 55.76 1.52 -2.66
N MET A 570 56.86 1.03 -3.27
N MET A 570 56.80 0.95 -3.29
CA MET A 570 57.81 1.91 -3.95
CA MET A 570 57.85 1.77 -3.87
C MET A 570 57.83 1.68 -5.46
C MET A 570 58.11 1.39 -5.34
N VAL A 571 57.18 0.61 -5.94
CA VAL A 571 57.20 0.25 -7.36
C VAL A 571 56.18 1.11 -8.11
N GLU A 572 56.57 1.59 -9.29
CA GLU A 572 55.73 2.40 -10.15
C GLU A 572 54.45 1.64 -10.47
N ASP A 573 53.35 2.40 -10.48
CA ASP A 573 52.02 1.94 -10.90
C ASP A 573 51.30 1.13 -9.82
N VAL A 574 51.92 0.93 -8.64
CA VAL A 574 51.24 0.20 -7.55
C VAL A 574 50.43 1.18 -6.71
N THR A 575 49.37 1.70 -7.33
CA THR A 575 48.41 2.62 -6.70
C THR A 575 47.43 1.87 -5.81
N HIS A 576 47.15 2.43 -4.64
CA HIS A 576 46.14 1.91 -3.76
C HIS A 576 44.91 2.82 -3.80
N GLY A 577 43.81 2.32 -3.28
CA GLY A 577 42.65 3.18 -3.03
C GLY A 577 42.10 2.97 -1.64
N PHE A 578 40.97 3.64 -1.42
CA PHE A 578 40.28 3.53 -0.14
C PHE A 578 38.84 3.96 -0.38
N CYS A 579 37.88 3.14 0.06
CA CYS A 579 36.47 3.46 -0.03
C CYS A 579 35.81 3.00 1.25
N MET A 580 34.99 3.87 1.88
CA MET A 580 34.20 3.47 3.03
C MET A 580 32.77 3.22 2.57
N VAL A 581 32.31 1.97 2.72
CA VAL A 581 31.01 1.57 2.21
C VAL A 581 29.92 2.42 2.84
N ASN A 582 29.05 2.92 1.96
CA ASN A 582 27.83 3.64 2.32
C ASN A 582 28.14 5.00 2.93
N HIS A 583 29.40 5.47 2.87
CA HIS A 583 29.79 6.77 3.41
C HIS A 583 30.21 7.78 2.35
N GLY A 584 30.07 7.46 1.07
CA GLY A 584 30.26 8.46 0.03
C GLY A 584 31.69 9.00 -0.09
N VAL A 585 32.71 8.15 0.16
CA VAL A 585 34.10 8.58 0.00
C VAL A 585 34.93 7.53 -0.75
N SER A 586 35.87 8.08 -1.50
CA SER A 586 36.88 7.34 -2.27
C SER A 586 38.10 8.22 -2.37
N MET A 587 39.29 7.62 -2.43
CA MET A 587 40.50 8.38 -2.70
C MET A 587 41.62 7.49 -3.30
N GLU A 588 42.45 8.14 -4.10
CA GLU A 588 43.68 7.57 -4.66
C GLU A 588 44.83 7.74 -3.64
N ILE A 589 45.62 6.68 -3.49
CA ILE A 589 46.90 6.81 -2.83
C ILE A 589 47.96 6.10 -3.67
N SER A 590 48.69 6.88 -4.50
CA SER A 590 49.73 6.34 -5.38
C SER A 590 51.00 6.11 -4.56
N PRO A 591 52.03 5.43 -5.14
CA PRO A 591 53.21 5.09 -4.34
C PRO A 591 53.83 6.28 -3.63
N GLN A 592 54.00 6.16 -2.29
CA GLN A 592 54.63 7.11 -1.40
C GLN A 592 53.80 8.36 -1.17
N GLN A 593 52.53 8.34 -1.62
CA GLN A 593 51.58 9.40 -1.34
C GLN A 593 50.96 9.20 0.04
N THR A 594 50.51 10.32 0.63
CA THR A 594 49.52 10.27 1.73
C THR A 594 48.31 11.01 1.21
N ALA A 595 47.11 10.47 1.51
CA ALA A 595 45.87 11.16 1.19
C ALA A 595 44.88 10.94 2.33
N SER A 596 43.89 11.82 2.42
CA SER A 596 42.87 11.70 3.47
C SER A 596 41.50 12.10 2.98
N VAL A 597 40.48 11.54 3.64
CA VAL A 597 39.08 11.87 3.43
C VAL A 597 38.41 11.98 4.80
N THR A 598 37.44 12.89 4.89
CA THR A 598 36.68 13.09 6.11
C THR A 598 35.22 12.78 5.82
N PHE A 599 34.57 12.14 6.79
CA PHE A 599 33.15 11.78 6.67
C PHE A 599 32.56 11.77 8.06
N THR A 600 31.23 11.87 8.13
CA THR A 600 30.52 11.70 9.40
C THR A 600 30.15 10.24 9.54
N ALA A 601 30.52 9.62 10.70
CA ALA A 601 30.13 8.24 10.92
C ALA A 601 28.60 8.14 11.01
N GLY A 602 28.04 7.18 10.25
CA GLY A 602 26.61 7.03 10.12
C GLY A 602 25.97 6.29 11.30
N LYS A 603 24.80 5.67 11.05
CA LYS A 603 24.08 5.02 12.10
C LYS A 603 24.89 3.82 12.61
N PRO A 604 24.70 3.43 13.86
CA PRO A 604 25.49 2.35 14.46
C PRO A 604 25.41 1.09 13.60
N GLY A 605 26.56 0.39 13.55
CA GLY A 605 26.69 -0.83 12.79
C GLY A 605 28.10 -0.99 12.25
N VAL A 606 28.28 -2.05 11.49
CA VAL A 606 29.50 -2.36 10.78
C VAL A 606 29.49 -1.68 9.42
N TYR A 607 30.60 -1.08 9.03
CA TYR A 607 30.81 -0.62 7.67
C TYR A 607 32.19 -1.10 7.23
N TRP A 608 32.19 -1.78 6.09
CA TRP A 608 33.46 -2.20 5.51
C TRP A 608 34.13 -1.05 4.78
N TYR A 609 35.48 -1.06 4.83
CA TYR A 609 36.27 -0.28 3.91
C TYR A 609 37.08 -1.23 3.04
N TYR A 610 37.42 -0.78 1.82
CA TYR A 610 38.13 -1.64 0.88
C TYR A 610 38.99 -0.76 -0.04
N CYS A 611 40.00 -1.41 -0.62
CA CYS A 611 40.83 -0.79 -1.64
C CYS A 611 40.16 -0.95 -3.00
N ASN A 612 39.94 0.19 -3.67
CA ASN A 612 39.27 0.20 -4.95
C ASN A 612 40.22 0.35 -6.13
N TRP A 613 41.54 0.21 -5.90
CA TRP A 613 42.50 0.30 -6.99
C TRP A 613 43.12 -1.08 -7.13
N PHE A 614 42.82 -1.79 -8.21
CA PHE A 614 43.30 -3.15 -8.38
C PHE A 614 44.82 -3.14 -8.31
N CYS A 615 45.40 -3.82 -7.31
CA CYS A 615 46.76 -3.52 -6.86
C CYS A 615 47.60 -4.79 -6.73
N HIS A 616 46.98 -5.97 -6.79
CA HIS A 616 47.62 -7.20 -6.30
C HIS A 616 46.63 -8.34 -6.60
N ALA A 617 47.09 -9.60 -6.64
CA ALA A 617 46.23 -10.75 -6.81
C ALA A 617 45.22 -10.85 -5.66
N LEU A 618 45.59 -10.36 -4.46
CA LEU A 618 44.77 -10.39 -3.26
C LEU A 618 44.00 -9.07 -3.06
N HIS A 619 43.77 -8.30 -4.15
CA HIS A 619 42.98 -7.07 -4.07
C HIS A 619 41.63 -7.21 -3.36
N MET A 620 40.89 -8.24 -3.66
CA MET A 620 39.54 -8.39 -3.12
C MET A 620 39.59 -8.51 -1.61
N GLU A 621 40.71 -9.04 -1.09
CA GLU A 621 40.91 -9.25 0.35
C GLU A 621 41.49 -8.04 1.05
N MET A 622 41.73 -6.93 0.34
CA MET A 622 42.31 -5.73 0.94
C MET A 622 41.21 -4.82 1.50
N GLY A 623 40.82 -5.15 2.71
CA GLY A 623 39.70 -4.50 3.37
C GLY A 623 39.91 -4.36 4.86
N GLY A 624 38.82 -3.90 5.48
CA GLY A 624 38.77 -3.76 6.92
C GLY A 624 37.37 -3.34 7.34
N ARG A 625 37.17 -3.12 8.64
CA ARG A 625 35.85 -2.69 9.11
C ARG A 625 35.95 -1.52 10.07
N MET A 626 35.04 -0.58 9.88
CA MET A 626 34.75 0.46 10.85
C MET A 626 33.50 0.07 11.64
N LEU A 627 33.64 0.04 12.97
CA LEU A 627 32.58 -0.33 13.86
C LEU A 627 32.04 0.94 14.50
N VAL A 628 30.80 1.28 14.21
CA VAL A 628 30.17 2.48 14.72
C VAL A 628 29.25 2.09 15.87
N GLU A 629 29.54 2.62 17.06
CA GLU A 629 28.71 2.36 18.23
C GLU A 629 27.76 3.53 18.48
N LYS A 630 26.62 3.20 19.10
CA LYS A 630 25.70 4.20 19.63
C LYS A 630 26.42 5.08 20.64
N ALA A 631 26.16 6.38 20.57
CA ALA A 631 26.85 7.35 21.41
C ALA A 631 26.34 7.20 22.85
N ALA B 60 39.91 -4.25 -38.52
CA ALA B 60 40.53 -3.72 -37.27
C ALA B 60 40.55 -2.18 -37.22
N HIS B 61 40.39 -1.50 -38.36
CA HIS B 61 40.58 -0.06 -38.47
C HIS B 61 39.24 0.56 -38.89
N VAL B 62 38.88 1.73 -38.33
CA VAL B 62 37.66 2.41 -38.73
C VAL B 62 38.03 3.80 -39.31
N ALA B 63 37.89 3.93 -40.64
CA ALA B 63 38.27 5.18 -41.29
C ALA B 63 37.28 6.29 -40.98
N PRO B 64 37.64 7.58 -41.21
CA PRO B 64 36.65 8.67 -41.14
C PRO B 64 35.49 8.38 -42.08
N GLY B 65 34.27 8.50 -41.56
CA GLY B 65 33.09 8.29 -42.37
C GLY B 65 32.58 6.85 -42.27
N GLU B 66 33.41 5.95 -41.74
CA GLU B 66 33.01 4.57 -41.45
C GLU B 66 32.54 4.43 -40.00
N LEU B 67 31.70 3.42 -39.74
CA LEU B 67 31.20 3.16 -38.39
C LEU B 67 31.80 1.88 -37.81
N ASP B 68 31.88 1.85 -36.47
CA ASP B 68 32.24 0.64 -35.77
C ASP B 68 31.20 -0.45 -36.02
N GLU B 69 31.61 -1.71 -35.78
CA GLU B 69 30.76 -2.87 -35.98
C GLU B 69 30.01 -3.27 -34.70
N TYR B 70 30.60 -2.96 -33.55
CA TYR B 70 30.00 -3.31 -32.29
C TYR B 70 29.99 -2.06 -31.40
N TYR B 71 29.01 -2.00 -30.52
CA TYR B 71 29.10 -1.18 -29.32
C TYR B 71 29.83 -1.95 -28.22
N GLY B 72 30.64 -1.26 -27.44
CA GLY B 72 31.16 -1.83 -26.22
C GLY B 72 30.70 -0.99 -25.04
N PHE B 73 30.18 -1.63 -24.00
CA PHE B 73 29.75 -0.89 -22.81
C PHE B 73 30.74 -1.24 -21.73
N TRP B 74 31.59 -0.27 -21.36
CA TRP B 74 32.66 -0.45 -20.41
C TRP B 74 32.20 0.01 -19.04
N SER B 75 32.50 -0.77 -18.02
CA SER B 75 32.43 -0.27 -16.66
C SER B 75 33.44 0.84 -16.42
N GLY B 76 33.12 1.76 -15.50
CA GLY B 76 34.04 2.80 -15.10
C GLY B 76 34.74 2.54 -13.78
N GLY B 77 34.41 1.44 -13.11
CA GLY B 77 34.98 1.15 -11.82
C GLY B 77 34.61 2.26 -10.83
N HIS B 78 35.59 2.67 -10.04
CA HIS B 78 35.36 3.67 -8.99
C HIS B 78 35.19 5.08 -9.58
N GLN B 79 35.32 5.24 -10.90
CA GLN B 79 34.96 6.52 -11.50
C GLN B 79 33.45 6.67 -11.63
N GLY B 80 32.70 5.57 -11.63
CA GLY B 80 31.27 5.60 -11.45
C GLY B 80 30.38 5.66 -12.69
N GLU B 81 30.93 5.81 -13.89
CA GLU B 81 30.15 5.98 -15.11
C GLU B 81 30.21 4.68 -15.91
N VAL B 82 29.40 4.60 -16.97
CA VAL B 82 29.57 3.62 -18.02
C VAL B 82 30.05 4.34 -19.27
N ARG B 83 31.01 3.71 -19.94
CA ARG B 83 31.60 4.29 -21.14
C ARG B 83 31.13 3.47 -22.35
N VAL B 84 30.70 4.16 -23.42
CA VAL B 84 30.25 3.50 -24.64
C VAL B 84 31.39 3.63 -25.65
N LEU B 85 31.93 2.50 -26.08
CA LEU B 85 33.00 2.47 -27.07
C LEU B 85 32.44 1.92 -28.36
N GLY B 86 33.09 2.31 -29.47
CA GLY B 86 32.99 1.64 -30.73
C GLY B 86 34.10 0.60 -30.83
N VAL B 87 33.75 -0.61 -31.30
CA VAL B 87 34.72 -1.67 -31.53
C VAL B 87 34.65 -2.01 -33.00
N PRO B 88 35.75 -2.18 -33.76
CA PRO B 88 37.12 -2.31 -33.24
C PRO B 88 37.99 -1.06 -33.12
N SER B 89 37.43 0.16 -33.35
CA SER B 89 38.23 1.37 -33.23
C SER B 89 38.72 1.64 -31.81
N MET B 90 37.94 1.18 -30.83
CA MET B 90 38.23 1.32 -29.40
C MET B 90 38.14 2.78 -28.95
N ARG B 91 37.37 3.57 -29.68
CA ARG B 91 37.16 4.98 -29.36
C ARG B 91 35.94 5.11 -28.44
N GLU B 92 36.04 5.98 -27.44
CA GLU B 92 34.92 6.26 -26.54
C GLU B 92 33.95 7.23 -27.21
N LEU B 93 32.74 6.76 -27.51
CA LEU B 93 31.67 7.49 -28.18
C LEU B 93 30.81 8.32 -27.22
N MET B 94 30.67 7.83 -25.99
CA MET B 94 29.76 8.47 -25.04
C MET B 94 30.11 8.03 -23.63
N ARG B 95 29.81 8.90 -22.66
CA ARG B 95 29.85 8.54 -21.26
C ARG B 95 28.42 8.62 -20.73
N ILE B 96 28.01 7.59 -19.99
CA ILE B 96 26.67 7.55 -19.38
C ILE B 96 26.88 7.70 -17.90
N PRO B 97 26.51 8.85 -17.31
CA PRO B 97 26.71 8.98 -15.87
C PRO B 97 25.75 8.06 -15.11
N VAL B 98 26.27 7.49 -14.03
CA VAL B 98 25.48 6.56 -13.24
C VAL B 98 25.58 6.94 -11.76
N PHE B 99 26.74 6.68 -11.16
CA PHE B 99 27.00 6.94 -9.74
C PHE B 99 27.94 8.12 -9.51
N ASN B 100 28.53 8.64 -10.58
CA ASN B 100 29.30 9.87 -10.53
C ASN B 100 28.40 11.08 -10.64
N VAL B 101 28.95 12.26 -10.36
CA VAL B 101 28.26 13.52 -10.58
C VAL B 101 28.91 14.17 -11.81
N ASP B 102 28.11 14.38 -12.88
CA ASP B 102 28.59 14.88 -14.15
C ASP B 102 28.35 16.39 -14.19
N SER B 103 29.42 17.18 -14.18
CA SER B 103 29.43 18.61 -14.32
C SER B 103 28.76 19.06 -15.61
N ALA B 104 28.84 18.24 -16.68
CA ALA B 104 28.36 18.68 -17.98
C ALA B 104 26.84 18.51 -18.08
N THR B 105 26.36 17.26 -18.09
CA THR B 105 24.93 17.00 -18.22
C THR B 105 24.17 17.32 -16.94
N GLY B 106 24.86 17.49 -15.82
CA GLY B 106 24.20 17.75 -14.55
C GLY B 106 23.65 16.50 -13.89
N TRP B 107 24.08 15.30 -14.32
CA TRP B 107 23.68 14.10 -13.63
C TRP B 107 24.19 14.16 -12.19
N GLY B 108 23.28 14.06 -11.21
CA GLY B 108 23.57 14.28 -9.81
C GLY B 108 23.26 15.70 -9.30
N ILE B 109 23.02 16.61 -10.22
CA ILE B 109 22.67 18.00 -9.98
C ILE B 109 21.20 18.26 -10.35
N THR B 110 20.75 17.81 -11.53
CA THR B 110 19.37 17.98 -11.96
C THR B 110 18.39 17.33 -10.98
N ASN B 111 17.16 17.86 -10.94
CA ASN B 111 16.14 17.26 -10.10
C ASN B 111 15.74 15.87 -10.62
N GLU B 112 15.79 15.67 -11.93
CA GLU B 112 15.34 14.41 -12.49
C GLU B 112 16.33 13.32 -12.10
N SER B 113 17.62 13.61 -12.23
CA SER B 113 18.64 12.64 -11.81
C SER B 113 18.58 12.39 -10.30
N LYS B 114 18.35 13.43 -9.50
CA LYS B 114 18.27 13.27 -8.05
C LYS B 114 17.10 12.37 -7.69
N GLU B 115 15.98 12.52 -8.42
CA GLU B 115 14.82 11.67 -8.14
C GLU B 115 15.19 10.19 -8.39
N ILE B 116 15.84 9.93 -9.52
CA ILE B 116 16.24 8.58 -9.87
C ILE B 116 17.20 8.05 -8.81
N LEU B 117 18.22 8.85 -8.42
CA LEU B 117 19.20 8.41 -7.43
C LEU B 117 18.54 8.09 -6.10
N GLY B 118 17.52 8.87 -5.72
CA GLY B 118 16.87 8.65 -4.44
C GLY B 118 17.86 8.67 -3.28
N GLY B 119 17.57 7.79 -2.31
CA GLY B 119 18.41 7.62 -1.14
C GLY B 119 18.11 8.67 -0.07
N ASP B 120 18.71 8.47 1.10
N ASP B 120 18.75 8.46 1.07
CA ASP B 120 18.55 9.41 2.21
CA ASP B 120 18.57 9.34 2.21
C ASP B 120 19.81 10.25 2.44
C ASP B 120 19.67 10.41 2.25
N GLN B 121 20.75 10.22 1.49
CA GLN B 121 21.90 11.10 1.50
C GLN B 121 22.42 11.15 0.07
N GLN B 122 23.09 12.24 -0.24
CA GLN B 122 23.77 12.38 -1.52
C GLN B 122 25.08 11.57 -1.44
N TYR B 123 25.35 10.82 -2.51
CA TYR B 123 26.64 10.18 -2.70
C TYR B 123 27.29 10.78 -3.93
N LEU B 124 28.52 11.25 -3.77
CA LEU B 124 29.25 11.82 -4.89
C LEU B 124 30.04 10.76 -5.64
N ASN B 125 29.93 9.49 -5.24
CA ASN B 125 30.78 8.44 -5.82
C ASN B 125 30.01 7.15 -5.98
N GLY B 126 30.61 6.24 -6.75
CA GLY B 126 30.21 4.86 -6.80
C GLY B 126 31.32 4.01 -7.35
N ASP B 127 31.05 2.72 -7.53
CA ASP B 127 32.08 1.80 -7.95
C ASP B 127 31.42 0.70 -8.78
N CYS B 128 31.45 0.83 -10.11
CA CYS B 128 30.64 0.01 -10.99
C CYS B 128 31.55 -0.92 -11.79
N HIS B 129 31.26 -2.22 -11.75
CA HIS B 129 32.19 -3.22 -12.29
C HIS B 129 31.64 -4.02 -13.46
N HIS B 130 30.32 -4.30 -13.42
CA HIS B 130 29.76 -5.44 -14.14
C HIS B 130 28.55 -5.04 -14.96
N PRO B 131 28.74 -4.57 -16.22
CA PRO B 131 27.63 -4.11 -17.06
C PRO B 131 27.11 -5.27 -17.90
N HIS B 132 25.77 -5.45 -17.90
CA HIS B 132 25.15 -6.58 -18.59
C HIS B 132 23.88 -6.07 -19.27
N ILE B 133 23.59 -6.65 -20.44
N ILE B 133 23.62 -6.64 -20.47
CA ILE B 133 22.48 -6.23 -21.26
CA ILE B 133 22.52 -6.28 -21.33
C ILE B 133 21.40 -7.31 -21.32
C ILE B 133 21.40 -7.32 -21.27
N SER B 134 20.17 -6.83 -21.23
CA SER B 134 18.97 -7.63 -21.18
C SER B 134 18.88 -8.58 -22.37
N MET B 135 18.35 -9.76 -22.09
N MET B 135 18.33 -9.75 -22.09
CA MET B 135 18.28 -10.85 -23.06
CA MET B 135 18.27 -10.82 -23.06
C MET B 135 16.85 -11.35 -23.21
C MET B 135 16.84 -11.32 -23.22
N THR B 136 16.60 -11.87 -24.42
CA THR B 136 15.37 -12.60 -24.73
C THR B 136 15.82 -13.92 -25.34
N ASP B 137 15.43 -15.03 -24.69
CA ASP B 137 15.79 -16.37 -25.11
C ASP B 137 17.30 -16.50 -25.39
N GLY B 138 18.10 -15.97 -24.44
CA GLY B 138 19.54 -16.15 -24.52
C GLY B 138 20.25 -15.35 -25.61
N ARG B 139 19.59 -14.32 -26.18
CA ARG B 139 20.17 -13.41 -27.15
C ARG B 139 20.01 -11.97 -26.60
N TYR B 140 20.98 -11.10 -26.85
CA TYR B 140 20.87 -9.73 -26.38
C TYR B 140 19.70 -9.03 -27.09
N ASP B 141 18.86 -8.31 -26.33
CA ASP B 141 17.68 -7.67 -26.87
C ASP B 141 17.80 -6.14 -26.93
N GLY B 142 18.83 -5.56 -26.32
CA GLY B 142 19.12 -4.15 -26.50
C GLY B 142 18.24 -3.20 -25.69
N LYS B 143 17.46 -3.72 -24.73
CA LYS B 143 16.56 -2.82 -24.04
C LYS B 143 17.26 -2.06 -22.91
N TYR B 144 17.92 -2.83 -22.03
CA TYR B 144 18.46 -2.28 -20.79
C TYR B 144 19.89 -2.77 -20.57
N LEU B 145 20.66 -1.92 -19.90
CA LEU B 145 21.90 -2.31 -19.28
C LEU B 145 21.75 -2.20 -17.76
N PHE B 146 22.33 -3.13 -17.02
CA PHE B 146 22.35 -3.09 -15.56
C PHE B 146 23.78 -3.14 -15.08
N ILE B 147 24.01 -2.49 -13.94
CA ILE B 147 25.37 -2.47 -13.35
C ILE B 147 25.31 -2.29 -11.84
N ASN B 148 26.30 -2.84 -11.14
CA ASN B 148 26.40 -2.72 -9.69
C ASN B 148 27.10 -1.44 -9.21
N ASP B 149 26.90 -1.14 -7.91
CA ASP B 149 27.68 -0.17 -7.17
C ASP B 149 28.19 -0.81 -5.89
N LYS B 150 29.51 -1.10 -5.84
CA LYS B 150 30.12 -1.69 -4.65
C LYS B 150 30.30 -0.68 -3.53
N ALA B 151 30.38 0.61 -3.88
CA ALA B 151 30.70 1.60 -2.87
C ALA B 151 29.56 1.90 -1.93
N ASN B 152 28.37 2.18 -2.50
CA ASN B 152 27.22 2.65 -1.70
C ASN B 152 26.02 1.71 -1.88
N THR B 153 26.23 0.47 -2.29
CA THR B 153 25.29 -0.65 -2.20
C THR B 153 24.01 -0.37 -3.00
N ARG B 154 24.20 -0.27 -4.30
CA ARG B 154 23.14 0.07 -5.24
C ARG B 154 23.29 -0.75 -6.51
N VAL B 155 22.19 -0.78 -7.29
CA VAL B 155 22.16 -1.33 -8.65
C VAL B 155 21.49 -0.29 -9.50
N ALA B 156 21.99 -0.10 -10.73
CA ALA B 156 21.43 0.85 -11.68
C ALA B 156 20.91 0.09 -12.90
N ARG B 157 19.91 0.70 -13.55
CA ARG B 157 19.43 0.33 -14.87
C ARG B 157 19.57 1.54 -15.79
N ILE B 158 20.07 1.26 -17.00
N ILE B 158 20.07 1.26 -17.00
CA ILE B 158 20.27 2.22 -18.05
CA ILE B 158 20.29 2.22 -18.05
C ILE B 158 19.32 1.85 -19.19
C ILE B 158 19.34 1.86 -19.19
N ARG B 159 18.62 2.87 -19.71
CA ARG B 159 17.80 2.70 -20.89
C ARG B 159 18.68 2.88 -22.11
N LEU B 160 18.75 1.87 -22.98
CA LEU B 160 19.66 1.91 -24.13
C LEU B 160 19.03 2.66 -25.31
N ASP B 161 17.77 3.09 -25.24
CA ASP B 161 17.22 3.92 -26.29
C ASP B 161 17.78 5.33 -26.24
N ILE B 162 18.06 5.88 -25.03
CA ILE B 162 18.59 7.22 -24.90
C ILE B 162 19.96 7.24 -24.22
N MET B 163 20.48 6.07 -23.79
N MET B 163 20.38 6.06 -23.72
CA MET B 163 21.77 5.97 -23.12
CA MET B 163 21.67 5.87 -23.08
C MET B 163 21.82 6.85 -21.86
C MET B 163 21.81 6.80 -21.88
N LYS B 164 20.83 6.63 -20.98
CA LYS B 164 20.74 7.35 -19.74
C LYS B 164 20.30 6.35 -18.65
N THR B 165 20.86 6.51 -17.44
CA THR B 165 20.35 5.81 -16.27
C THR B 165 18.88 6.22 -16.03
N ASP B 166 18.02 5.24 -15.74
CA ASP B 166 16.63 5.52 -15.42
C ASP B 166 16.17 4.92 -14.10
N LYS B 167 16.94 4.03 -13.45
CA LYS B 167 16.52 3.50 -12.17
C LYS B 167 17.75 3.25 -11.34
N ILE B 168 17.68 3.55 -10.03
CA ILE B 168 18.69 3.20 -9.08
C ILE B 168 17.98 2.59 -7.87
N THR B 169 18.41 1.41 -7.46
CA THR B 169 17.81 0.68 -6.36
C THR B 169 18.85 0.45 -5.28
N HIS B 170 18.50 0.79 -4.02
CA HIS B 170 19.34 0.56 -2.86
C HIS B 170 19.05 -0.85 -2.39
N ILE B 171 20.07 -1.70 -2.27
CA ILE B 171 19.83 -3.08 -1.89
C ILE B 171 19.87 -3.21 -0.36
N PRO B 172 18.80 -3.73 0.27
CA PRO B 172 18.70 -3.69 1.72
C PRO B 172 19.45 -4.78 2.47
N ASN B 173 20.00 -4.38 3.62
CA ASN B 173 20.51 -5.32 4.63
C ASN B 173 21.72 -6.12 4.16
N VAL B 174 22.44 -5.53 3.20
CA VAL B 174 23.71 -6.07 2.69
C VAL B 174 24.66 -4.87 2.48
N GLN B 175 25.94 -5.23 2.24
CA GLN B 175 26.95 -4.25 1.82
C GLN B 175 27.73 -4.73 0.61
N ALA B 176 27.94 -3.73 -0.29
CA ALA B 176 28.92 -3.80 -1.36
C ALA B 176 28.44 -4.76 -2.47
N ILE B 177 27.61 -4.21 -3.37
CA ILE B 177 27.14 -5.02 -4.48
C ILE B 177 28.28 -5.19 -5.47
N HIS B 178 28.68 -6.45 -5.72
CA HIS B 178 29.84 -6.75 -6.54
C HIS B 178 29.39 -7.48 -7.81
N GLY B 179 29.38 -8.80 -7.78
CA GLY B 179 28.90 -9.59 -8.91
C GLY B 179 27.47 -9.19 -9.29
N LEU B 180 27.26 -9.10 -10.58
CA LEU B 180 25.94 -8.85 -11.15
C LEU B 180 25.91 -9.53 -12.51
N ARG B 181 24.87 -10.31 -12.78
CA ARG B 181 24.57 -10.76 -14.13
C ARG B 181 23.09 -11.03 -14.23
N LEU B 182 22.63 -11.30 -15.46
CA LEU B 182 21.20 -11.35 -15.74
C LEU B 182 20.73 -12.75 -16.05
N GLN B 183 19.46 -12.99 -15.75
CA GLN B 183 18.78 -14.15 -16.27
C GLN B 183 18.82 -14.08 -17.80
N LYS B 184 19.04 -15.22 -18.44
CA LYS B 184 19.16 -15.30 -19.89
C LYS B 184 17.87 -15.81 -20.53
N VAL B 185 17.19 -16.75 -19.84
CA VAL B 185 16.12 -17.55 -20.44
C VAL B 185 15.01 -17.67 -19.40
N PRO B 186 13.70 -17.55 -19.74
CA PRO B 186 13.22 -17.26 -21.08
C PRO B 186 13.54 -15.85 -21.57
N LYS B 187 13.87 -14.97 -20.60
CA LYS B 187 14.29 -13.60 -20.87
C LYS B 187 14.77 -13.05 -19.53
N THR B 188 15.28 -11.82 -19.53
CA THR B 188 15.74 -11.20 -18.30
C THR B 188 14.53 -10.69 -17.51
N ASN B 189 14.04 -11.58 -16.62
CA ASN B 189 13.05 -11.19 -15.65
C ASN B 189 13.75 -10.78 -14.35
N TYR B 190 14.85 -11.45 -14.04
CA TYR B 190 15.63 -11.16 -12.84
C TYR B 190 17.02 -10.65 -13.17
N VAL B 191 17.46 -9.67 -12.36
CA VAL B 191 18.82 -9.20 -12.20
C VAL B 191 19.36 -9.86 -10.94
N PHE B 192 20.47 -10.59 -11.04
CA PHE B 192 21.04 -11.32 -9.92
C PHE B 192 22.27 -10.57 -9.41
N CYS B 193 22.31 -10.30 -8.10
N CYS B 193 22.35 -10.31 -8.11
CA CYS B 193 23.26 -9.38 -7.48
CA CYS B 193 23.52 -9.58 -7.68
C CYS B 193 23.92 -10.06 -6.27
C CYS B 193 23.93 -9.98 -6.28
N ASN B 194 25.26 -10.04 -6.18
CA ASN B 194 25.98 -10.49 -5.02
C ASN B 194 26.34 -9.31 -4.12
N ALA B 195 26.27 -9.52 -2.80
CA ALA B 195 26.82 -8.59 -1.83
C ALA B 195 28.04 -9.22 -1.23
N GLU B 196 29.17 -8.50 -1.27
CA GLU B 196 30.46 -9.09 -1.01
C GLU B 196 30.79 -9.24 0.48
N PHE B 197 30.34 -8.31 1.33
CA PHE B 197 30.86 -8.15 2.67
C PHE B 197 29.85 -8.57 3.73
N VAL B 198 30.21 -9.57 4.54
CA VAL B 198 29.26 -10.04 5.56
C VAL B 198 29.06 -8.97 6.64
N ILE B 199 27.80 -8.81 7.03
CA ILE B 199 27.46 -7.88 8.10
C ILE B 199 26.46 -8.53 9.07
N PRO B 200 26.32 -8.00 10.28
CA PRO B 200 25.27 -8.47 11.17
C PRO B 200 23.88 -8.29 10.57
N GLN B 201 22.95 -9.18 10.95
CA GLN B 201 21.56 -9.10 10.52
C GLN B 201 20.62 -8.98 11.72
N PRO B 202 20.03 -7.82 11.97
CA PRO B 202 20.22 -6.59 11.19
C PRO B 202 21.51 -5.88 11.64
N ASN B 203 21.92 -4.92 10.83
CA ASN B 203 23.19 -4.24 11.12
C ASN B 203 22.94 -2.96 11.90
N ASP B 204 22.78 -3.08 13.23
CA ASP B 204 22.25 -2.03 14.07
C ASP B 204 23.20 -1.64 15.22
N GLY B 205 24.42 -2.20 15.23
CA GLY B 205 25.40 -1.82 16.24
C GLY B 205 25.28 -2.59 17.56
N THR B 206 24.34 -3.55 17.64
CA THR B 206 24.25 -4.29 18.90
C THR B 206 25.23 -5.47 18.98
N ASP B 207 25.72 -5.97 17.83
CA ASP B 207 26.60 -7.12 17.77
C ASP B 207 27.50 -6.97 16.56
N PHE B 208 28.78 -6.67 16.78
CA PHE B 208 29.69 -6.47 15.65
C PHE B 208 30.35 -7.76 15.20
N SER B 209 30.06 -8.91 15.81
CA SER B 209 30.87 -10.10 15.59
C SER B 209 30.77 -10.61 14.15
N LEU B 210 31.92 -11.02 13.61
CA LEU B 210 31.98 -11.73 12.34
C LEU B 210 31.21 -13.05 12.40
N ASP B 211 31.23 -13.67 13.59
CA ASP B 211 30.58 -14.93 13.84
C ASP B 211 29.11 -14.89 13.44
N ASN B 212 28.48 -13.73 13.66
CA ASN B 212 27.06 -13.57 13.41
C ASN B 212 26.83 -12.64 12.24
N SER B 213 27.82 -12.50 11.38
CA SER B 213 27.69 -11.69 10.17
C SER B 213 27.47 -12.58 8.96
N TYR B 214 26.62 -12.11 8.04
CA TYR B 214 26.23 -12.84 6.85
C TYR B 214 26.02 -11.86 5.70
N THR B 215 26.02 -12.44 4.50
CA THR B 215 25.59 -11.73 3.29
C THR B 215 24.45 -12.48 2.63
N MET B 216 23.91 -11.85 1.57
CA MET B 216 22.77 -12.39 0.85
C MET B 216 22.99 -12.20 -0.65
N PHE B 217 22.37 -13.10 -1.41
CA PHE B 217 22.20 -13.02 -2.83
C PHE B 217 20.85 -12.39 -3.14
N THR B 218 20.80 -11.44 -4.06
CA THR B 218 19.59 -10.67 -4.31
C THR B 218 19.11 -10.80 -5.74
N ALA B 219 17.81 -11.00 -5.94
CA ALA B 219 17.18 -10.93 -7.25
C ALA B 219 16.33 -9.67 -7.31
N ILE B 220 16.50 -8.88 -8.36
CA ILE B 220 15.71 -7.70 -8.62
C ILE B 220 14.82 -7.99 -9.82
N ASP B 221 13.58 -7.53 -9.76
CA ASP B 221 12.73 -7.54 -10.93
C ASP B 221 13.27 -6.55 -11.96
N ALA B 222 13.66 -7.04 -13.15
CA ALA B 222 14.34 -6.22 -14.14
C ALA B 222 13.44 -5.10 -14.65
N GLU B 223 12.12 -5.34 -14.78
N GLU B 223 12.12 -5.32 -14.77
CA GLU B 223 11.22 -4.36 -15.37
CA GLU B 223 11.23 -4.33 -15.39
C GLU B 223 10.86 -3.24 -14.39
C GLU B 223 10.82 -3.24 -14.40
N THR B 224 10.64 -3.57 -13.12
CA THR B 224 10.26 -2.58 -12.12
C THR B 224 11.45 -1.99 -11.39
N MET B 225 12.56 -2.76 -11.34
CA MET B 225 13.73 -2.49 -10.52
C MET B 225 13.45 -2.54 -9.01
N ASP B 226 12.34 -3.13 -8.60
CA ASP B 226 12.12 -3.43 -7.19
C ASP B 226 12.74 -4.78 -6.85
N VAL B 227 13.34 -4.87 -5.68
CA VAL B 227 13.93 -6.12 -5.22
C VAL B 227 12.82 -7.17 -5.12
N ALA B 228 13.10 -8.38 -5.61
CA ALA B 228 12.14 -9.47 -5.58
C ALA B 228 12.29 -10.32 -4.33
N TRP B 229 13.53 -10.73 -4.01
CA TRP B 229 13.81 -11.59 -2.87
C TRP B 229 15.31 -11.65 -2.68
N GLN B 230 15.68 -12.17 -1.51
CA GLN B 230 17.06 -12.37 -1.14
C GLN B 230 17.24 -13.75 -0.50
N VAL B 231 18.45 -14.29 -0.62
CA VAL B 231 18.85 -15.58 -0.10
C VAL B 231 20.03 -15.39 0.84
N ILE B 232 19.87 -15.78 2.09
CA ILE B 232 20.99 -15.79 3.04
C ILE B 232 21.89 -16.97 2.70
N VAL B 233 23.20 -16.69 2.62
CA VAL B 233 24.18 -17.72 2.33
C VAL B 233 25.20 -17.79 3.47
N ASP B 234 25.93 -18.90 3.49
CA ASP B 234 27.17 -18.98 4.24
C ASP B 234 28.28 -18.27 3.46
N GLY B 235 29.44 -18.04 4.11
CA GLY B 235 30.57 -17.45 3.39
C GLY B 235 30.25 -16.08 2.80
N ASN B 236 30.72 -15.79 1.59
CA ASN B 236 30.43 -14.51 0.95
C ASN B 236 30.15 -14.79 -0.52
N LEU B 237 30.03 -13.69 -1.30
CA LEU B 237 29.69 -13.77 -2.70
C LEU B 237 30.60 -12.81 -3.46
N ASP B 238 31.17 -13.26 -4.54
CA ASP B 238 32.10 -12.48 -5.36
C ASP B 238 31.46 -12.22 -6.72
N ASN B 239 31.53 -13.15 -7.68
CA ASN B 239 30.96 -12.99 -9.02
C ASN B 239 29.84 -14.00 -9.23
N THR B 240 28.99 -13.73 -10.22
CA THR B 240 27.79 -14.53 -10.46
C THR B 240 27.48 -14.66 -11.95
N ASP B 241 26.82 -15.77 -12.32
CA ASP B 241 26.26 -15.96 -13.68
C ASP B 241 25.03 -16.85 -13.59
N ALA B 242 24.35 -16.98 -14.73
CA ALA B 242 23.07 -17.66 -14.84
C ALA B 242 23.15 -18.68 -15.98
N ASP B 243 22.26 -19.66 -15.95
CA ASP B 243 22.22 -20.70 -16.98
C ASP B 243 21.37 -20.27 -18.16
N TYR B 244 21.10 -21.22 -19.09
CA TYR B 244 20.27 -20.97 -20.28
C TYR B 244 18.90 -21.66 -20.14
N THR B 245 18.43 -21.82 -18.88
CA THR B 245 17.07 -22.34 -18.68
C THR B 245 16.18 -21.44 -17.81
N GLY B 246 16.82 -20.61 -16.95
CA GLY B 246 16.09 -19.82 -15.99
C GLY B 246 16.11 -20.45 -14.59
N LYS B 247 16.46 -21.73 -14.50
CA LYS B 247 16.38 -22.47 -13.24
C LYS B 247 17.50 -22.11 -12.25
N TYR B 248 18.70 -21.91 -12.77
CA TYR B 248 19.89 -21.82 -11.95
C TYR B 248 20.65 -20.51 -12.15
N ALA B 249 21.24 -20.08 -11.04
CA ALA B 249 22.28 -19.06 -10.99
C ALA B 249 23.36 -19.60 -10.07
N ALA B 250 24.55 -19.04 -10.14
CA ALA B 250 25.66 -19.49 -9.32
C ALA B 250 26.62 -18.34 -9.05
N SER B 251 27.25 -18.40 -7.88
CA SER B 251 28.19 -17.39 -7.44
C SER B 251 29.44 -18.01 -6.83
N THR B 252 30.59 -17.36 -7.04
CA THR B 252 31.78 -17.73 -6.29
C THR B 252 31.73 -17.14 -4.88
N CYS B 253 32.49 -17.77 -3.98
CA CYS B 253 32.76 -17.32 -2.61
C CYS B 253 34.27 -17.37 -2.41
N TYR B 254 34.89 -16.32 -1.89
CA TYR B 254 36.30 -16.42 -1.49
C TYR B 254 36.50 -16.42 0.01
N ASN B 255 35.48 -16.01 0.78
CA ASN B 255 35.56 -15.83 2.22
C ASN B 255 34.59 -16.82 2.90
N SER B 256 34.74 -18.12 2.63
CA SER B 256 34.01 -19.13 3.39
C SER B 256 34.31 -18.99 4.87
N GLU B 257 35.45 -18.39 5.22
CA GLU B 257 35.94 -18.22 6.58
C GLU B 257 35.26 -17.05 7.30
N ARG B 258 34.56 -16.17 6.55
CA ARG B 258 33.98 -14.95 7.12
C ARG B 258 35.00 -14.21 8.00
N ALA B 259 36.18 -13.97 7.43
CA ALA B 259 37.25 -13.28 8.10
C ALA B 259 37.49 -11.89 7.49
N VAL B 260 38.16 -11.06 8.27
CA VAL B 260 38.64 -9.77 7.75
C VAL B 260 40.14 -9.87 7.47
N ASP B 261 40.88 -10.54 8.34
CA ASP B 261 42.31 -10.56 8.23
C ASP B 261 42.69 -11.48 7.07
N LEU B 262 43.80 -11.12 6.45
CA LEU B 262 44.23 -11.77 5.24
C LEU B 262 44.40 -13.26 5.45
N ALA B 263 45.06 -13.71 6.52
CA ALA B 263 45.27 -15.13 6.72
C ALA B 263 43.97 -15.89 6.89
N GLY B 264 43.02 -15.27 7.58
CA GLY B 264 41.70 -15.87 7.72
C GLY B 264 40.99 -16.08 6.39
N THR B 265 41.05 -15.10 5.48
CA THR B 265 40.38 -15.21 4.19
C THR B 265 40.99 -16.30 3.31
N MET B 266 42.22 -16.75 3.62
CA MET B 266 42.97 -17.74 2.84
C MET B 266 43.13 -19.07 3.58
N ARG B 267 42.41 -19.25 4.71
CA ARG B 267 42.69 -20.41 5.53
C ARG B 267 42.25 -21.69 4.84
N ASN B 268 41.05 -21.70 4.24
CA ASN B 268 40.53 -22.96 3.76
C ASN B 268 41.19 -23.31 2.44
N ASP B 269 41.50 -24.61 2.23
CA ASP B 269 42.04 -25.05 0.95
C ASP B 269 41.07 -24.83 -0.20
N ARG B 270 39.76 -24.95 0.09
N ARG B 270 39.77 -24.94 0.10
CA ARG B 270 38.75 -24.66 -0.89
CA ARG B 270 38.75 -24.65 -0.89
C ARG B 270 37.70 -23.74 -0.28
C ARG B 270 37.70 -23.74 -0.28
N ASP B 271 37.15 -22.84 -1.11
CA ASP B 271 35.88 -22.16 -0.80
C ASP B 271 34.83 -22.90 -1.61
N TRP B 272 33.96 -22.19 -2.36
CA TRP B 272 32.94 -22.89 -3.10
C TRP B 272 32.36 -21.99 -4.18
N VAL B 273 31.64 -22.64 -5.09
CA VAL B 273 30.58 -22.03 -5.87
C VAL B 273 29.28 -22.40 -5.20
N VAL B 274 28.46 -21.40 -4.92
CA VAL B 274 27.11 -21.66 -4.42
C VAL B 274 26.15 -21.57 -5.58
N VAL B 275 25.41 -22.66 -5.82
CA VAL B 275 24.40 -22.66 -6.86
C VAL B 275 23.01 -22.44 -6.25
N PHE B 276 22.26 -21.52 -6.83
CA PHE B 276 20.91 -21.18 -6.40
C PHE B 276 19.87 -21.83 -7.33
N ASN B 277 18.94 -22.55 -6.72
CA ASN B 277 17.80 -23.12 -7.44
C ASN B 277 16.73 -22.02 -7.45
N VAL B 278 16.81 -21.19 -8.49
CA VAL B 278 15.92 -20.05 -8.63
C VAL B 278 14.46 -20.50 -8.67
N GLU B 279 14.17 -21.66 -9.31
CA GLU B 279 12.81 -22.17 -9.35
C GLU B 279 12.26 -22.43 -7.95
N ARG B 280 13.04 -23.12 -7.09
CA ARG B 280 12.61 -23.41 -5.74
C ARG B 280 12.47 -22.14 -4.93
N ILE B 281 13.44 -21.23 -5.09
CA ILE B 281 13.37 -19.97 -4.34
C ILE B 281 12.09 -19.21 -4.69
N ALA B 282 11.84 -18.99 -5.97
CA ALA B 282 10.69 -18.19 -6.42
C ALA B 282 9.41 -18.85 -5.91
N ALA B 283 9.35 -20.18 -5.88
CA ALA B 283 8.18 -20.89 -5.40
C ALA B 283 7.94 -20.69 -3.91
N ALA B 284 9.01 -20.71 -3.11
CA ALA B 284 8.86 -20.48 -1.69
C ALA B 284 8.39 -19.07 -1.42
N VAL B 285 8.92 -18.10 -2.15
CA VAL B 285 8.50 -16.70 -2.00
C VAL B 285 7.04 -16.54 -2.38
N LYS B 286 6.63 -17.17 -3.50
CA LYS B 286 5.24 -17.11 -3.95
C LYS B 286 4.30 -17.71 -2.89
N ALA B 287 4.72 -18.78 -2.22
CA ALA B 287 3.95 -19.50 -1.21
C ALA B 287 3.90 -18.75 0.12
N GLY B 288 4.73 -17.72 0.31
CA GLY B 288 4.80 -16.95 1.54
C GLY B 288 5.76 -17.55 2.59
N ASN B 289 6.63 -18.48 2.17
CA ASN B 289 7.52 -19.19 3.07
C ASN B 289 8.85 -18.46 3.11
N PHE B 290 8.83 -17.32 3.78
CA PHE B 290 10.00 -16.45 3.88
C PHE B 290 9.94 -15.66 5.19
N LYS B 291 11.03 -14.97 5.50
CA LYS B 291 11.08 -14.02 6.60
C LYS B 291 11.49 -12.65 6.08
N THR B 292 11.59 -11.69 7.00
CA THR B 292 12.10 -10.37 6.63
C THR B 292 13.15 -9.95 7.67
N ILE B 293 14.05 -9.07 7.24
CA ILE B 293 15.11 -8.56 8.10
C ILE B 293 14.95 -7.04 8.24
N GLY B 294 15.12 -6.58 9.48
CA GLY B 294 15.19 -5.17 9.74
C GLY B 294 13.95 -4.43 9.33
N ASP B 295 14.18 -3.31 8.68
CA ASP B 295 13.13 -2.40 8.24
C ASP B 295 12.67 -2.71 6.82
N SER B 296 13.18 -3.79 6.20
CA SER B 296 12.83 -4.10 4.82
C SER B 296 11.71 -5.14 4.75
N LYS B 297 10.79 -4.94 3.79
CA LYS B 297 9.73 -5.89 3.53
C LYS B 297 10.12 -6.92 2.48
N VAL B 298 11.38 -6.92 2.03
CA VAL B 298 11.78 -7.83 1.01
C VAL B 298 11.74 -9.26 1.53
N PRO B 299 11.19 -10.22 0.75
CA PRO B 299 11.26 -11.61 1.18
C PRO B 299 12.67 -12.18 1.27
N VAL B 300 12.97 -12.84 2.39
CA VAL B 300 14.27 -13.45 2.60
C VAL B 300 14.08 -14.94 2.88
N VAL B 301 14.76 -15.76 2.09
CA VAL B 301 14.83 -17.17 2.37
C VAL B 301 16.22 -17.57 2.83
N ASP B 302 16.30 -18.67 3.55
CA ASP B 302 17.58 -19.04 4.15
C ASP B 302 18.23 -20.15 3.36
N GLY B 303 19.34 -19.84 2.70
CA GLY B 303 20.14 -20.80 1.96
C GLY B 303 21.40 -21.30 2.67
N ARG B 304 21.51 -21.05 3.98
CA ARG B 304 22.66 -21.52 4.71
C ARG B 304 22.57 -23.02 4.92
N GLY B 305 23.76 -23.61 5.06
CA GLY B 305 23.87 -25.01 5.44
C GLY B 305 23.20 -25.90 4.42
N GLU B 306 22.49 -26.91 4.91
CA GLU B 306 21.71 -27.82 4.09
C GLU B 306 20.34 -27.20 3.88
N SER B 307 20.13 -26.77 2.65
CA SER B 307 18.96 -26.02 2.26
C SER B 307 18.47 -26.57 0.94
N GLU B 308 17.17 -26.46 0.68
CA GLU B 308 16.63 -26.84 -0.60
C GLU B 308 17.00 -25.84 -1.71
N PHE B 309 17.42 -24.62 -1.30
CA PHE B 309 17.60 -23.53 -2.26
C PHE B 309 19.01 -23.46 -2.84
N THR B 310 20.00 -24.09 -2.19
CA THR B 310 21.41 -23.89 -2.47
C THR B 310 22.18 -25.20 -2.49
N ARG B 311 23.29 -25.23 -3.23
CA ARG B 311 24.30 -26.26 -3.14
C ARG B 311 25.67 -25.58 -3.13
N TYR B 312 26.54 -26.02 -2.22
CA TYR B 312 27.87 -25.45 -1.99
C TYR B 312 28.92 -26.42 -2.54
N ILE B 313 29.33 -26.17 -3.79
CA ILE B 313 30.28 -27.06 -4.48
C ILE B 313 31.68 -26.57 -4.15
N PRO B 314 32.52 -27.36 -3.44
CA PRO B 314 33.87 -26.89 -3.07
C PRO B 314 34.77 -26.62 -4.28
N VAL B 315 35.45 -25.48 -4.31
CA VAL B 315 36.32 -25.04 -5.39
C VAL B 315 37.50 -24.32 -4.78
N PRO B 316 38.73 -24.67 -5.17
CA PRO B 316 39.93 -23.94 -4.73
C PRO B 316 40.16 -22.72 -5.63
N LYS B 317 40.71 -21.61 -5.13
CA LYS B 317 40.95 -21.26 -3.74
C LYS B 317 40.83 -19.74 -3.72
N ASN B 318 39.85 -19.22 -2.95
CA ASN B 318 39.43 -17.84 -3.10
C ASN B 318 39.05 -17.59 -4.55
N PRO B 319 38.17 -18.44 -5.13
CA PRO B 319 37.86 -18.31 -6.53
C PRO B 319 37.12 -17.00 -6.81
N HIS B 320 37.18 -16.56 -8.08
CA HIS B 320 36.88 -15.17 -8.41
C HIS B 320 35.80 -15.14 -9.52
N GLY B 321 36.21 -15.14 -10.78
CA GLY B 321 35.20 -15.08 -11.82
C GLY B 321 34.31 -16.33 -11.86
N LEU B 322 33.09 -16.16 -12.34
CA LEU B 322 32.14 -17.25 -12.57
C LEU B 322 31.46 -16.99 -13.90
N ASN B 323 31.69 -17.85 -14.91
CA ASN B 323 31.36 -17.56 -16.29
C ASN B 323 30.60 -18.73 -16.90
N THR B 324 29.46 -18.45 -17.50
CA THR B 324 28.63 -19.46 -18.17
C THR B 324 29.04 -19.61 -19.62
N SER B 325 29.28 -20.87 -20.04
CA SER B 325 29.62 -21.12 -21.43
C SER B 325 28.40 -20.90 -22.32
N PRO B 326 28.57 -20.42 -23.58
CA PRO B 326 27.45 -20.02 -24.46
C PRO B 326 26.63 -21.15 -25.06
N ASP B 327 27.10 -22.39 -24.86
CA ASP B 327 26.34 -23.59 -25.18
C ASP B 327 25.47 -24.03 -24.01
N GLY B 328 25.51 -23.26 -22.90
CA GLY B 328 24.70 -23.58 -21.75
C GLY B 328 25.21 -24.74 -20.89
N LYS B 329 26.38 -25.31 -21.19
CA LYS B 329 26.80 -26.53 -20.53
C LYS B 329 27.44 -26.32 -19.16
N TYR B 330 28.16 -25.18 -18.98
CA TYR B 330 29.11 -25.09 -17.88
C TYR B 330 29.03 -23.75 -17.16
N PHE B 331 29.20 -23.83 -15.84
CA PHE B 331 29.66 -22.69 -15.07
C PHE B 331 31.14 -22.91 -14.81
N ILE B 332 31.99 -21.93 -15.14
CA ILE B 332 33.41 -22.02 -14.90
C ILE B 332 33.81 -21.03 -13.81
N ALA B 333 34.32 -21.59 -12.73
CA ALA B 333 34.83 -20.79 -11.63
C ALA B 333 36.33 -20.64 -11.80
N ASN B 334 36.87 -19.45 -11.54
CA ASN B 334 38.27 -19.15 -11.80
C ASN B 334 39.00 -19.24 -10.47
N GLY B 335 40.09 -20.03 -10.44
CA GLY B 335 40.67 -20.48 -9.17
C GLY B 335 41.48 -19.48 -8.37
N LYS B 336 41.95 -18.39 -9.02
CA LYS B 336 42.71 -17.31 -8.43
C LYS B 336 43.94 -17.81 -7.66
N LEU B 337 43.87 -18.08 -6.36
CA LEU B 337 45.01 -18.57 -5.60
C LEU B 337 45.38 -19.99 -5.99
N SER B 338 44.42 -20.71 -6.55
CA SER B 338 44.68 -22.01 -7.16
C SER B 338 44.93 -21.78 -8.63
N PRO B 339 45.95 -22.40 -9.25
CA PRO B 339 46.25 -22.11 -10.66
C PRO B 339 45.41 -22.88 -11.67
N THR B 340 44.10 -22.94 -11.38
CA THR B 340 43.13 -23.80 -12.02
C THR B 340 41.86 -22.99 -12.32
N VAL B 341 41.00 -23.58 -13.13
CA VAL B 341 39.58 -23.24 -13.12
C VAL B 341 38.84 -24.52 -12.80
N SER B 342 37.59 -24.39 -12.40
CA SER B 342 36.72 -25.50 -12.05
C SER B 342 35.49 -25.42 -12.95
N VAL B 343 35.25 -26.51 -13.69
CA VAL B 343 34.19 -26.58 -14.67
C VAL B 343 33.04 -27.41 -14.10
N ILE B 344 31.91 -26.74 -13.86
CA ILE B 344 30.73 -27.33 -13.26
C ILE B 344 29.73 -27.60 -14.38
N ALA B 345 29.26 -28.87 -14.46
CA ALA B 345 28.33 -29.29 -15.48
C ALA B 345 26.92 -28.94 -15.04
N ILE B 346 26.30 -27.97 -15.72
CA ILE B 346 24.94 -27.53 -15.41
C ILE B 346 23.91 -28.67 -15.55
N ASP B 347 24.14 -29.58 -16.49
CA ASP B 347 23.24 -30.71 -16.71
C ASP B 347 23.28 -31.74 -15.59
N LYS B 348 24.22 -31.62 -14.63
CA LYS B 348 24.22 -32.47 -13.44
C LYS B 348 23.51 -31.82 -12.24
N LEU B 349 23.11 -30.55 -12.34
CA LEU B 349 22.59 -29.86 -11.16
C LEU B 349 21.24 -30.41 -10.73
N ASP B 350 20.37 -30.85 -11.67
CA ASP B 350 19.09 -31.41 -11.24
C ASP B 350 19.32 -32.60 -10.30
N ASP B 351 20.24 -33.48 -10.72
CA ASP B 351 20.58 -34.64 -9.91
C ASP B 351 21.14 -34.21 -8.56
N LEU B 352 21.98 -33.17 -8.53
CA LEU B 352 22.55 -32.71 -7.27
C LEU B 352 21.47 -32.15 -6.31
N PHE B 353 20.44 -31.47 -6.84
CA PHE B 353 19.38 -30.91 -6.02
C PHE B 353 18.37 -31.97 -5.57
N GLU B 354 18.53 -33.19 -6.10
CA GLU B 354 17.82 -34.38 -5.60
C GLU B 354 18.72 -35.29 -4.76
N ASP B 355 19.95 -34.88 -4.46
CA ASP B 355 20.95 -35.63 -3.68
C ASP B 355 21.27 -36.98 -4.31
N LYS B 356 21.28 -37.04 -5.64
CA LYS B 356 21.54 -38.31 -6.33
C LYS B 356 23.04 -38.49 -6.62
N ILE B 357 23.81 -37.38 -6.60
CA ILE B 357 25.23 -37.37 -6.82
C ILE B 357 25.89 -36.50 -5.72
N GLU B 358 27.21 -36.61 -5.61
CA GLU B 358 27.99 -35.80 -4.67
C GLU B 358 28.21 -34.40 -5.27
N LEU B 359 28.45 -33.44 -4.40
CA LEU B 359 28.76 -32.07 -4.80
C LEU B 359 29.88 -32.03 -5.85
N ARG B 360 30.99 -32.70 -5.57
CA ARG B 360 32.14 -32.66 -6.46
C ARG B 360 31.94 -33.49 -7.73
N ASP B 361 30.89 -34.33 -7.80
CA ASP B 361 30.55 -35.04 -9.04
C ASP B 361 30.10 -34.09 -10.16
N THR B 362 29.73 -32.83 -9.81
CA THR B 362 29.39 -31.86 -10.83
C THR B 362 30.62 -31.30 -11.54
N ILE B 363 31.80 -31.48 -10.94
CA ILE B 363 33.05 -30.99 -11.51
C ILE B 363 33.49 -31.98 -12.60
N VAL B 364 33.51 -31.51 -13.83
CA VAL B 364 33.90 -32.32 -14.97
C VAL B 364 35.32 -32.03 -15.44
N ALA B 365 35.92 -30.90 -15.03
CA ALA B 365 37.29 -30.57 -15.35
C ALA B 365 37.79 -29.62 -14.27
N GLU B 366 39.09 -29.64 -13.98
CA GLU B 366 39.70 -28.69 -13.06
C GLU B 366 41.14 -28.50 -13.51
N PRO B 367 41.31 -27.94 -14.72
CA PRO B 367 42.64 -27.91 -15.35
C PRO B 367 43.56 -26.88 -14.73
N GLU B 368 44.85 -27.23 -14.55
CA GLU B 368 45.87 -26.27 -14.26
C GLU B 368 46.17 -25.47 -15.53
N LEU B 369 46.13 -24.13 -15.38
CA LEU B 369 46.38 -23.20 -16.49
C LEU B 369 47.59 -22.30 -16.24
N GLY B 370 47.82 -21.85 -14.99
CA GLY B 370 48.89 -20.91 -14.73
C GLY B 370 48.51 -20.00 -13.59
N LEU B 371 49.38 -19.03 -13.25
CA LEU B 371 49.28 -18.31 -11.98
C LEU B 371 48.27 -17.17 -12.06
N GLY B 372 47.30 -17.27 -11.13
CA GLY B 372 46.29 -16.23 -10.90
C GLY B 372 45.12 -16.21 -11.86
N PRO B 373 44.40 -17.32 -12.12
CA PRO B 373 43.25 -17.28 -13.01
C PRO B 373 42.12 -16.43 -12.42
N LEU B 374 41.65 -15.42 -13.19
CA LEU B 374 40.65 -14.50 -12.68
C LEU B 374 39.30 -14.60 -13.40
N HIS B 375 39.29 -14.60 -14.73
CA HIS B 375 38.06 -14.54 -15.53
C HIS B 375 38.20 -15.37 -16.80
N THR B 376 37.08 -15.93 -17.27
CA THR B 376 37.04 -16.82 -18.41
C THR B 376 35.97 -16.35 -19.38
N THR B 377 36.25 -16.43 -20.69
CA THR B 377 35.33 -16.06 -21.73
C THR B 377 35.44 -17.10 -22.86
N PHE B 378 34.54 -17.01 -23.84
CA PHE B 378 34.29 -18.13 -24.75
C PHE B 378 34.20 -17.67 -26.21
N ASP B 379 34.71 -18.51 -27.13
CA ASP B 379 34.61 -18.18 -28.56
C ASP B 379 33.40 -18.82 -29.24
N GLY B 380 32.66 -19.69 -28.54
CA GLY B 380 31.54 -20.41 -29.07
C GLY B 380 32.00 -21.46 -30.08
N ARG B 381 33.29 -21.81 -30.02
CA ARG B 381 33.87 -22.88 -30.86
C ARG B 381 34.34 -24.05 -29.97
N GLY B 382 34.17 -23.91 -28.65
CA GLY B 382 34.54 -24.92 -27.68
C GLY B 382 35.81 -24.57 -26.92
N ASN B 383 36.35 -23.38 -27.19
CA ASN B 383 37.52 -22.93 -26.45
C ASN B 383 37.12 -21.89 -25.41
N ALA B 384 37.98 -21.79 -24.42
CA ALA B 384 37.86 -20.83 -23.33
C ALA B 384 39.16 -20.04 -23.28
N TYR B 385 39.00 -18.79 -22.81
CA TYR B 385 40.08 -17.83 -22.74
C TYR B 385 40.10 -17.33 -21.31
N THR B 386 41.18 -17.56 -20.56
CA THR B 386 41.25 -17.28 -19.12
C THR B 386 42.41 -16.32 -18.83
N THR B 387 42.13 -15.22 -18.11
CA THR B 387 43.15 -14.31 -17.67
C THR B 387 43.94 -14.92 -16.52
N LEU B 388 45.28 -14.78 -16.63
CA LEU B 388 46.21 -15.22 -15.60
C LEU B 388 46.88 -13.95 -15.08
N PHE B 389 46.39 -13.45 -13.95
CA PHE B 389 46.81 -12.17 -13.44
C PHE B 389 48.32 -12.16 -13.11
N ILE B 390 48.81 -13.18 -12.41
CA ILE B 390 50.21 -13.16 -11.96
C ILE B 390 51.15 -13.44 -13.14
N ASP B 391 50.81 -14.44 -13.96
CA ASP B 391 51.64 -14.75 -15.11
C ASP B 391 51.50 -13.69 -16.21
N SER B 392 50.48 -12.82 -16.09
CA SER B 392 50.25 -11.72 -17.01
C SER B 392 50.05 -12.20 -18.44
N GLN B 393 49.11 -13.13 -18.59
CA GLN B 393 48.78 -13.74 -19.86
C GLN B 393 47.28 -13.96 -20.00
N VAL B 394 46.84 -14.18 -21.25
CA VAL B 394 45.56 -14.80 -21.54
C VAL B 394 45.83 -16.22 -22.08
N CYS B 395 45.18 -17.20 -21.48
CA CYS B 395 45.36 -18.59 -21.85
C CYS B 395 44.14 -19.12 -22.61
N LYS B 396 44.36 -19.57 -23.85
CA LYS B 396 43.37 -20.25 -24.66
C LYS B 396 43.48 -21.75 -24.40
N TRP B 397 42.33 -22.38 -24.05
CA TRP B 397 42.30 -23.81 -23.78
C TRP B 397 40.99 -24.39 -24.27
N ASN B 398 41.01 -25.71 -24.55
CA ASN B 398 39.86 -26.42 -25.08
C ASN B 398 39.17 -27.18 -23.95
N ILE B 399 37.87 -26.92 -23.80
CA ILE B 399 37.09 -27.43 -22.67
C ILE B 399 36.99 -28.96 -22.73
N ALA B 400 36.67 -29.48 -23.91
CA ALA B 400 36.48 -30.92 -24.08
C ALA B 400 37.78 -31.67 -23.79
N ASP B 401 38.90 -31.10 -24.21
CA ASP B 401 40.20 -31.70 -23.93
C ASP B 401 40.57 -31.62 -22.46
N ALA B 402 40.15 -30.54 -21.76
CA ALA B 402 40.41 -30.48 -20.33
C ALA B 402 39.59 -31.54 -19.56
N ILE B 403 38.39 -31.86 -20.02
CA ILE B 403 37.51 -32.88 -19.45
C ILE B 403 38.20 -34.25 -19.64
N LYS B 404 38.72 -34.51 -20.83
CA LYS B 404 39.46 -35.75 -20.99
C LYS B 404 40.63 -35.87 -20.00
N HIS B 405 41.42 -34.79 -19.86
CA HIS B 405 42.57 -34.76 -18.99
C HIS B 405 42.17 -35.03 -17.54
N TYR B 406 41.05 -34.43 -17.10
CA TYR B 406 40.58 -34.64 -15.74
C TYR B 406 40.27 -36.13 -15.49
N ASN B 407 39.75 -36.78 -16.53
CA ASN B 407 39.41 -38.21 -16.50
C ASN B 407 40.65 -39.10 -16.67
N GLY B 408 41.83 -38.52 -16.83
CA GLY B 408 43.06 -39.28 -16.98
C GLY B 408 43.40 -39.59 -18.44
N ASP B 409 42.49 -39.29 -19.42
CA ASP B 409 42.81 -39.34 -20.86
C ASP B 409 43.69 -38.13 -21.18
N ARG B 410 45.02 -38.24 -20.96
CA ARG B 410 45.90 -37.08 -20.78
C ARG B 410 46.26 -36.38 -22.11
N VAL B 411 45.26 -35.83 -22.79
CA VAL B 411 45.49 -34.98 -23.94
C VAL B 411 45.95 -33.60 -23.48
N ASN B 412 46.68 -32.91 -24.38
CA ASN B 412 46.93 -31.48 -24.23
C ASN B 412 45.64 -30.69 -24.37
N TYR B 413 45.42 -29.73 -23.46
CA TYR B 413 44.24 -28.88 -23.53
C TYR B 413 44.58 -27.40 -23.66
N ILE B 414 45.83 -26.99 -23.37
CA ILE B 414 46.23 -25.60 -23.54
C ILE B 414 46.66 -25.40 -24.97
N ARG B 415 46.03 -24.45 -25.65
CA ARG B 415 46.30 -24.16 -27.04
C ARG B 415 47.39 -23.10 -27.15
N GLN B 416 47.30 -22.04 -26.32
CA GLN B 416 48.18 -20.91 -26.51
C GLN B 416 48.14 -20.04 -25.25
N LYS B 417 49.29 -19.46 -24.88
CA LYS B 417 49.37 -18.39 -23.89
C LYS B 417 49.93 -17.16 -24.59
N LEU B 418 49.20 -16.04 -24.48
CA LEU B 418 49.64 -14.76 -25.02
C LEU B 418 49.93 -13.83 -23.84
N ASP B 419 51.13 -13.25 -23.85
CA ASP B 419 51.48 -12.26 -22.87
C ASP B 419 50.62 -11.04 -23.13
N VAL B 420 50.14 -10.44 -22.02
CA VAL B 420 49.42 -9.18 -22.07
C VAL B 420 50.08 -8.20 -21.10
N GLN B 421 49.77 -6.92 -21.27
CA GLN B 421 50.55 -5.86 -20.65
C GLN B 421 49.66 -4.86 -19.89
N TYR B 422 49.47 -5.02 -18.56
CA TYR B 422 50.04 -6.03 -17.69
C TYR B 422 49.00 -6.36 -16.62
N GLN B 423 48.97 -7.62 -16.17
CA GLN B 423 48.18 -8.03 -15.02
C GLN B 423 46.69 -7.94 -15.37
N PRO B 424 46.20 -8.92 -16.15
CA PRO B 424 44.82 -8.88 -16.64
C PRO B 424 43.77 -9.26 -15.60
N GLY B 425 42.67 -8.51 -15.63
CA GLY B 425 41.50 -8.79 -14.81
C GLY B 425 40.45 -9.50 -15.65
N HIS B 426 39.37 -8.80 -16.03
CA HIS B 426 38.35 -9.40 -16.88
C HIS B 426 38.86 -9.57 -18.31
N ASN B 427 38.23 -10.53 -19.00
CA ASN B 427 38.31 -10.60 -20.44
C ASN B 427 36.91 -10.84 -20.97
N HIS B 428 36.70 -10.53 -22.23
CA HIS B 428 35.38 -10.61 -22.79
C HIS B 428 35.49 -10.87 -24.29
N ALA B 429 34.88 -11.96 -24.73
CA ALA B 429 34.81 -12.28 -26.15
C ALA B 429 33.45 -11.87 -26.70
N SER B 430 33.45 -11.39 -27.95
CA SER B 430 32.24 -10.84 -28.53
C SER B 430 31.06 -11.83 -28.50
N LEU B 431 29.95 -11.38 -27.91
CA LEU B 431 28.67 -12.09 -27.80
C LEU B 431 28.74 -13.31 -26.85
N THR B 432 29.77 -13.39 -26.01
CA THR B 432 30.04 -14.52 -25.12
C THR B 432 28.89 -14.83 -24.17
N GLU B 433 28.12 -13.81 -23.76
CA GLU B 433 27.07 -14.01 -22.75
C GLU B 433 25.74 -14.41 -23.40
N SER B 434 25.78 -14.76 -24.70
CA SER B 434 24.61 -15.15 -25.45
C SER B 434 24.90 -16.42 -26.26
N ARG B 435 23.82 -17.03 -26.73
CA ARG B 435 23.91 -18.20 -27.58
C ARG B 435 24.74 -17.91 -28.83
N ASP B 436 24.77 -16.64 -29.26
CA ASP B 436 25.33 -16.25 -30.55
C ASP B 436 26.80 -15.82 -30.43
N ALA B 437 27.49 -16.22 -29.34
CA ALA B 437 28.94 -16.04 -29.20
C ALA B 437 29.65 -16.28 -30.54
N ASP B 438 30.39 -15.29 -31.02
CA ASP B 438 30.78 -15.27 -32.44
C ASP B 438 32.27 -15.48 -32.66
N GLY B 439 33.07 -15.58 -31.60
CA GLY B 439 34.49 -15.90 -31.67
C GLY B 439 35.33 -14.91 -32.50
N LYS B 440 34.96 -13.62 -32.61
CA LYS B 440 35.71 -12.66 -33.43
C LYS B 440 36.73 -11.85 -32.63
N TRP B 441 36.25 -11.20 -31.55
CA TRP B 441 37.08 -10.30 -30.78
C TRP B 441 37.19 -10.73 -29.33
N LEU B 442 38.34 -10.49 -28.74
CA LEU B 442 38.57 -10.68 -27.32
C LEU B 442 39.15 -9.40 -26.75
N VAL B 443 38.51 -8.86 -25.70
CA VAL B 443 39.04 -7.71 -25.00
C VAL B 443 39.64 -8.25 -23.73
N VAL B 444 40.87 -7.83 -23.40
CA VAL B 444 41.51 -8.16 -22.12
C VAL B 444 41.74 -6.84 -21.42
N LEU B 445 41.19 -6.70 -20.20
CA LEU B 445 41.22 -5.46 -19.44
C LEU B 445 42.24 -5.59 -18.32
N SER B 446 43.44 -5.02 -18.55
CA SER B 446 44.56 -5.16 -17.64
C SER B 446 44.65 -3.95 -16.71
N LYS B 447 45.20 -4.21 -15.52
CA LYS B 447 45.11 -3.29 -14.41
C LYS B 447 46.38 -2.45 -14.24
N PHE B 448 47.45 -2.76 -14.98
CA PHE B 448 48.67 -1.97 -14.93
C PHE B 448 49.05 -1.66 -16.36
N SER B 449 49.72 -0.53 -16.58
CA SER B 449 50.23 -0.24 -17.90
C SER B 449 51.73 0.01 -17.93
N LYS B 450 52.37 0.34 -16.79
CA LYS B 450 53.82 0.51 -16.74
C LYS B 450 54.23 1.50 -17.86
N ASP B 451 55.00 0.98 -18.85
N ASP B 451 55.13 1.13 -18.79
CA ASP B 451 55.72 1.71 -19.89
CA ASP B 451 55.59 2.06 -19.84
C ASP B 451 54.96 1.78 -21.22
C ASP B 451 55.00 1.70 -21.21
N ARG B 452 53.75 1.25 -21.28
CA ARG B 452 53.03 1.07 -22.54
C ARG B 452 52.54 2.37 -23.18
N PHE B 453 52.40 3.44 -22.37
CA PHE B 453 51.95 4.72 -22.89
C PHE B 453 52.88 5.83 -22.38
N LEU B 454 52.71 7.03 -22.96
CA LEU B 454 53.50 8.17 -22.49
C LEU B 454 53.36 8.30 -20.99
N PRO B 455 54.44 8.70 -20.29
CA PRO B 455 54.36 8.95 -18.84
C PRO B 455 53.40 10.11 -18.53
N VAL B 456 52.59 9.92 -17.47
CA VAL B 456 51.60 10.91 -17.08
C VAL B 456 51.57 11.09 -15.57
N GLY B 457 52.65 10.76 -14.86
CA GLY B 457 52.62 10.93 -13.42
C GLY B 457 52.46 9.62 -12.66
N PRO B 458 52.39 9.70 -11.32
CA PRO B 458 52.27 8.46 -10.54
C PRO B 458 51.07 7.62 -10.89
N LEU B 459 49.92 8.27 -11.16
CA LEU B 459 48.72 7.55 -11.55
C LEU B 459 48.81 7.21 -13.04
N HIS B 460 48.86 5.91 -13.32
CA HIS B 460 48.95 5.43 -14.68
C HIS B 460 47.59 5.03 -15.21
N PRO B 461 47.36 5.06 -16.55
CA PRO B 461 46.16 4.45 -17.15
C PRO B 461 46.18 2.93 -17.00
N GLU B 462 45.00 2.34 -17.22
CA GLU B 462 44.84 0.91 -17.39
C GLU B 462 45.09 0.64 -18.87
N ASN B 463 45.09 -0.62 -19.30
CA ASN B 463 45.32 -0.99 -20.69
C ASN B 463 44.30 -2.06 -21.07
N ASP B 464 43.39 -1.68 -21.95
CA ASP B 464 42.43 -2.62 -22.52
C ASP B 464 42.96 -3.01 -23.90
N GLN B 465 43.28 -4.28 -24.05
CA GLN B 465 43.89 -4.76 -25.28
C GLN B 465 42.86 -5.52 -26.11
N LEU B 466 42.77 -5.21 -27.41
CA LEU B 466 41.87 -5.86 -28.32
C LEU B 466 42.70 -6.94 -29.03
N ILE B 467 42.19 -8.15 -29.00
CA ILE B 467 42.83 -9.33 -29.57
C ILE B 467 41.88 -9.98 -30.58
N ASP B 468 42.41 -10.33 -31.75
CA ASP B 468 41.68 -11.09 -32.77
C ASP B 468 41.73 -12.58 -32.43
N ILE B 469 40.55 -13.19 -32.21
CA ILE B 469 40.45 -14.61 -31.90
C ILE B 469 39.66 -15.32 -33.01
N SER B 470 39.52 -14.70 -34.18
CA SER B 470 38.74 -15.23 -35.29
C SER B 470 39.34 -16.53 -35.82
N GLY B 471 40.65 -16.70 -35.64
CA GLY B 471 41.33 -17.91 -36.09
C GLY B 471 41.90 -18.72 -34.93
N GLU B 472 42.81 -19.62 -35.27
CA GLU B 472 43.40 -20.53 -34.31
C GLU B 472 44.35 -19.81 -33.34
N GLU B 473 45.01 -18.75 -33.83
CA GLU B 473 46.04 -18.04 -33.08
C GLU B 473 45.50 -16.68 -32.60
N MET B 474 45.59 -16.45 -31.29
CA MET B 474 45.27 -15.13 -30.75
C MET B 474 46.33 -14.14 -31.24
N LYS B 475 45.87 -12.96 -31.71
CA LYS B 475 46.78 -11.91 -32.14
C LYS B 475 46.38 -10.55 -31.56
N LEU B 476 47.33 -9.89 -30.92
CA LEU B 476 47.11 -8.55 -30.40
C LEU B 476 46.93 -7.61 -31.58
N VAL B 477 45.92 -6.71 -31.49
CA VAL B 477 45.66 -5.71 -32.52
C VAL B 477 45.86 -4.28 -31.98
N HIS B 478 45.34 -3.96 -30.78
CA HIS B 478 45.29 -2.57 -30.31
C HIS B 478 45.50 -2.52 -28.79
N ASP B 479 46.26 -1.53 -28.30
CA ASP B 479 46.41 -1.16 -26.89
C ASP B 479 45.60 0.11 -26.62
N GLY B 480 44.68 -0.03 -25.69
CA GLY B 480 43.70 1.00 -25.37
C GLY B 480 43.91 1.52 -23.96
N PRO B 481 44.54 2.72 -23.78
CA PRO B 481 44.68 3.34 -22.47
C PRO B 481 43.29 3.73 -22.00
N THR B 482 43.05 3.56 -20.71
N THR B 482 43.02 3.52 -20.70
CA THR B 482 41.78 3.92 -20.13
CA THR B 482 41.75 3.89 -20.12
C THR B 482 41.99 4.46 -18.72
C THR B 482 41.99 4.46 -18.73
N TYR B 483 41.15 5.42 -18.36
CA TYR B 483 41.19 5.99 -17.04
C TYR B 483 40.63 5.00 -16.04
N ALA B 484 41.06 5.14 -14.79
CA ALA B 484 40.58 4.35 -13.66
C ALA B 484 39.06 4.20 -13.71
N GLU B 485 38.56 2.97 -13.58
CA GLU B 485 39.29 1.71 -13.72
C GLU B 485 38.26 0.71 -14.24
N PRO B 486 38.25 0.38 -15.53
CA PRO B 486 37.29 -0.63 -15.99
C PRO B 486 37.55 -1.99 -15.35
N HIS B 487 36.46 -2.71 -15.10
CA HIS B 487 36.49 -4.10 -14.72
C HIS B 487 36.06 -4.91 -15.92
N ASP B 488 34.76 -5.15 -16.05
CA ASP B 488 34.20 -5.85 -17.20
C ASP B 488 33.65 -4.88 -18.25
N CYS B 489 33.41 -5.46 -19.43
CA CYS B 489 32.75 -4.75 -20.52
C CYS B 489 31.82 -5.74 -21.22
N ILE B 490 30.91 -5.22 -22.02
CA ILE B 490 30.07 -6.10 -22.82
C ILE B 490 29.94 -5.54 -24.23
N LEU B 491 30.19 -6.40 -25.21
CA LEU B 491 30.12 -6.06 -26.62
C LEU B 491 28.75 -6.46 -27.19
N VAL B 492 28.14 -5.58 -28.01
CA VAL B 492 26.90 -5.95 -28.66
C VAL B 492 27.03 -5.52 -30.13
N ARG B 493 26.43 -6.29 -31.03
CA ARG B 493 26.42 -5.89 -32.43
C ARG B 493 25.70 -4.54 -32.58
N ARG B 494 26.12 -3.75 -33.56
CA ARG B 494 25.46 -2.50 -33.89
C ARG B 494 23.95 -2.69 -34.03
N ASP B 495 23.51 -3.79 -34.71
CA ASP B 495 22.11 -3.96 -35.05
C ASP B 495 21.27 -4.46 -33.85
N GLN B 496 21.90 -4.67 -32.69
CA GLN B 496 21.19 -5.10 -31.50
C GLN B 496 20.79 -3.92 -30.60
N ILE B 497 21.19 -2.70 -30.98
CA ILE B 497 20.86 -1.44 -30.29
C ILE B 497 20.02 -0.57 -31.22
N LYS B 498 18.90 -0.06 -30.72
CA LYS B 498 18.07 0.93 -31.41
C LYS B 498 17.88 2.15 -30.51
N THR B 499 18.41 3.28 -30.96
CA THR B 499 18.39 4.51 -30.19
C THR B 499 17.41 5.53 -30.78
N LYS B 500 17.01 6.47 -29.94
CA LYS B 500 16.25 7.64 -30.34
C LYS B 500 17.21 8.77 -30.68
N LYS B 501 16.86 9.61 -31.65
CA LYS B 501 17.73 10.72 -31.94
C LYS B 501 17.26 12.01 -31.30
N ILE B 502 15.97 12.10 -30.98
CA ILE B 502 15.41 13.22 -30.27
C ILE B 502 14.39 12.66 -29.28
N TYR B 503 14.04 13.46 -28.26
CA TYR B 503 13.00 13.07 -27.32
C TYR B 503 11.61 13.27 -27.94
N GLU B 504 10.66 12.50 -27.40
CA GLU B 504 9.26 12.87 -27.50
C GLU B 504 8.81 13.49 -26.17
N ARG B 505 7.76 14.31 -26.24
CA ARG B 505 7.34 15.15 -25.14
C ARG B 505 6.71 14.34 -24.00
N ASN B 506 6.34 13.07 -24.25
CA ASN B 506 5.82 12.23 -23.18
C ASN B 506 6.90 11.36 -22.51
N ASP B 507 8.17 11.65 -22.80
CA ASP B 507 9.23 10.77 -22.32
C ASP B 507 9.23 10.68 -20.79
N PRO B 508 9.44 9.47 -20.19
CA PRO B 508 9.50 9.38 -18.73
C PRO B 508 10.63 10.11 -18.03
N TYR B 509 11.66 10.50 -18.78
CA TYR B 509 12.81 11.18 -18.21
C TYR B 509 12.46 12.58 -17.71
N PHE B 510 11.29 13.11 -18.06
CA PHE B 510 10.88 14.40 -17.48
C PHE B 510 9.41 14.38 -17.05
N ALA B 511 8.96 13.17 -16.68
CA ALA B 511 7.62 13.04 -16.10
C ALA B 511 7.43 13.97 -14.91
N SER B 512 8.44 14.11 -14.02
CA SER B 512 8.30 14.97 -12.85
C SER B 512 8.16 16.43 -13.26
N CYS B 513 8.86 16.84 -14.32
CA CYS B 513 8.74 18.19 -14.82
C CYS B 513 7.32 18.45 -15.36
N ARG B 514 6.78 17.53 -16.10
CA ARG B 514 5.40 17.70 -16.58
C ARG B 514 4.44 17.79 -15.41
N ALA B 515 4.65 16.97 -14.38
CA ALA B 515 3.72 16.97 -13.26
C ALA B 515 3.77 18.31 -12.52
N GLN B 516 4.95 18.87 -12.33
CA GLN B 516 5.09 20.15 -11.64
C GLN B 516 4.50 21.27 -12.51
N ALA B 517 4.75 21.23 -13.82
CA ALA B 517 4.25 22.27 -14.72
C ALA B 517 2.71 22.30 -14.67
N GLU B 518 2.10 21.11 -14.64
CA GLU B 518 0.63 21.03 -14.54
C GLU B 518 0.14 21.71 -13.27
N LYS B 519 0.80 21.54 -12.13
CA LYS B 519 0.40 22.17 -10.86
C LYS B 519 0.42 23.69 -10.97
N ASP B 520 1.32 24.25 -11.78
CA ASP B 520 1.53 25.67 -11.92
C ASP B 520 0.74 26.23 -13.14
N GLY B 521 0.03 25.35 -13.85
CA GLY B 521 -0.69 25.69 -15.08
C GLY B 521 0.27 26.15 -16.19
N VAL B 522 1.47 25.58 -16.22
CA VAL B 522 2.45 25.92 -17.23
C VAL B 522 2.38 24.90 -18.35
N THR B 523 2.37 25.38 -19.58
CA THR B 523 2.49 24.58 -20.80
C THR B 523 3.97 24.62 -21.21
N LEU B 524 4.70 23.52 -20.94
CA LEU B 524 6.15 23.57 -21.11
C LEU B 524 6.54 23.91 -22.55
N GLU B 525 5.77 23.47 -23.56
CA GLU B 525 6.13 23.72 -24.96
C GLU B 525 5.95 25.20 -25.36
N SER B 526 5.30 26.02 -24.53
CA SER B 526 4.87 27.35 -24.96
C SER B 526 5.37 28.47 -24.04
N ASP B 527 5.59 28.21 -22.76
CA ASP B 527 5.55 29.25 -21.73
C ASP B 527 6.93 29.65 -21.25
N ASN B 528 7.02 30.96 -20.91
CA ASN B 528 8.16 31.56 -20.24
C ASN B 528 7.61 32.33 -19.05
N LYS B 529 7.70 31.73 -17.88
CA LYS B 529 6.99 32.17 -16.69
C LYS B 529 7.85 32.06 -15.43
N VAL B 530 7.59 32.96 -14.48
CA VAL B 530 8.13 32.92 -13.15
C VAL B 530 6.99 32.71 -12.18
N ILE B 531 7.05 31.61 -11.44
CA ILE B 531 6.02 31.23 -10.49
C ILE B 531 6.58 31.47 -9.10
N ARG B 532 5.85 32.24 -8.26
CA ARG B 532 6.23 32.54 -6.90
C ARG B 532 5.49 31.60 -5.95
N ASP B 533 6.21 30.98 -5.02
CA ASP B 533 5.67 30.00 -4.08
C ASP B 533 6.36 30.18 -2.72
N GLY B 534 6.10 31.30 -2.05
CA GLY B 534 6.76 31.57 -0.78
C GLY B 534 8.25 31.83 -0.95
N ASN B 535 9.05 31.02 -0.26
CA ASN B 535 10.51 31.12 -0.37
C ASN B 535 11.01 30.36 -1.62
N LYS B 536 10.11 29.75 -2.41
CA LYS B 536 10.46 29.00 -3.61
C LYS B 536 10.02 29.80 -4.84
N VAL B 537 10.77 29.66 -5.93
CA VAL B 537 10.53 30.29 -7.20
C VAL B 537 10.75 29.22 -8.27
N ARG B 538 9.80 29.05 -9.18
CA ARG B 538 9.96 28.14 -10.30
C ARG B 538 9.96 28.98 -11.56
N VAL B 539 11.03 28.89 -12.33
CA VAL B 539 11.27 29.63 -13.54
C VAL B 539 11.19 28.64 -14.68
N TYR B 540 10.28 28.84 -15.62
CA TYR B 540 10.09 27.99 -16.76
C TYR B 540 10.50 28.79 -18.00
N MET B 541 11.44 28.25 -18.79
CA MET B 541 11.86 28.88 -20.03
C MET B 541 11.84 27.88 -21.18
N THR B 542 11.54 28.35 -22.37
CA THR B 542 11.76 27.64 -23.63
C THR B 542 13.12 28.03 -24.21
N SER B 543 13.61 27.19 -25.09
CA SER B 543 14.86 27.52 -25.78
C SER B 543 14.74 27.09 -27.22
N VAL B 544 15.22 27.96 -28.15
CA VAL B 544 15.31 27.71 -29.58
C VAL B 544 16.61 28.40 -29.98
N ALA B 545 17.63 27.64 -30.42
CA ALA B 545 18.94 28.19 -30.62
C ALA B 545 18.81 29.45 -31.48
N PRO B 546 19.45 30.58 -31.12
CA PRO B 546 20.38 30.79 -30.01
C PRO B 546 19.81 31.59 -28.85
N GLN B 547 18.53 31.37 -28.51
CA GLN B 547 17.86 32.20 -27.52
C GLN B 547 17.02 31.40 -26.52
N TYR B 548 17.21 31.73 -25.25
CA TYR B 548 16.24 31.39 -24.25
C TYR B 548 15.01 32.28 -24.45
N GLY B 549 13.85 31.80 -24.00
CA GLY B 549 12.63 32.60 -24.17
C GLY B 549 12.46 33.63 -23.08
N MET B 550 13.39 33.66 -22.13
CA MET B 550 13.40 34.63 -21.05
C MET B 550 14.84 35.08 -20.88
N THR B 551 15.07 36.40 -20.79
CA THR B 551 16.45 36.89 -20.61
C THR B 551 16.73 37.61 -19.32
N GLU B 552 15.75 37.69 -18.41
CA GLU B 552 15.97 38.23 -17.10
C GLU B 552 14.85 37.75 -16.18
N PHE B 553 15.21 37.50 -14.94
CA PHE B 553 14.22 37.33 -13.88
C PHE B 553 14.79 37.76 -12.56
N LYS B 554 13.91 38.02 -11.58
CA LYS B 554 14.32 38.56 -10.30
C LYS B 554 13.81 37.69 -9.15
N VAL B 555 14.69 37.48 -8.17
CA VAL B 555 14.38 36.72 -6.98
C VAL B 555 14.95 37.41 -5.77
N LYS B 556 14.64 36.88 -4.57
CA LYS B 556 15.22 37.37 -3.34
C LYS B 556 16.36 36.47 -2.87
N GLU B 557 17.34 37.06 -2.20
CA GLU B 557 18.43 36.35 -1.56
C GLU B 557 17.86 35.22 -0.71
N GLY B 558 18.43 34.01 -0.88
CA GLY B 558 18.02 32.86 -0.12
C GLY B 558 16.81 32.12 -0.70
N ASP B 559 16.18 32.66 -1.76
CA ASP B 559 15.11 31.94 -2.44
C ASP B 559 15.62 30.57 -2.91
N GLU B 560 14.76 29.56 -2.84
CA GLU B 560 15.05 28.28 -3.46
C GLU B 560 14.51 28.33 -4.89
N VAL B 561 15.44 28.47 -5.87
CA VAL B 561 15.07 28.70 -7.26
C VAL B 561 15.20 27.39 -8.01
N THR B 562 14.15 27.03 -8.73
CA THR B 562 14.20 25.93 -9.67
C THR B 562 13.98 26.44 -11.09
N VAL B 563 14.92 26.14 -11.97
CA VAL B 563 14.84 26.53 -13.36
C VAL B 563 14.56 25.29 -14.22
N TYR B 564 13.47 25.34 -14.98
CA TYR B 564 13.07 24.38 -15.99
C TYR B 564 13.33 24.93 -17.38
N ILE B 565 14.08 24.19 -18.21
CA ILE B 565 14.35 24.55 -19.58
C ILE B 565 13.80 23.45 -20.49
N THR B 566 13.06 23.87 -21.52
CA THR B 566 12.49 22.99 -22.53
C THR B 566 13.10 23.39 -23.87
N ASN B 567 13.74 22.43 -24.53
CA ASN B 567 14.40 22.64 -25.82
C ASN B 567 13.43 22.33 -26.96
N LEU B 568 13.03 23.40 -27.67
CA LEU B 568 12.03 23.29 -28.72
C LEU B 568 12.68 23.01 -30.10
N ASP B 569 14.01 22.99 -30.16
CA ASP B 569 14.64 22.60 -31.40
C ASP B 569 14.25 21.15 -31.76
N MET B 570 14.12 20.88 -33.05
CA MET B 570 13.79 19.55 -33.56
C MET B 570 14.96 18.89 -34.31
N VAL B 571 16.00 19.65 -34.64
CA VAL B 571 17.09 19.10 -35.41
C VAL B 571 18.01 18.29 -34.51
N GLU B 572 18.37 17.11 -34.97
CA GLU B 572 19.21 16.20 -34.21
C GLU B 572 20.53 16.91 -33.87
N ASP B 573 21.03 16.69 -32.65
CA ASP B 573 22.33 17.17 -32.16
C ASP B 573 22.28 18.62 -31.71
N VAL B 574 21.12 19.31 -31.84
CA VAL B 574 21.02 20.65 -31.34
C VAL B 574 20.63 20.65 -29.85
N THR B 575 21.60 20.28 -29.04
CA THR B 575 21.47 20.25 -27.59
C THR B 575 21.78 21.64 -27.04
N HIS B 576 21.03 22.06 -26.01
CA HIS B 576 21.34 23.26 -25.26
C HIS B 576 21.82 22.85 -23.87
N GLY B 577 22.37 23.81 -23.18
CA GLY B 577 22.73 23.71 -21.79
C GLY B 577 22.12 24.84 -20.99
N PHE B 578 22.40 24.82 -19.71
CA PHE B 578 22.07 25.91 -18.79
C PHE B 578 23.03 25.87 -17.64
N CYS B 579 23.66 27.01 -17.36
CA CYS B 579 24.57 27.19 -16.25
C CYS B 579 24.26 28.52 -15.60
N MET B 580 24.11 28.52 -14.26
CA MET B 580 23.96 29.74 -13.52
C MET B 580 25.27 30.08 -12.86
N VAL B 581 25.85 31.22 -13.25
CA VAL B 581 27.18 31.59 -12.78
C VAL B 581 27.22 31.69 -11.26
N ASN B 582 28.26 31.06 -10.69
CA ASN B 582 28.60 31.09 -9.28
C ASN B 582 27.57 30.36 -8.41
N HIS B 583 26.64 29.60 -9.01
CA HIS B 583 25.60 28.91 -8.29
C HIS B 583 25.73 27.41 -8.40
N GLY B 584 26.80 26.89 -9.01
CA GLY B 584 27.10 25.47 -8.89
C GLY B 584 26.14 24.56 -9.66
N VAL B 585 25.56 25.03 -10.78
CA VAL B 585 24.60 24.20 -11.49
C VAL B 585 24.88 24.22 -12.99
N SER B 586 24.63 23.07 -13.61
CA SER B 586 24.69 22.87 -15.05
C SER B 586 23.70 21.77 -15.41
N MET B 587 23.15 21.82 -16.61
CA MET B 587 22.34 20.70 -17.08
C MET B 587 22.28 20.67 -18.62
N GLU B 588 22.07 19.47 -19.12
CA GLU B 588 21.78 19.20 -20.52
C GLU B 588 20.30 19.35 -20.82
N ILE B 589 19.96 19.95 -21.96
CA ILE B 589 18.61 19.86 -22.50
C ILE B 589 18.69 19.56 -23.99
N SER B 590 18.63 18.27 -24.36
CA SER B 590 18.69 17.84 -25.75
C SER B 590 17.34 18.07 -26.43
N PRO B 591 17.26 17.95 -27.78
CA PRO B 591 16.04 18.32 -28.50
C PRO B 591 14.80 17.63 -27.95
N GLN B 592 13.81 18.49 -27.65
CA GLN B 592 12.49 18.13 -27.09
C GLN B 592 12.53 17.66 -25.64
N GLN B 593 13.68 17.75 -24.97
CA GLN B 593 13.76 17.45 -23.53
C GLN B 593 13.29 18.64 -22.70
N THR B 594 12.82 18.35 -21.47
CA THR B 594 12.78 19.30 -20.37
C THR B 594 13.71 18.77 -19.28
N ALA B 595 14.43 19.69 -18.64
CA ALA B 595 15.30 19.38 -17.50
C ALA B 595 15.22 20.52 -16.49
N SER B 596 15.57 20.24 -15.23
CA SER B 596 15.56 21.30 -14.21
C SER B 596 16.70 21.14 -13.20
N VAL B 597 17.05 22.24 -12.57
CA VAL B 597 17.99 22.33 -11.50
C VAL B 597 17.46 23.26 -10.46
N THR B 598 17.77 22.97 -9.21
CA THR B 598 17.41 23.80 -8.09
C THR B 598 18.66 24.29 -7.36
N PHE B 599 18.65 25.56 -6.94
CA PHE B 599 19.76 26.17 -6.23
C PHE B 599 19.21 27.24 -5.31
N THR B 600 20.00 27.60 -4.30
CA THR B 600 19.66 28.70 -3.42
C THR B 600 20.23 29.98 -4.01
N ALA B 601 19.41 31.02 -4.19
CA ALA B 601 19.95 32.30 -4.64
C ALA B 601 20.93 32.85 -3.62
N GLY B 602 22.08 33.30 -4.10
CA GLY B 602 23.18 33.80 -3.26
C GLY B 602 22.96 35.25 -2.81
N LYS B 603 24.06 35.92 -2.45
CA LYS B 603 23.95 37.26 -1.92
C LYS B 603 23.45 38.20 -3.02
N PRO B 604 22.85 39.33 -2.67
CA PRO B 604 22.27 40.23 -3.67
C PRO B 604 23.28 40.63 -4.76
N GLY B 605 22.75 40.76 -5.97
CA GLY B 605 23.55 41.14 -7.11
C GLY B 605 23.03 40.46 -8.37
N VAL B 606 23.77 40.68 -9.45
CA VAL B 606 23.49 40.14 -10.76
C VAL B 606 24.26 38.83 -10.89
N TYR B 607 23.59 37.82 -11.38
CA TYR B 607 24.28 36.60 -11.82
C TYR B 607 23.80 36.21 -13.22
N TRP B 608 24.76 36.02 -14.11
CA TRP B 608 24.43 35.62 -15.46
C TRP B 608 24.16 34.11 -15.53
N TYR B 609 23.25 33.75 -16.43
CA TYR B 609 23.10 32.38 -16.90
C TYR B 609 23.41 32.32 -18.39
N TYR B 610 23.88 31.13 -18.82
CA TYR B 610 24.30 30.96 -20.18
C TYR B 610 24.18 29.51 -20.61
N CYS B 611 24.10 29.32 -21.94
CA CYS B 611 24.09 28.02 -22.56
C CYS B 611 25.50 27.51 -22.69
N ASN B 612 25.74 26.30 -22.17
CA ASN B 612 27.09 25.72 -22.18
C ASN B 612 27.27 24.63 -23.24
N TRP B 613 26.29 24.43 -24.13
CA TRP B 613 26.34 23.45 -25.22
C TRP B 613 26.41 24.20 -26.53
N PHE B 614 27.58 24.22 -27.16
CA PHE B 614 27.73 25.05 -28.35
C PHE B 614 26.69 24.58 -29.34
N CYS B 615 25.82 25.50 -29.78
CA CYS B 615 24.55 25.15 -30.41
C CYS B 615 24.24 25.92 -31.69
N HIS B 616 25.03 26.95 -31.98
CA HIS B 616 24.70 27.96 -33.00
C HIS B 616 25.85 28.94 -33.08
N ALA B 617 25.97 29.65 -34.22
CA ALA B 617 26.96 30.71 -34.33
C ALA B 617 26.85 31.77 -33.23
N LEU B 618 25.62 32.00 -32.72
CA LEU B 618 25.38 32.99 -31.67
C LEU B 618 25.30 32.36 -30.28
N HIS B 619 25.98 31.23 -30.10
CA HIS B 619 26.02 30.60 -28.79
C HIS B 619 26.54 31.51 -27.68
N MET B 620 27.60 32.30 -27.88
CA MET B 620 28.17 33.09 -26.80
C MET B 620 27.11 34.05 -26.24
N GLU B 621 26.17 34.46 -27.09
CA GLU B 621 25.14 35.43 -26.77
C GLU B 621 23.87 34.78 -26.20
N MET B 622 23.87 33.44 -26.00
CA MET B 622 22.71 32.71 -25.54
C MET B 622 22.74 32.68 -24.00
N GLY B 623 22.11 33.69 -23.40
CA GLY B 623 22.14 33.81 -21.94
C GLY B 623 21.14 34.85 -21.47
N GLY B 624 21.30 35.22 -20.20
CA GLY B 624 20.40 36.13 -19.52
C GLY B 624 20.94 36.45 -18.14
N ARG B 625 20.15 37.15 -17.32
CA ARG B 625 20.57 37.56 -15.98
C ARG B 625 19.50 37.19 -14.97
N MET B 626 19.97 36.66 -13.84
CA MET B 626 19.19 36.54 -12.62
C MET B 626 19.56 37.71 -11.73
N LEU B 627 18.54 38.49 -11.31
CA LEU B 627 18.78 39.60 -10.40
C LEU B 627 18.34 39.19 -9.00
N VAL B 628 19.27 39.24 -8.05
CA VAL B 628 18.98 38.80 -6.69
C VAL B 628 18.89 40.06 -5.84
N GLU B 629 17.71 40.26 -5.22
CA GLU B 629 17.56 41.43 -4.36
C GLU B 629 17.67 41.05 -2.90
N LYS B 630 18.03 42.06 -2.09
CA LYS B 630 18.03 41.97 -0.65
C LYS B 630 16.60 41.66 -0.21
N ALA B 631 16.44 40.70 0.70
CA ALA B 631 15.12 40.30 1.16
C ALA B 631 14.50 41.38 2.08
N ALA C 60 -27.76 -4.87 42.52
CA ALA C 60 -27.62 -5.97 41.53
C ALA C 60 -28.96 -6.51 41.01
N HIS C 61 -30.06 -6.26 41.73
CA HIS C 61 -31.36 -6.86 41.46
C HIS C 61 -32.36 -5.75 41.15
N VAL C 62 -33.33 -6.01 40.27
CA VAL C 62 -34.37 -5.03 39.95
C VAL C 62 -35.73 -5.69 40.17
N ALA C 63 -36.42 -5.24 41.23
CA ALA C 63 -37.69 -5.86 41.61
C ALA C 63 -38.81 -5.41 40.69
N PRO C 64 -39.95 -6.16 40.63
CA PRO C 64 -41.13 -5.67 39.92
C PRO C 64 -41.52 -4.25 40.38
N GLY C 65 -41.71 -3.36 39.41
CA GLY C 65 -42.10 -1.99 39.71
C GLY C 65 -40.89 -1.07 39.83
N GLU C 66 -39.67 -1.63 39.94
CA GLU C 66 -38.46 -0.81 39.96
C GLU C 66 -37.87 -0.76 38.55
N LEU C 67 -37.06 0.25 38.25
CA LEU C 67 -36.41 0.43 36.96
C LEU C 67 -34.90 0.17 37.05
N ASP C 68 -34.34 -0.31 35.94
CA ASP C 68 -32.91 -0.42 35.76
C ASP C 68 -32.23 0.95 35.89
N GLU C 69 -30.92 0.95 36.20
CA GLU C 69 -30.14 2.16 36.39
C GLU C 69 -29.39 2.59 35.11
N TYR C 70 -29.03 1.62 34.24
CA TYR C 70 -28.41 1.95 32.97
C TYR C 70 -29.19 1.28 31.84
N TYR C 71 -29.09 1.88 30.64
CA TYR C 71 -29.33 1.16 29.40
C TYR C 71 -28.05 0.48 28.95
N GLY C 72 -28.19 -0.70 28.34
CA GLY C 72 -27.11 -1.32 27.62
C GLY C 72 -27.54 -1.47 26.16
N PHE C 73 -26.72 -1.08 25.23
CA PHE C 73 -26.96 -1.30 23.81
C PHE C 73 -25.99 -2.36 23.36
N TRP C 74 -26.55 -3.54 23.07
CA TRP C 74 -25.79 -4.70 22.67
C TRP C 74 -25.79 -4.80 21.16
N SER C 75 -24.64 -5.09 20.58
CA SER C 75 -24.59 -5.59 19.22
C SER C 75 -25.28 -6.95 19.14
N GLY C 76 -25.79 -7.25 17.94
CA GLY C 76 -26.39 -8.52 17.61
C GLY C 76 -25.47 -9.44 16.80
N GLY C 77 -24.29 -8.96 16.42
CA GLY C 77 -23.41 -9.72 15.57
C GLY C 77 -24.12 -10.03 14.25
N HIS C 78 -23.99 -11.28 13.81
CA HIS C 78 -24.51 -11.67 12.52
C HIS C 78 -26.02 -11.88 12.56
N GLN C 79 -26.67 -11.69 13.71
CA GLN C 79 -28.12 -11.64 13.74
C GLN C 79 -28.63 -10.30 13.23
N GLY C 80 -27.81 -9.24 13.31
CA GLY C 80 -28.06 -8.01 12.61
C GLY C 80 -28.78 -6.89 13.34
N GLU C 81 -29.31 -7.13 14.51
CA GLU C 81 -30.09 -6.15 15.26
C GLU C 81 -29.22 -5.54 16.37
N VAL C 82 -29.69 -4.46 16.98
CA VAL C 82 -29.20 -3.96 18.27
C VAL C 82 -30.21 -4.27 19.35
N ARG C 83 -29.73 -4.72 20.50
CA ARG C 83 -30.57 -5.17 21.60
C ARG C 83 -30.40 -4.16 22.73
N VAL C 84 -31.54 -3.69 23.26
CA VAL C 84 -31.52 -2.74 24.36
C VAL C 84 -31.79 -3.52 25.64
N LEU C 85 -30.83 -3.49 26.55
CA LEU C 85 -30.96 -4.14 27.84
C LEU C 85 -31.05 -3.12 28.94
N GLY C 86 -31.70 -3.54 30.02
CA GLY C 86 -31.62 -2.84 31.29
C GLY C 86 -30.50 -3.44 32.12
N VAL C 87 -29.69 -2.58 32.77
CA VAL C 87 -28.62 -3.02 33.63
C VAL C 87 -28.90 -2.43 35.00
N PRO C 88 -28.78 -3.19 36.12
CA PRO C 88 -28.15 -4.50 36.21
C PRO C 88 -29.02 -5.74 36.11
N SER C 89 -30.29 -5.60 35.71
CA SER C 89 -31.15 -6.78 35.60
C SER C 89 -30.72 -7.69 34.45
N MET C 90 -30.14 -7.09 33.40
CA MET C 90 -29.66 -7.78 32.21
C MET C 90 -30.81 -8.36 31.38
N ARG C 91 -31.95 -7.71 31.48
CA ARG C 91 -33.12 -8.10 30.72
C ARG C 91 -33.17 -7.29 29.42
N GLU C 92 -33.56 -7.94 28.33
CA GLU C 92 -33.70 -7.26 27.05
C GLU C 92 -35.03 -6.53 26.96
N LEU C 93 -35.01 -5.19 26.91
CA LEU C 93 -36.18 -4.32 26.85
C LEU C 93 -36.71 -4.13 25.44
N MET C 94 -35.83 -4.19 24.43
CA MET C 94 -36.26 -3.82 23.10
C MET C 94 -35.23 -4.40 22.12
N ARG C 95 -35.69 -4.72 20.91
CA ARG C 95 -34.81 -5.03 19.81
C ARG C 95 -35.01 -3.93 18.76
N ILE C 96 -33.89 -3.40 18.25
CA ILE C 96 -33.91 -2.38 17.23
C ILE C 96 -33.39 -3.01 15.95
N PRO C 97 -34.28 -3.22 14.96
CA PRO C 97 -33.81 -3.86 13.73
C PRO C 97 -32.89 -2.90 12.97
N VAL C 98 -31.85 -3.46 12.35
CA VAL C 98 -30.86 -2.65 11.62
C VAL C 98 -30.62 -3.30 10.26
N PHE C 99 -29.90 -4.42 10.25
CA PHE C 99 -29.55 -5.11 9.02
C PHE C 99 -30.33 -6.40 8.83
N ASN C 100 -31.05 -6.84 9.87
CA ASN C 100 -31.95 -7.96 9.79
C ASN C 100 -33.27 -7.51 9.18
N VAL C 101 -34.12 -8.49 8.82
CA VAL C 101 -35.49 -8.24 8.40
C VAL C 101 -36.42 -8.70 9.52
N ASP C 102 -37.17 -7.75 10.07
CA ASP C 102 -37.98 -8.03 11.25
C ASP C 102 -39.44 -8.30 10.83
N SER C 103 -39.88 -9.56 10.98
CA SER C 103 -41.24 -9.98 10.67
C SER C 103 -42.29 -9.15 11.41
N ALA C 104 -41.95 -8.66 12.62
CA ALA C 104 -42.94 -8.02 13.48
C ALA C 104 -43.15 -6.58 13.00
N THR C 105 -42.11 -5.74 13.19
CA THR C 105 -42.24 -4.33 12.84
C THR C 105 -42.25 -4.11 11.32
N GLY C 106 -41.83 -5.10 10.54
CA GLY C 106 -41.71 -4.92 9.10
C GLY C 106 -40.44 -4.20 8.67
N TRP C 107 -39.46 -4.06 9.60
CA TRP C 107 -38.19 -3.47 9.17
C TRP C 107 -37.59 -4.35 8.07
N GLY C 108 -37.35 -3.75 6.89
CA GLY C 108 -36.90 -4.50 5.72
C GLY C 108 -38.02 -4.81 4.74
N ILE C 109 -39.26 -4.68 5.18
CA ILE C 109 -40.48 -4.91 4.41
C ILE C 109 -41.18 -3.60 4.11
N THR C 110 -41.29 -2.70 5.11
CA THR C 110 -41.94 -1.43 4.90
C THR C 110 -41.19 -0.57 3.88
N ASN C 111 -41.95 0.36 3.26
CA ASN C 111 -41.33 1.25 2.28
C ASN C 111 -40.38 2.20 2.98
N GLU C 112 -40.69 2.60 4.20
CA GLU C 112 -39.87 3.58 4.91
C GLU C 112 -38.50 2.96 5.23
N SER C 113 -38.52 1.73 5.75
CA SER C 113 -37.26 1.04 6.04
C SER C 113 -36.50 0.75 4.76
N LYS C 114 -37.18 0.35 3.68
CA LYS C 114 -36.49 0.08 2.42
C LYS C 114 -35.82 1.35 1.89
N GLU C 115 -36.44 2.50 2.08
CA GLU C 115 -35.82 3.73 1.61
C GLU C 115 -34.54 4.02 2.39
N ILE C 116 -34.61 3.84 3.69
CA ILE C 116 -33.45 4.02 4.58
C ILE C 116 -32.35 3.04 4.19
N LEU C 117 -32.70 1.77 3.97
CA LEU C 117 -31.71 0.76 3.60
C LEU C 117 -31.04 1.06 2.26
N GLY C 118 -31.81 1.61 1.32
CA GLY C 118 -31.30 1.94 -0.01
C GLY C 118 -30.65 0.75 -0.69
N GLY C 119 -29.52 1.03 -1.36
CA GLY C 119 -28.78 -0.03 -2.01
C GLY C 119 -29.35 -0.42 -3.37
N ASP C 120 -28.59 -1.24 -4.12
N ASP C 120 -28.58 -1.26 -4.07
CA ASP C 120 -29.04 -1.72 -5.42
CA ASP C 120 -28.98 -1.71 -5.39
C ASP C 120 -29.44 -3.21 -5.36
C ASP C 120 -29.65 -3.08 -5.31
N GLN C 121 -29.53 -3.77 -4.16
CA GLN C 121 -30.16 -5.06 -3.99
C GLN C 121 -30.57 -5.16 -2.53
N GLN C 122 -31.52 -6.04 -2.31
CA GLN C 122 -31.97 -6.37 -0.98
C GLN C 122 -30.96 -7.30 -0.32
N TYR C 123 -30.65 -6.98 0.94
CA TYR C 123 -29.86 -7.86 1.78
C TYR C 123 -30.71 -8.32 2.95
N LEU C 124 -30.79 -9.64 3.15
CA LEU C 124 -31.56 -10.18 4.26
C LEU C 124 -30.74 -10.30 5.53
N ASN C 125 -29.47 -9.87 5.50
CA ASN C 125 -28.55 -10.14 6.59
C ASN C 125 -27.67 -8.92 6.82
N GLY C 126 -27.00 -8.97 7.97
CA GLY C 126 -25.86 -8.13 8.25
C GLY C 126 -25.09 -8.68 9.43
N ASP C 127 -24.06 -7.94 9.85
CA ASP C 127 -23.15 -8.43 10.90
C ASP C 127 -22.61 -7.25 11.70
N CYS C 128 -23.27 -6.92 12.80
CA CYS C 128 -23.04 -5.68 13.52
C CYS C 128 -22.30 -5.97 14.83
N HIS C 129 -21.17 -5.29 15.07
CA HIS C 129 -20.28 -5.62 16.17
C HIS C 129 -20.14 -4.52 17.22
N HIS C 130 -20.17 -3.24 16.78
CA HIS C 130 -19.53 -2.13 17.51
C HIS C 130 -20.51 -0.96 17.64
N PRO C 131 -21.39 -0.98 18.67
CA PRO C 131 -22.33 0.11 18.89
C PRO C 131 -21.74 1.21 19.75
N HIS C 132 -21.89 2.44 19.28
CA HIS C 132 -21.30 3.59 19.94
C HIS C 132 -22.26 4.76 19.95
N ILE C 133 -22.27 5.54 21.02
N ILE C 133 -22.27 5.53 21.04
CA ILE C 133 -23.21 6.63 21.16
CA ILE C 133 -23.19 6.64 21.29
C ILE C 133 -22.49 7.98 21.09
C ILE C 133 -22.48 7.97 21.08
N SER C 134 -23.16 8.89 20.38
CA SER C 134 -22.65 10.23 20.15
C SER C 134 -22.29 10.95 21.45
N MET C 135 -21.26 11.80 21.34
N MET C 135 -21.27 11.81 21.34
CA MET C 135 -20.68 12.50 22.48
CA MET C 135 -20.71 12.50 22.48
C MET C 135 -20.62 14.00 22.21
C MET C 135 -20.63 14.01 22.20
N THR C 136 -20.72 14.76 23.30
CA THR C 136 -20.42 16.18 23.35
C THR C 136 -19.35 16.37 24.42
N ASP C 137 -18.21 16.95 24.02
CA ASP C 137 -17.04 17.17 24.88
C ASP C 137 -16.72 15.94 25.73
N GLY C 138 -16.66 14.79 25.06
CA GLY C 138 -16.18 13.58 25.75
C GLY C 138 -17.19 12.97 26.72
N ARG C 139 -18.48 13.36 26.64
CA ARG C 139 -19.55 12.78 27.45
C ARG C 139 -20.65 12.29 26.51
N TYR C 140 -21.33 11.19 26.86
CA TYR C 140 -22.40 10.70 26.01
C TYR C 140 -23.54 11.71 26.00
N ASP C 141 -24.09 12.00 24.82
CA ASP C 141 -25.16 13.01 24.69
C ASP C 141 -26.51 12.36 24.35
N GLY C 142 -26.53 11.06 24.07
CA GLY C 142 -27.82 10.38 23.89
C GLY C 142 -28.54 10.64 22.57
N LYS C 143 -27.91 11.27 21.57
CA LYS C 143 -28.67 11.59 20.37
C LYS C 143 -28.75 10.38 19.42
N TYR C 144 -27.58 9.78 19.14
CA TYR C 144 -27.45 8.77 18.10
C TYR C 144 -26.60 7.60 18.60
N LEU C 145 -26.90 6.43 18.03
CA LEU C 145 -26.07 5.25 18.11
C LEU C 145 -25.62 4.93 16.69
N PHE C 146 -24.36 4.53 16.53
CA PHE C 146 -23.83 4.09 15.25
C PHE C 146 -23.30 2.68 15.38
N ILE C 147 -23.40 1.93 14.26
CA ILE C 147 -22.88 0.57 14.25
C ILE C 147 -22.49 0.15 12.84
N ASN C 148 -21.53 -0.80 12.79
CA ASN C 148 -21.02 -1.30 11.51
C ASN C 148 -21.83 -2.50 10.99
N ASP C 149 -21.65 -2.79 9.70
CA ASP C 149 -22.05 -4.04 9.05
C ASP C 149 -20.85 -4.64 8.31
N LYS C 150 -20.30 -5.73 8.86
CA LYS C 150 -19.18 -6.44 8.24
C LYS C 150 -19.61 -7.23 7.03
N ALA C 151 -20.88 -7.63 6.95
CA ALA C 151 -21.33 -8.58 5.92
C ALA C 151 -21.49 -7.91 4.57
N ASN C 152 -22.20 -6.77 4.55
CA ASN C 152 -22.56 -6.11 3.30
C ASN C 152 -22.06 -4.66 3.25
N THR C 153 -21.04 -4.34 4.06
CA THR C 153 -20.20 -3.14 3.91
C THR C 153 -21.04 -1.85 4.06
N ARG C 154 -21.63 -1.69 5.24
CA ARG C 154 -22.53 -0.59 5.56
C ARG C 154 -22.26 -0.08 6.96
N VAL C 155 -22.75 1.14 7.22
CA VAL C 155 -22.80 1.70 8.55
C VAL C 155 -24.22 2.19 8.77
N ALA C 156 -24.72 2.01 10.00
CA ALA C 156 -26.07 2.51 10.36
C ALA C 156 -25.99 3.54 11.47
N ARG C 157 -26.98 4.44 11.46
CA ARG C 157 -27.28 5.37 12.55
C ARG C 157 -28.67 5.10 13.06
N ILE C 158 -28.79 5.05 14.40
N ILE C 158 -28.79 5.05 14.40
CA ILE C 158 -30.04 4.84 15.11
CA ILE C 158 -30.04 4.84 15.11
C ILE C 158 -30.35 6.13 15.88
C ILE C 158 -30.36 6.12 15.87
N ARG C 159 -31.60 6.57 15.75
CA ARG C 159 -32.07 7.70 16.53
C ARG C 159 -32.49 7.19 17.90
N LEU C 160 -31.92 7.73 18.98
CA LEU C 160 -32.21 7.22 20.32
C LEU C 160 -33.45 7.89 20.95
N ASP C 161 -34.10 8.83 20.27
CA ASP C 161 -35.37 9.33 20.73
C ASP C 161 -36.51 8.34 20.49
N ILE C 162 -36.48 7.57 19.39
CA ILE C 162 -37.50 6.58 19.10
C ILE C 162 -36.95 5.14 19.03
N MET C 163 -35.64 4.95 19.18
N MET C 163 -35.62 5.04 19.09
CA MET C 163 -35.00 3.64 19.10
CA MET C 163 -34.89 3.79 19.05
C MET C 163 -35.28 2.96 17.76
C MET C 163 -35.25 3.00 17.79
N LYS C 164 -34.98 3.69 16.68
CA LYS C 164 -35.12 3.14 15.32
C LYS C 164 -33.95 3.59 14.47
N THR C 165 -33.55 2.72 13.55
CA THR C 165 -32.57 3.06 12.55
C THR C 165 -33.12 4.18 11.68
N ASP C 166 -32.30 5.20 11.39
CA ASP C 166 -32.75 6.26 10.50
C ASP C 166 -31.84 6.51 9.31
N LYS C 167 -30.61 5.96 9.28
CA LYS C 167 -29.75 6.15 8.13
C LYS C 167 -28.93 4.89 7.96
N ILE C 168 -28.73 4.51 6.69
CA ILE C 168 -27.80 3.45 6.35
C ILE C 168 -26.96 3.90 5.16
N THR C 169 -25.62 3.83 5.32
CA THR C 169 -24.69 4.30 4.32
C THR C 169 -23.84 3.15 3.84
N HIS C 170 -23.75 3.00 2.51
CA HIS C 170 -22.89 2.01 1.90
C HIS C 170 -21.50 2.61 1.76
N ILE C 171 -20.47 1.93 2.25
CA ILE C 171 -19.11 2.51 2.23
C ILE C 171 -18.41 2.10 0.94
N PRO C 172 -17.98 3.06 0.08
CA PRO C 172 -17.47 2.73 -1.25
C PRO C 172 -16.03 2.20 -1.24
N ASN C 173 -15.80 1.28 -2.19
CA ASN C 173 -14.47 0.85 -2.62
C ASN C 173 -13.67 0.13 -1.52
N VAL C 174 -14.39 -0.42 -0.53
CA VAL C 174 -13.86 -1.23 0.52
C VAL C 174 -14.80 -2.43 0.75
N GLN C 175 -14.29 -3.39 1.58
CA GLN C 175 -15.11 -4.51 2.02
C GLN C 175 -14.97 -4.72 3.52
N ALA C 176 -16.14 -5.00 4.11
CA ALA C 176 -16.28 -5.53 5.46
C ALA C 176 -15.97 -4.49 6.53
N ILE C 177 -16.97 -3.67 6.85
CA ILE C 177 -16.78 -2.65 7.88
C ILE C 177 -16.76 -3.35 9.24
N HIS C 178 -15.67 -3.19 9.97
CA HIS C 178 -15.46 -3.93 11.21
C HIS C 178 -15.37 -2.92 12.36
N GLY C 179 -14.16 -2.45 12.69
CA GLY C 179 -14.03 -1.45 13.73
C GLY C 179 -14.81 -0.19 13.43
N LEU C 180 -15.45 0.33 14.46
CA LEU C 180 -16.17 1.57 14.37
C LEU C 180 -16.11 2.22 15.73
N ARG C 181 -15.77 3.53 15.79
CA ARG C 181 -15.90 4.31 17.00
C ARG C 181 -16.03 5.77 16.60
N LEU C 182 -16.36 6.59 17.59
CA LEU C 182 -16.78 7.97 17.29
C LEU C 182 -15.74 8.98 17.78
N GLN C 183 -15.70 10.10 17.07
CA GLN C 183 -15.01 11.25 17.62
C GLN C 183 -15.68 11.65 18.94
N LYS C 184 -14.84 12.02 19.90
CA LYS C 184 -15.30 12.35 21.25
C LYS C 184 -15.38 13.85 21.46
N VAL C 185 -14.41 14.58 20.89
CA VAL C 185 -14.15 15.98 21.26
C VAL C 185 -13.82 16.70 19.96
N PRO C 186 -14.35 17.93 19.72
CA PRO C 186 -15.27 18.63 20.63
C PRO C 186 -16.67 18.01 20.77
N LYS C 187 -17.03 17.18 19.79
CA LYS C 187 -18.27 16.40 19.79
C LYS C 187 -18.15 15.41 18.64
N THR C 188 -19.14 14.53 18.52
CA THR C 188 -19.13 13.55 17.44
C THR C 188 -19.53 14.25 16.14
N ASN C 189 -18.51 14.72 15.41
CA ASN C 189 -18.67 15.22 14.06
C ASN C 189 -18.38 14.09 13.06
N TYR C 190 -17.45 13.20 13.40
CA TYR C 190 -17.07 12.10 12.56
C TYR C 190 -17.38 10.77 13.21
N VAL C 191 -17.82 9.83 12.37
CA VAL C 191 -17.84 8.42 12.66
C VAL C 191 -16.65 7.79 11.96
N PHE C 192 -15.80 7.08 12.68
CA PHE C 192 -14.61 6.48 12.09
C PHE C 192 -14.83 4.99 11.91
N CYS C 193 -14.52 4.48 10.70
N CYS C 193 -14.56 4.46 10.71
CA CYS C 193 -14.89 3.15 10.24
CA CYS C 193 -14.78 3.03 10.56
C CYS C 193 -13.67 2.46 9.63
C CYS C 193 -13.79 2.40 9.61
N ASN C 194 -13.36 1.23 10.06
CA ASN C 194 -12.35 0.38 9.44
C ASN C 194 -12.99 -0.58 8.45
N ALA C 195 -12.33 -0.83 7.33
CA ALA C 195 -12.67 -1.91 6.42
C ALA C 195 -11.58 -2.96 6.53
N GLU C 196 -11.97 -4.20 6.80
CA GLU C 196 -11.05 -5.22 7.23
C GLU C 196 -10.28 -5.88 6.10
N PHE C 197 -10.89 -6.01 4.91
CA PHE C 197 -10.37 -6.92 3.89
C PHE C 197 -9.84 -6.17 2.68
N VAL C 198 -8.54 -6.39 2.38
CA VAL C 198 -7.93 -5.68 1.26
C VAL C 198 -8.50 -6.15 -0.07
N ILE C 199 -8.79 -5.17 -0.94
CA ILE C 199 -9.31 -5.46 -2.26
C ILE C 199 -8.58 -4.62 -3.30
N PRO C 200 -8.59 -5.03 -4.58
CA PRO C 200 -8.02 -4.18 -5.63
C PRO C 200 -8.73 -2.83 -5.69
N GLN C 201 -8.02 -1.80 -6.14
CA GLN C 201 -8.56 -0.45 -6.31
C GLN C 201 -8.38 0.01 -7.75
N PRO C 202 -9.46 0.12 -8.53
CA PRO C 202 -10.83 -0.28 -8.14
C PRO C 202 -11.01 -1.80 -8.21
N ASN C 203 -12.11 -2.30 -7.63
CA ASN C 203 -12.32 -3.73 -7.58
C ASN C 203 -13.19 -4.19 -8.76
N ASP C 204 -12.57 -4.36 -9.94
CA ASP C 204 -13.32 -4.48 -11.17
C ASP C 204 -12.98 -5.76 -11.93
N GLY C 205 -12.27 -6.70 -11.32
CA GLY C 205 -12.01 -7.99 -11.94
C GLY C 205 -10.83 -8.02 -12.92
N THR C 206 -10.13 -6.88 -13.09
CA THR C 206 -8.99 -6.84 -14.00
C THR C 206 -7.69 -7.34 -13.35
N ASP C 207 -7.60 -7.26 -12.01
CA ASP C 207 -6.39 -7.68 -11.31
C ASP C 207 -6.77 -8.19 -9.92
N PHE C 208 -6.69 -9.49 -9.69
CA PHE C 208 -7.11 -10.07 -8.42
C PHE C 208 -5.98 -10.12 -7.41
N SER C 209 -4.78 -9.61 -7.72
CA SER C 209 -3.61 -9.87 -6.90
C SER C 209 -3.76 -9.22 -5.52
N LEU C 210 -3.32 -9.95 -4.48
CA LEU C 210 -3.19 -9.39 -3.15
C LEU C 210 -2.14 -8.29 -3.10
N ASP C 211 -1.10 -8.40 -3.94
CA ASP C 211 -0.03 -7.42 -4.02
C ASP C 211 -0.54 -6.03 -4.29
N ASN C 212 -1.63 -5.94 -5.05
CA ASN C 212 -2.20 -4.66 -5.45
C ASN C 212 -3.55 -4.44 -4.80
N SER C 213 -3.77 -5.13 -3.67
CA SER C 213 -4.99 -5.00 -2.88
C SER C 213 -4.78 -4.13 -1.65
N TYR C 214 -5.74 -3.24 -1.35
CA TYR C 214 -5.61 -2.35 -0.22
C TYR C 214 -6.97 -2.16 0.45
N THR C 215 -6.92 -1.60 1.63
CA THR C 215 -8.11 -1.17 2.33
C THR C 215 -7.98 0.30 2.71
N MET C 216 -9.06 0.85 3.24
CA MET C 216 -9.11 2.25 3.58
C MET C 216 -9.82 2.42 4.93
N PHE C 217 -9.42 3.48 5.64
CA PHE C 217 -10.09 4.02 6.82
C PHE C 217 -11.06 5.10 6.35
N THR C 218 -12.28 5.10 6.87
CA THR C 218 -13.34 5.97 6.41
C THR C 218 -13.85 6.85 7.54
N ALA C 219 -14.05 8.15 7.25
CA ALA C 219 -14.75 9.05 8.14
C ALA C 219 -16.09 9.40 7.54
N ILE C 220 -17.14 9.25 8.32
CA ILE C 220 -18.49 9.64 7.90
C ILE C 220 -18.91 10.88 8.67
N ASP C 221 -19.57 11.84 8.01
CA ASP C 221 -20.22 12.95 8.72
C ASP C 221 -21.36 12.39 9.56
N ALA C 222 -21.28 12.56 10.88
CA ALA C 222 -22.24 11.98 11.78
C ALA C 222 -23.64 12.53 11.58
N GLU C 223 -23.75 13.81 11.23
N GLU C 223 -23.74 13.81 11.22
CA GLU C 223 -25.06 14.45 11.18
CA GLU C 223 -25.04 14.46 11.16
C GLU C 223 -25.75 14.18 9.84
C GLU C 223 -25.75 14.16 9.84
N THR C 224 -25.01 14.07 8.73
CA THR C 224 -25.62 13.81 7.43
C THR C 224 -25.60 12.32 7.09
N MET C 225 -24.64 11.60 7.68
CA MET C 225 -24.33 10.21 7.32
C MET C 225 -23.80 10.05 5.90
N ASP C 226 -23.33 11.15 5.28
CA ASP C 226 -22.58 11.07 4.05
C ASP C 226 -21.10 10.84 4.37
N VAL C 227 -20.45 9.99 3.61
CA VAL C 227 -19.01 9.80 3.80
C VAL C 227 -18.24 11.10 3.54
N ALA C 228 -17.30 11.40 4.44
CA ALA C 228 -16.53 12.65 4.35
C ALA C 228 -15.24 12.44 3.54
N TRP C 229 -14.49 11.39 3.88
CA TRP C 229 -13.22 11.10 3.23
C TRP C 229 -12.74 9.70 3.62
N GLN C 230 -11.73 9.22 2.91
CA GLN C 230 -11.11 7.95 3.15
C GLN C 230 -9.60 8.12 3.09
N VAL C 231 -8.90 7.22 3.78
CA VAL C 231 -7.45 7.18 3.82
C VAL C 231 -7.00 5.78 3.40
N ILE C 232 -6.21 5.67 2.33
CA ILE C 232 -5.64 4.40 1.94
C ILE C 232 -4.52 4.10 2.93
N VAL C 233 -4.49 2.87 3.42
CA VAL C 233 -3.43 2.40 4.31
C VAL C 233 -2.70 1.19 3.72
N ASP C 234 -1.54 0.91 4.30
CA ASP C 234 -0.91 -0.39 4.15
C ASP C 234 -1.60 -1.40 5.08
N GLY C 235 -1.34 -2.70 4.85
CA GLY C 235 -1.87 -3.71 5.77
C GLY C 235 -3.40 -3.72 5.76
N ASN C 236 -4.00 -3.92 6.94
CA ASN C 236 -5.45 -3.93 7.03
C ASN C 236 -5.85 -3.15 8.27
N LEU C 237 -7.14 -3.23 8.62
CA LEU C 237 -7.71 -2.47 9.73
C LEU C 237 -8.63 -3.40 10.50
N ASP C 238 -8.50 -3.42 11.81
CA ASP C 238 -9.31 -4.29 12.67
C ASP C 238 -10.24 -3.43 13.51
N ASN C 239 -9.78 -2.92 14.68
CA ASN C 239 -10.58 -2.12 15.58
C ASN C 239 -10.01 -0.69 15.62
N THR C 240 -10.78 0.27 16.12
CA THR C 240 -10.41 1.70 16.09
C THR C 240 -10.93 2.45 17.32
N ASP C 241 -10.22 3.52 17.71
CA ASP C 241 -10.75 4.46 18.70
C ASP C 241 -10.18 5.84 18.39
N ALA C 242 -10.65 6.81 19.15
CA ALA C 242 -10.33 8.21 18.96
C ALA C 242 -9.87 8.79 20.30
N ASP C 243 -9.15 9.91 20.22
CA ASP C 243 -8.63 10.58 21.39
C ASP C 243 -9.68 11.53 21.97
N TYR C 244 -9.25 12.35 22.95
CA TYR C 244 -10.10 13.35 23.61
C TYR C 244 -9.69 14.76 23.19
N THR C 245 -9.24 14.92 21.94
CA THR C 245 -9.02 16.24 21.38
C THR C 245 -9.66 16.47 20.01
N GLY C 246 -9.91 15.38 19.26
CA GLY C 246 -10.40 15.51 17.89
C GLY C 246 -9.29 15.36 16.86
N LYS C 247 -8.03 15.43 17.29
CA LYS C 247 -6.94 15.43 16.33
C LYS C 247 -6.58 14.02 15.84
N TYR C 248 -6.71 13.02 16.71
CA TYR C 248 -6.19 11.69 16.41
C TYR C 248 -7.23 10.57 16.52
N ALA C 249 -7.07 9.58 15.63
CA ALA C 249 -7.78 8.31 15.71
C ALA C 249 -6.70 7.26 15.44
N ALA C 250 -6.99 6.00 15.79
CA ALA C 250 -6.00 4.96 15.61
C ALA C 250 -6.73 3.63 15.41
N SER C 251 -6.08 2.75 14.66
CA SER C 251 -6.61 1.43 14.33
C SER C 251 -5.56 0.35 14.45
N THR C 252 -5.95 -0.83 14.94
CA THR C 252 -5.10 -2.01 14.83
C THR C 252 -5.09 -2.57 13.42
N CYS C 253 -4.01 -3.28 13.10
CA CYS C 253 -3.83 -4.05 11.87
C CYS C 253 -3.35 -5.44 12.28
N TYR C 254 -3.94 -6.53 11.78
CA TYR C 254 -3.40 -7.86 12.00
C TYR C 254 -2.77 -8.43 10.73
N ASN C 255 -3.04 -7.84 9.57
CA ASN C 255 -2.68 -8.36 8.24
C ASN C 255 -1.75 -7.37 7.53
N SER C 256 -0.66 -6.98 8.21
CA SER C 256 0.40 -6.19 7.57
C SER C 256 0.93 -6.90 6.34
N GLU C 257 0.80 -8.25 6.31
CA GLU C 257 1.23 -9.15 5.26
C GLU C 257 0.33 -9.14 4.02
N ARG C 258 -0.91 -8.64 4.14
CA ARG C 258 -1.93 -8.66 3.10
C ARG C 258 -2.01 -10.07 2.50
N ALA C 259 -2.19 -11.06 3.39
CA ALA C 259 -2.29 -12.46 3.04
C ALA C 259 -3.70 -12.97 3.25
N VAL C 260 -4.03 -14.05 2.58
CA VAL C 260 -5.25 -14.79 2.85
C VAL C 260 -4.97 -16.00 3.72
N ASP C 261 -3.89 -16.72 3.42
CA ASP C 261 -3.59 -17.96 4.11
C ASP C 261 -3.11 -17.66 5.52
N LEU C 262 -3.39 -18.63 6.38
CA LEU C 262 -3.21 -18.40 7.78
C LEU C 262 -1.77 -18.09 8.14
N ALA C 263 -0.80 -18.84 7.61
CA ALA C 263 0.60 -18.61 7.90
C ALA C 263 1.00 -17.21 7.50
N GLY C 264 0.59 -16.79 6.30
CA GLY C 264 0.82 -15.44 5.79
C GLY C 264 0.36 -14.36 6.75
N THR C 265 -0.85 -14.53 7.31
CA THR C 265 -1.38 -13.50 8.21
C THR C 265 -0.59 -13.42 9.52
N MET C 266 0.15 -14.46 9.88
CA MET C 266 0.88 -14.56 11.15
C MET C 266 2.40 -14.41 10.96
N ARG C 267 2.86 -14.06 9.73
CA ARG C 267 4.28 -14.16 9.41
C ARG C 267 5.10 -13.15 10.22
N ASN C 268 4.65 -11.88 10.28
CA ASN C 268 5.46 -10.83 10.88
C ASN C 268 5.39 -10.95 12.39
N ASP C 269 6.54 -10.74 13.05
CA ASP C 269 6.56 -10.67 14.50
C ASP C 269 5.64 -9.57 15.05
N ARG C 270 5.60 -8.43 14.36
N ARG C 270 5.59 -8.44 14.36
CA ARG C 270 4.75 -7.32 14.72
CA ARG C 270 4.76 -7.32 14.73
C ARG C 270 3.94 -6.92 13.50
C ARG C 270 3.95 -6.91 13.51
N ASP C 271 2.71 -6.50 13.73
CA ASP C 271 1.95 -5.71 12.78
C ASP C 271 2.05 -4.29 13.33
N TRP C 272 0.92 -3.55 13.46
CA TRP C 272 1.04 -2.17 13.94
C TRP C 272 -0.31 -1.67 14.41
N VAL C 273 -0.23 -0.52 15.08
CA VAL C 273 -1.32 0.42 15.19
C VAL C 273 -1.03 1.53 14.22
N VAL C 274 -1.97 1.83 13.34
CA VAL C 274 -1.87 2.98 12.45
C VAL C 274 -2.61 4.16 13.09
N VAL C 275 -1.90 5.28 13.31
CA VAL C 275 -2.51 6.49 13.84
C VAL C 275 -2.80 7.45 12.70
N PHE C 276 -4.00 8.01 12.71
CA PHE C 276 -4.45 8.96 11.73
C PHE C 276 -4.40 10.35 12.35
N ASN C 277 -3.77 11.28 11.60
CA ASN C 277 -3.76 12.70 11.96
C ASN C 277 -4.96 13.32 11.27
N VAL C 278 -6.09 13.27 11.98
CA VAL C 278 -7.38 13.72 11.46
C VAL C 278 -7.32 15.21 11.05
N GLU C 279 -6.61 16.01 11.83
CA GLU C 279 -6.46 17.43 11.52
C GLU C 279 -5.81 17.63 10.15
N ARG C 280 -4.71 16.91 9.85
CA ARG C 280 -4.02 17.02 8.59
C ARG C 280 -4.88 16.49 7.44
N ILE C 281 -5.56 15.37 7.67
CA ILE C 281 -6.41 14.78 6.65
C ILE C 281 -7.51 15.78 6.25
N ALA C 282 -8.24 16.27 7.25
CA ALA C 282 -9.35 17.18 7.01
C ALA C 282 -8.88 18.43 6.26
N ALA C 283 -7.69 18.93 6.63
CA ALA C 283 -7.10 20.08 5.94
C ALA C 283 -6.77 19.77 4.48
N ALA C 284 -6.22 18.58 4.18
CA ALA C 284 -5.92 18.24 2.81
C ALA C 284 -7.17 18.12 1.97
N VAL C 285 -8.21 17.52 2.55
CA VAL C 285 -9.46 17.36 1.84
C VAL C 285 -10.08 18.73 1.56
N LYS C 286 -10.05 19.61 2.56
CA LYS C 286 -10.60 20.95 2.41
C LYS C 286 -9.87 21.71 1.29
N ALA C 287 -8.56 21.52 1.20
CA ALA C 287 -7.73 22.19 0.21
C ALA C 287 -7.88 21.60 -1.19
N GLY C 288 -8.54 20.46 -1.33
CA GLY C 288 -8.68 19.82 -2.63
C GLY C 288 -7.56 18.84 -2.95
N ASN C 289 -6.66 18.54 -1.99
CA ASN C 289 -5.52 17.68 -2.26
C ASN C 289 -5.92 16.23 -1.99
N PHE C 290 -6.66 15.65 -2.94
CA PHE C 290 -7.14 14.30 -2.82
C PHE C 290 -7.36 13.73 -4.21
N LYS C 291 -7.61 12.41 -4.27
CA LYS C 291 -8.01 11.72 -5.48
C LYS C 291 -9.34 11.03 -5.24
N THR C 292 -9.87 10.38 -6.29
CA THR C 292 -11.07 9.55 -6.18
C THR C 292 -10.76 8.18 -6.80
N ILE C 293 -11.51 7.17 -6.33
CA ILE C 293 -11.42 5.80 -6.80
C ILE C 293 -12.75 5.37 -7.43
N GLY C 294 -12.65 4.71 -8.58
CA GLY C 294 -13.82 4.10 -9.21
C GLY C 294 -14.93 5.10 -9.52
N ASP C 295 -16.15 4.72 -9.17
CA ASP C 295 -17.35 5.50 -9.45
C ASP C 295 -17.75 6.34 -8.24
N SER C 296 -16.90 6.44 -7.21
CA SER C 296 -17.20 7.24 -6.03
C SER C 296 -16.54 8.61 -6.08
N LYS C 297 -17.30 9.65 -5.69
CA LYS C 297 -16.76 11.01 -5.62
C LYS C 297 -16.12 11.32 -4.26
N VAL C 298 -16.07 10.32 -3.37
CA VAL C 298 -15.53 10.54 -2.05
C VAL C 298 -14.05 10.89 -2.12
N PRO C 299 -13.61 11.94 -1.40
CA PRO C 299 -12.20 12.28 -1.36
C PRO C 299 -11.39 11.16 -0.73
N VAL C 300 -10.27 10.81 -1.38
CA VAL C 300 -9.37 9.77 -0.90
C VAL C 300 -7.97 10.38 -0.81
N VAL C 301 -7.39 10.28 0.37
CA VAL C 301 -5.99 10.65 0.58
C VAL C 301 -5.15 9.40 0.80
N ASP C 302 -3.86 9.48 0.50
CA ASP C 302 -3.03 8.29 0.54
C ASP C 302 -2.16 8.30 1.80
N GLY C 303 -2.48 7.38 2.74
CA GLY C 303 -1.78 7.16 3.97
C GLY C 303 -0.77 6.01 3.94
N ARG C 304 -0.44 5.50 2.77
CA ARG C 304 0.53 4.42 2.70
C ARG C 304 1.96 4.92 2.90
N GLY C 305 2.79 4.02 3.38
CA GLY C 305 4.22 4.30 3.51
C GLY C 305 4.48 5.48 4.41
N GLU C 306 5.37 6.37 3.90
CA GLU C 306 5.72 7.58 4.60
C GLU C 306 4.78 8.66 4.11
N SER C 307 3.86 9.04 5.00
CA SER C 307 2.76 9.94 4.68
C SER C 307 2.64 10.94 5.81
N GLU C 308 2.18 12.14 5.48
CA GLU C 308 1.91 13.10 6.51
C GLU C 308 0.69 12.74 7.35
N PHE C 309 -0.16 11.83 6.86
CA PHE C 309 -1.46 11.57 7.45
C PHE C 309 -1.45 10.44 8.48
N THR C 310 -0.42 9.58 8.46
CA THR C 310 -0.40 8.35 9.21
C THR C 310 0.95 8.10 9.90
N ARG C 311 0.93 7.33 10.97
CA ARG C 311 2.13 6.74 11.53
C ARG C 311 1.87 5.29 11.87
N TYR C 312 2.80 4.40 11.51
CA TYR C 312 2.63 2.97 11.71
C TYR C 312 3.49 2.47 12.88
N ILE C 313 2.90 2.38 14.08
CA ILE C 313 3.63 2.02 15.30
C ILE C 313 3.66 0.52 15.40
N PRO C 314 4.81 -0.16 15.30
CA PRO C 314 4.83 -1.63 15.41
C PRO C 314 4.36 -2.20 16.73
N VAL C 315 3.48 -3.20 16.68
CA VAL C 315 2.83 -3.77 17.85
C VAL C 315 2.70 -5.28 17.57
N PRO C 316 3.12 -6.14 18.52
CA PRO C 316 2.89 -7.58 18.36
C PRO C 316 1.48 -7.96 18.87
N LYS C 317 0.80 -8.97 18.32
CA LYS C 317 1.08 -9.73 17.12
C LYS C 317 -0.30 -10.14 16.60
N ASN C 318 -0.66 -9.64 15.43
CA ASN C 318 -2.05 -9.72 15.00
C ASN C 318 -2.90 -9.04 16.06
N PRO C 319 -2.54 -7.81 16.50
CA PRO C 319 -3.31 -7.15 17.54
C PRO C 319 -4.74 -6.84 17.14
N HIS C 320 -5.60 -6.73 18.16
CA HIS C 320 -7.03 -6.78 17.93
C HIS C 320 -7.71 -5.53 18.50
N GLY C 321 -8.13 -5.55 19.76
CA GLY C 321 -8.81 -4.38 20.30
C GLY C 321 -7.92 -3.14 20.33
N LEU C 322 -8.55 -1.97 20.23
CA LEU C 322 -7.86 -0.69 20.34
C LEU C 322 -8.76 0.21 21.19
N ASN C 323 -8.31 0.54 22.41
CA ASN C 323 -9.15 1.17 23.42
C ASN C 323 -8.51 2.42 24.01
N THR C 324 -9.26 3.54 23.97
CA THR C 324 -8.78 4.79 24.55
C THR C 324 -9.12 4.87 26.04
N SER C 325 -8.10 5.20 26.88
CA SER C 325 -8.36 5.42 28.29
C SER C 325 -9.15 6.70 28.54
N PRO C 326 -10.02 6.70 29.57
CA PRO C 326 -10.96 7.82 29.81
C PRO C 326 -10.33 9.12 30.33
N ASP C 327 -9.05 9.07 30.69
CA ASP C 327 -8.28 10.28 30.97
C ASP C 327 -7.63 10.86 29.69
N GLY C 328 -7.81 10.18 28.57
CA GLY C 328 -7.31 10.64 27.28
C GLY C 328 -5.83 10.40 27.05
N LYS C 329 -5.16 9.68 27.94
CA LYS C 329 -3.70 9.55 27.88
C LYS C 329 -3.24 8.48 26.89
N TYR C 330 -4.01 7.40 26.71
CA TYR C 330 -3.49 6.18 26.10
C TYR C 330 -4.45 5.64 25.03
N PHE C 331 -3.86 5.14 23.94
CA PHE C 331 -4.50 4.10 23.12
C PHE C 331 -3.88 2.76 23.55
N ILE C 332 -4.69 1.74 23.89
CA ILE C 332 -4.17 0.45 24.29
C ILE C 332 -4.55 -0.53 23.18
N ALA C 333 -3.52 -1.13 22.58
CA ALA C 333 -3.69 -2.16 21.58
C ALA C 333 -3.59 -3.52 22.28
N ASN C 334 -4.45 -4.48 21.91
CA ASN C 334 -4.50 -5.75 22.59
C ASN C 334 -3.74 -6.77 21.74
N GLY C 335 -2.79 -7.49 22.36
CA GLY C 335 -1.79 -8.21 21.60
C GLY C 335 -2.20 -9.50 20.91
N LYS C 336 -3.31 -10.12 21.35
CA LYS C 336 -3.88 -11.35 20.78
C LYS C 336 -2.87 -12.50 20.74
N LEU C 337 -2.10 -12.64 19.65
CA LEU C 337 -1.14 -13.75 19.56
C LEU C 337 0.10 -13.48 20.44
N SER C 338 0.33 -12.23 20.79
CA SER C 338 1.28 -11.86 21.81
C SER C 338 0.54 -11.73 23.12
N PRO C 339 1.08 -12.21 24.25
CA PRO C 339 0.38 -12.24 25.54
C PRO C 339 0.46 -10.93 26.29
N THR C 340 0.34 -9.84 25.54
CA THR C 340 0.62 -8.49 25.93
C THR C 340 -0.49 -7.53 25.50
N VAL C 341 -0.47 -6.34 26.06
CA VAL C 341 -1.05 -5.19 25.40
C VAL C 341 0.05 -4.16 25.17
N SER C 342 -0.19 -3.20 24.31
CA SER C 342 0.77 -2.16 23.99
C SER C 342 0.11 -0.83 24.28
N VAL C 343 0.72 -0.04 25.18
CA VAL C 343 0.15 1.21 25.63
C VAL C 343 0.87 2.37 24.93
N ILE C 344 0.11 3.12 24.11
CA ILE C 344 0.63 4.20 23.29
C ILE C 344 0.22 5.51 23.97
N ALA C 345 1.22 6.39 24.21
CA ALA C 345 0.98 7.67 24.83
C ALA C 345 0.55 8.68 23.77
N ILE C 346 -0.70 9.08 23.88
CA ILE C 346 -1.30 10.01 22.95
C ILE C 346 -0.51 11.34 22.96
N ASP C 347 0.01 11.72 24.15
CA ASP C 347 0.69 13.02 24.24
C ASP C 347 1.99 13.05 23.44
N LYS C 348 2.51 11.87 23.03
CA LYS C 348 3.74 11.80 22.24
C LYS C 348 3.47 11.91 20.74
N LEU C 349 2.18 11.87 20.32
CA LEU C 349 1.93 11.75 18.89
C LEU C 349 2.32 13.03 18.13
N ASP C 350 2.14 14.23 18.70
CA ASP C 350 2.56 15.44 17.98
C ASP C 350 4.03 15.35 17.57
N ASP C 351 4.88 14.94 18.52
CA ASP C 351 6.30 14.83 18.27
C ASP C 351 6.54 13.76 17.20
N LEU C 352 5.82 12.62 17.25
CA LEU C 352 5.99 11.63 16.22
C LEU C 352 5.62 12.14 14.82
N PHE C 353 4.59 12.98 14.72
CA PHE C 353 4.14 13.52 13.45
C PHE C 353 5.05 14.64 12.96
N GLU C 354 6.03 15.03 13.79
CA GLU C 354 7.14 15.91 13.38
C GLU C 354 8.46 15.14 13.24
N ASP C 355 8.44 13.81 13.38
CA ASP C 355 9.61 12.95 13.31
C ASP C 355 10.67 13.34 14.34
N LYS C 356 10.22 13.77 15.53
CA LYS C 356 11.16 14.14 16.58
C LYS C 356 11.50 12.96 17.47
N ILE C 357 10.69 11.89 17.43
CA ILE C 357 10.90 10.68 18.22
C ILE C 357 10.71 9.45 17.31
N GLU C 358 11.12 8.27 17.76
CA GLU C 358 10.96 7.03 16.99
C GLU C 358 9.54 6.51 17.21
N LEU C 359 9.07 5.70 16.26
CA LEU C 359 7.74 5.11 16.37
C LEU C 359 7.54 4.40 17.71
N ARG C 360 8.51 3.58 18.12
CA ARG C 360 8.32 2.77 19.31
C ARG C 360 8.52 3.62 20.58
N ASP C 361 9.00 4.87 20.45
CA ASP C 361 9.11 5.75 21.60
C ASP C 361 7.74 6.13 22.16
N THR C 362 6.67 5.95 21.35
CA THR C 362 5.31 6.20 21.80
C THR C 362 4.81 5.10 22.76
N ILE C 363 5.48 3.94 22.76
CA ILE C 363 5.09 2.82 23.63
C ILE C 363 5.63 3.10 25.02
N VAL C 364 4.74 3.26 25.98
CA VAL C 364 5.15 3.51 27.36
C VAL C 364 5.02 2.28 28.27
N ALA C 365 4.26 1.27 27.83
CA ALA C 365 4.14 0.01 28.55
C ALA C 365 3.82 -1.08 27.54
N GLU C 366 4.26 -2.31 27.79
CA GLU C 366 3.89 -3.44 26.96
C GLU C 366 3.81 -4.66 27.84
N PRO C 367 2.89 -4.67 28.82
CA PRO C 367 2.92 -5.68 29.87
C PRO C 367 2.45 -7.03 29.37
N GLU C 368 3.10 -8.08 29.85
CA GLU C 368 2.62 -9.44 29.72
C GLU C 368 1.47 -9.66 30.70
N LEU C 369 0.29 -10.07 30.16
CA LEU C 369 -0.90 -10.32 30.94
C LEU C 369 -1.30 -11.80 30.98
N GLY C 370 -1.23 -12.50 29.83
CA GLY C 370 -1.75 -13.84 29.76
C GLY C 370 -2.18 -14.15 28.33
N LEU C 371 -2.73 -15.35 28.10
CA LEU C 371 -2.88 -15.84 26.74
C LEU C 371 -4.16 -15.30 26.08
N GLY C 372 -3.94 -14.69 24.91
CA GLY C 372 -4.99 -14.19 24.05
C GLY C 372 -5.64 -12.88 24.46
N PRO C 373 -4.90 -11.78 24.71
CA PRO C 373 -5.56 -10.50 25.05
C PRO C 373 -6.32 -9.95 23.85
N LEU C 374 -7.62 -9.69 24.02
CA LEU C 374 -8.46 -9.21 22.93
C LEU C 374 -8.93 -7.76 23.09
N HIS C 375 -9.50 -7.38 24.24
CA HIS C 375 -10.11 -6.07 24.44
C HIS C 375 -9.82 -5.58 25.85
N THR C 376 -9.72 -4.26 25.98
CA THR C 376 -9.44 -3.59 27.21
C THR C 376 -10.47 -2.52 27.52
N THR C 377 -10.80 -2.37 28.82
CA THR C 377 -11.71 -1.34 29.26
C THR C 377 -11.22 -0.80 30.62
N PHE C 378 -11.88 0.24 31.12
CA PHE C 378 -11.30 1.11 32.13
C PHE C 378 -12.29 1.45 33.22
N ASP C 379 -11.81 1.51 34.49
CA ASP C 379 -12.67 1.88 35.61
C ASP C 379 -12.61 3.38 35.94
N GLY C 380 -11.76 4.16 35.27
CA GLY C 380 -11.57 5.57 35.58
C GLY C 380 -10.86 5.78 36.91
N ARG C 381 -10.29 4.71 37.49
CA ARG C 381 -9.51 4.81 38.71
C ARG C 381 -8.04 4.49 38.45
N GLY C 382 -7.66 4.29 37.17
CA GLY C 382 -6.29 4.02 36.77
C GLY C 382 -6.05 2.54 36.48
N ASN C 383 -7.09 1.70 36.59
CA ASN C 383 -6.95 0.30 36.24
C ASN C 383 -7.58 0.03 34.89
N ALA C 384 -7.05 -1.04 34.30
CA ALA C 384 -7.53 -1.58 33.03
C ALA C 384 -7.96 -3.02 33.28
N TYR C 385 -8.92 -3.49 32.45
CA TYR C 385 -9.51 -4.80 32.52
C TYR C 385 -9.40 -5.37 31.12
N THR C 386 -8.69 -6.46 30.97
CA THR C 386 -8.40 -7.00 29.65
C THR C 386 -8.87 -8.46 29.56
N THR C 387 -9.63 -8.77 28.50
CA THR C 387 -10.04 -10.15 28.25
C THR C 387 -8.87 -10.97 27.72
N LEU C 388 -8.75 -12.19 28.26
CA LEU C 388 -7.75 -13.17 27.87
C LEU C 388 -8.57 -14.33 27.29
N PHE C 389 -8.62 -14.41 25.97
CA PHE C 389 -9.52 -15.34 25.32
C PHE C 389 -9.08 -16.78 25.62
N ILE C 390 -7.77 -17.07 25.53
CA ILE C 390 -7.26 -18.43 25.64
C ILE C 390 -7.25 -18.89 27.08
N ASP C 391 -6.77 -18.03 27.97
CA ASP C 391 -6.77 -18.35 29.40
C ASP C 391 -8.18 -18.26 29.98
N SER C 392 -9.16 -17.67 29.23
CA SER C 392 -10.55 -17.56 29.63
C SER C 392 -10.71 -16.81 30.93
N GLN C 393 -10.17 -15.58 30.98
CA GLN C 393 -10.14 -14.76 32.18
C GLN C 393 -10.34 -13.30 31.79
N VAL C 394 -10.69 -12.48 32.78
CA VAL C 394 -10.51 -11.04 32.72
C VAL C 394 -9.40 -10.68 33.70
N CYS C 395 -8.44 -9.91 33.20
CA CYS C 395 -7.27 -9.51 33.96
C CYS C 395 -7.37 -8.03 34.31
N LYS C 396 -7.42 -7.74 35.61
CA LYS C 396 -7.36 -6.37 36.10
C LYS C 396 -5.90 -6.01 36.40
N TRP C 397 -5.43 -4.91 35.82
CA TRP C 397 -4.04 -4.48 35.96
C TRP C 397 -4.01 -2.95 36.09
N ASN C 398 -2.95 -2.43 36.72
CA ASN C 398 -2.81 -1.01 36.92
C ASN C 398 -1.84 -0.39 35.92
N ILE C 399 -2.31 0.61 35.17
CA ILE C 399 -1.60 1.16 34.03
C ILE C 399 -0.29 1.79 34.51
N ALA C 400 -0.36 2.60 35.58
CA ALA C 400 0.86 3.30 36.02
C ALA C 400 1.95 2.32 36.43
N ASP C 401 1.53 1.23 37.09
CA ASP C 401 2.48 0.21 37.49
C ASP C 401 3.08 -0.52 36.30
N ALA C 402 2.27 -0.75 35.25
CA ALA C 402 2.81 -1.38 34.05
C ALA C 402 3.89 -0.51 33.37
N ILE C 403 3.67 0.81 33.36
CA ILE C 403 4.66 1.75 32.86
C ILE C 403 5.95 1.69 33.70
N LYS C 404 5.80 1.63 35.02
CA LYS C 404 7.00 1.49 35.85
C LYS C 404 7.74 0.20 35.50
N HIS C 405 6.97 -0.90 35.32
CA HIS C 405 7.58 -2.19 35.00
C HIS C 405 8.34 -2.13 33.68
N TYR C 406 7.74 -1.50 32.66
CA TYR C 406 8.34 -1.33 31.35
C TYR C 406 9.69 -0.60 31.44
N ASN C 407 9.76 0.32 32.41
CA ASN C 407 10.96 1.14 32.64
C ASN C 407 11.98 0.38 33.49
N GLY C 408 11.66 -0.82 33.97
CA GLY C 408 12.64 -1.68 34.62
C GLY C 408 12.46 -1.77 36.13
N ASP C 409 11.41 -1.11 36.67
CA ASP C 409 11.09 -1.23 38.08
C ASP C 409 10.52 -2.62 38.41
N ARG C 410 10.94 -3.14 39.56
CA ARG C 410 10.43 -4.41 40.07
C ARG C 410 9.10 -4.08 40.75
N VAL C 411 7.99 -4.33 40.06
CA VAL C 411 6.70 -3.91 40.56
C VAL C 411 5.62 -4.83 39.99
N ASN C 412 4.65 -5.16 40.83
CA ASN C 412 3.49 -5.94 40.40
C ASN C 412 2.45 -5.00 39.82
N TYR C 413 2.02 -5.28 38.58
CA TYR C 413 0.99 -4.48 37.93
C TYR C 413 -0.32 -5.28 37.75
N ILE C 414 -0.30 -6.61 37.86
CA ILE C 414 -1.54 -7.37 37.78
C ILE C 414 -2.16 -7.41 39.15
N ARG C 415 -3.41 -6.97 39.21
CA ARG C 415 -4.16 -6.91 40.46
C ARG C 415 -4.94 -8.20 40.71
N GLN C 416 -5.53 -8.75 39.64
CA GLN C 416 -6.45 -9.86 39.83
C GLN C 416 -6.75 -10.51 38.48
N LYS C 417 -6.88 -11.84 38.43
CA LYS C 417 -7.41 -12.53 37.26
C LYS C 417 -8.65 -13.28 37.73
N LEU C 418 -9.75 -13.07 37.01
CA LEU C 418 -11.03 -13.70 37.31
C LEU C 418 -11.38 -14.64 36.16
N ASP C 419 -11.55 -15.93 36.43
CA ASP C 419 -12.02 -16.85 35.40
C ASP C 419 -13.41 -16.44 34.94
N VAL C 420 -13.64 -16.53 33.61
CA VAL C 420 -14.94 -16.28 33.02
C VAL C 420 -15.28 -17.47 32.12
N GLN C 421 -16.58 -17.62 31.84
CA GLN C 421 -17.14 -18.85 31.30
C GLN C 421 -17.91 -18.56 30.02
N TYR C 422 -17.31 -18.71 28.83
CA TYR C 422 -15.97 -19.14 28.56
C TYR C 422 -15.48 -18.42 27.31
N GLN C 423 -14.19 -18.05 27.28
CA GLN C 423 -13.55 -17.54 26.08
C GLN C 423 -14.07 -16.13 25.76
N PRO C 424 -13.64 -15.14 26.57
CA PRO C 424 -14.16 -13.78 26.44
C PRO C 424 -13.65 -13.05 25.20
N GLY C 425 -14.57 -12.28 24.59
CA GLY C 425 -14.22 -11.33 23.54
C GLY C 425 -14.17 -9.92 24.10
N HIS C 426 -15.17 -9.10 23.77
CA HIS C 426 -15.22 -7.74 24.29
C HIS C 426 -15.45 -7.78 25.81
N ASN C 427 -15.01 -6.69 26.44
CA ASN C 427 -15.50 -6.30 27.76
C ASN C 427 -15.81 -4.82 27.74
N HIS C 428 -16.62 -4.37 28.69
CA HIS C 428 -17.06 -3.00 28.69
C HIS C 428 -17.37 -2.59 30.12
N ALA C 429 -16.67 -1.57 30.62
CA ALA C 429 -17.00 -0.99 31.91
C ALA C 429 -17.89 0.24 31.75
N SER C 430 -18.73 0.48 32.75
CA SER C 430 -19.75 1.49 32.61
C SER C 430 -19.11 2.89 32.41
N LEU C 431 -19.51 3.59 31.35
CA LEU C 431 -19.10 4.94 30.95
C LEU C 431 -17.64 5.00 30.51
N THR C 432 -17.01 3.84 30.22
CA THR C 432 -15.61 3.77 29.83
C THR C 432 -15.21 4.64 28.63
N GLU C 433 -16.13 4.87 27.67
CA GLU C 433 -15.79 5.63 26.46
C GLU C 433 -15.97 7.14 26.64
N SER C 434 -16.16 7.56 27.88
CA SER C 434 -16.37 8.95 28.23
C SER C 434 -15.46 9.34 29.39
N ARG C 435 -15.33 10.63 29.57
CA ARG C 435 -14.56 11.24 30.65
C ARG C 435 -15.11 10.81 31.99
N ASP C 436 -16.37 10.40 32.06
CA ASP C 436 -17.05 10.09 33.31
C ASP C 436 -17.14 8.60 33.62
N ALA C 437 -16.25 7.78 33.02
CA ALA C 437 -16.05 6.39 33.42
C ALA C 437 -16.21 6.24 34.94
N ASP C 438 -17.14 5.38 35.40
CA ASP C 438 -17.61 5.43 36.78
C ASP C 438 -17.14 4.25 37.61
N GLY C 439 -16.54 3.24 36.97
CA GLY C 439 -15.96 2.12 37.66
C GLY C 439 -16.95 1.24 38.41
N LYS C 440 -18.23 1.18 38.01
CA LYS C 440 -19.24 0.41 38.76
C LYS C 440 -19.44 -1.01 38.21
N TRP C 441 -19.71 -1.12 36.91
CA TRP C 441 -20.06 -2.39 36.28
C TRP C 441 -19.07 -2.72 35.15
N LEU C 442 -18.83 -4.02 34.98
CA LEU C 442 -18.06 -4.57 33.87
C LEU C 442 -18.88 -5.69 33.25
N VAL C 443 -19.11 -5.58 31.93
CA VAL C 443 -19.71 -6.66 31.18
C VAL C 443 -18.58 -7.38 30.44
N VAL C 444 -18.56 -8.71 30.52
CA VAL C 444 -17.64 -9.50 29.72
C VAL C 444 -18.46 -10.41 28.83
N LEU C 445 -18.25 -10.29 27.53
CA LEU C 445 -19.07 -10.94 26.51
C LEU C 445 -18.31 -12.14 25.99
N SER C 446 -18.69 -13.32 26.48
CA SER C 446 -17.95 -14.55 26.18
C SER C 446 -18.62 -15.30 25.04
N LYS C 447 -17.80 -16.03 24.30
CA LYS C 447 -18.18 -16.60 23.03
C LYS C 447 -18.58 -18.06 23.15
N PHE C 448 -18.33 -18.73 24.27
CA PHE C 448 -18.78 -20.09 24.47
C PHE C 448 -19.54 -20.14 25.78
N SER C 449 -20.53 -21.04 25.87
CA SER C 449 -21.18 -21.21 27.16
C SER C 449 -21.08 -22.63 27.68
N LYS C 450 -20.79 -23.64 26.84
CA LYS C 450 -20.64 -25.03 27.28
C LYS C 450 -21.83 -25.44 28.15
N ASP C 451 -21.60 -25.73 29.43
CA ASP C 451 -22.56 -26.29 30.40
C ASP C 451 -23.21 -25.24 31.31
N ARG C 452 -23.05 -23.96 31.01
CA ARG C 452 -23.52 -22.91 31.91
C ARG C 452 -25.04 -22.75 31.93
N PHE C 453 -25.72 -23.22 30.86
CA PHE C 453 -27.16 -23.09 30.76
C PHE C 453 -27.76 -24.45 30.37
N LEU C 454 -29.09 -24.56 30.45
CA LEU C 454 -29.73 -25.79 30.02
C LEU C 454 -29.31 -26.11 28.58
N PRO C 455 -29.16 -27.41 28.26
CA PRO C 455 -28.84 -27.84 26.91
C PRO C 455 -29.97 -27.48 25.94
N VAL C 456 -29.57 -26.97 24.76
CA VAL C 456 -30.53 -26.51 23.77
C VAL C 456 -30.16 -26.97 22.37
N GLY C 457 -29.34 -28.02 22.25
CA GLY C 457 -28.94 -28.46 20.93
C GLY C 457 -27.51 -28.03 20.58
N PRO C 458 -27.09 -28.40 19.36
CA PRO C 458 -25.70 -28.14 18.98
C PRO C 458 -25.33 -26.67 19.05
N LEU C 459 -26.27 -25.79 18.65
CA LEU C 459 -26.03 -24.35 18.76
C LEU C 459 -26.29 -23.87 20.20
N HIS C 460 -25.24 -23.39 20.86
CA HIS C 460 -25.30 -22.94 22.22
C HIS C 460 -25.42 -21.42 22.28
N PRO C 461 -26.02 -20.86 23.35
CA PRO C 461 -25.96 -19.43 23.61
C PRO C 461 -24.55 -18.92 23.90
N GLU C 462 -24.39 -17.60 23.78
CA GLU C 462 -23.22 -16.94 24.33
C GLU C 462 -23.48 -16.65 25.81
N ASN C 463 -22.50 -16.11 26.52
CA ASN C 463 -22.66 -15.81 27.93
C ASN C 463 -22.12 -14.41 28.16
N ASP C 464 -23.01 -13.50 28.52
CA ASP C 464 -22.61 -12.16 28.90
C ASP C 464 -22.65 -12.09 30.43
N GLN C 465 -21.47 -11.89 31.02
CA GLN C 465 -21.35 -11.93 32.48
C GLN C 465 -21.24 -10.51 33.01
N LEU C 466 -22.02 -10.20 34.06
CA LEU C 466 -21.96 -8.91 34.71
C LEU C 466 -21.14 -9.05 35.98
N ILE C 467 -20.14 -8.18 36.11
CA ILE C 467 -19.14 -8.24 37.17
C ILE C 467 -19.14 -6.89 37.87
N ASP C 468 -19.20 -6.93 39.21
CA ASP C 468 -19.13 -5.73 40.01
C ASP C 468 -17.66 -5.35 40.18
N ILE C 469 -17.27 -4.17 39.71
CA ILE C 469 -15.89 -3.66 39.81
C ILE C 469 -15.82 -2.40 40.67
N SER C 470 -16.85 -2.18 41.49
CA SER C 470 -16.96 -0.96 42.28
C SER C 470 -15.88 -0.88 43.34
N GLY C 471 -15.39 -2.04 43.74
CA GLY C 471 -14.34 -2.16 44.75
C GLY C 471 -13.04 -2.73 44.20
N GLU C 472 -12.14 -3.08 45.13
CA GLU C 472 -10.84 -3.58 44.78
C GLU C 472 -10.91 -4.94 44.07
N GLU C 473 -11.89 -5.78 44.46
CA GLU C 473 -12.00 -7.14 43.97
C GLU C 473 -13.14 -7.23 42.94
N MET C 474 -12.84 -7.79 41.78
CA MET C 474 -13.90 -8.07 40.80
C MET C 474 -14.73 -9.23 41.34
N LYS C 475 -16.06 -9.10 41.24
CA LYS C 475 -17.01 -10.13 41.68
C LYS C 475 -18.06 -10.41 40.61
N LEU C 476 -18.17 -11.67 40.20
CA LEU C 476 -19.25 -12.08 39.31
C LEU C 476 -20.59 -11.93 40.01
N VAL C 477 -21.56 -11.31 39.32
CA VAL C 477 -22.91 -11.15 39.81
C VAL C 477 -23.93 -11.94 38.98
N HIS C 478 -23.82 -11.98 37.63
CA HIS C 478 -24.90 -12.56 36.82
C HIS C 478 -24.33 -13.18 35.56
N ASP C 479 -24.89 -14.34 35.18
CA ASP C 479 -24.67 -14.96 33.87
C ASP C 479 -25.86 -14.75 32.95
N GLY C 480 -25.58 -14.16 31.77
CA GLY C 480 -26.61 -13.72 30.87
C GLY C 480 -26.49 -14.49 29.55
N PRO C 481 -27.34 -15.51 29.29
CA PRO C 481 -27.33 -16.22 28.00
C PRO C 481 -27.84 -15.23 26.96
N THR C 482 -27.25 -15.32 25.77
N THR C 482 -27.24 -15.29 25.78
CA THR C 482 -27.66 -14.46 24.70
CA THR C 482 -27.59 -14.40 24.69
C THR C 482 -27.58 -15.26 23.39
C THR C 482 -27.55 -15.22 23.40
N TYR C 483 -28.44 -14.86 22.47
CA TYR C 483 -28.44 -15.46 21.16
C TYR C 483 -27.27 -14.92 20.36
N ALA C 484 -26.85 -15.70 19.37
CA ALA C 484 -25.81 -15.33 18.46
C ALA C 484 -26.01 -13.91 17.97
N GLU C 485 -24.94 -13.10 17.98
CA GLU C 485 -23.73 -13.28 18.75
C GLU C 485 -23.24 -11.87 19.09
N PRO C 486 -23.44 -11.36 20.31
CA PRO C 486 -22.91 -10.03 20.59
C PRO C 486 -21.39 -9.97 20.53
N HIS C 487 -20.88 -8.85 20.07
CA HIS C 487 -19.48 -8.51 20.19
C HIS C 487 -19.35 -7.49 21.32
N ASP C 488 -19.50 -6.20 20.99
CA ASP C 488 -19.40 -5.13 21.98
C ASP C 488 -20.77 -4.65 22.43
N CYS C 489 -20.77 -3.92 23.53
CA CYS C 489 -21.97 -3.26 24.02
C CYS C 489 -21.56 -1.90 24.57
N ILE C 490 -22.54 -1.01 24.77
CA ILE C 490 -22.26 0.27 25.39
C ILE C 490 -23.33 0.55 26.46
N LEU C 491 -22.87 0.90 27.66
CA LEU C 491 -23.74 1.23 28.78
C LEU C 491 -23.87 2.75 28.89
N VAL C 492 -25.09 3.21 29.16
CA VAL C 492 -25.25 4.64 29.42
C VAL C 492 -26.23 4.78 30.59
N ARG C 493 -26.07 5.82 31.39
CA ARG C 493 -26.96 6.02 32.51
C ARG C 493 -28.38 6.29 31.98
N ARG C 494 -29.41 5.94 32.78
N ARG C 494 -29.38 5.92 32.77
CA ARG C 494 -30.80 6.18 32.39
CA ARG C 494 -30.79 6.17 32.49
C ARG C 494 -31.00 7.64 31.99
C ARG C 494 -31.01 7.63 32.03
N ASP C 495 -30.38 8.56 32.75
CA ASP C 495 -30.59 9.99 32.52
C ASP C 495 -29.92 10.52 31.25
N GLN C 496 -29.10 9.71 30.57
CA GLN C 496 -28.45 10.13 29.34
C GLN C 496 -29.28 9.80 28.08
N ILE C 497 -30.45 9.19 28.24
CA ILE C 497 -31.36 8.83 27.14
C ILE C 497 -32.68 9.59 27.40
N LYS C 498 -33.18 10.28 26.38
CA LYS C 498 -34.50 10.89 26.45
C LYS C 498 -35.29 10.45 25.22
N THR C 499 -36.40 9.79 25.47
CA THR C 499 -37.18 9.16 24.40
C THR C 499 -38.53 9.84 24.28
N LYS C 500 -39.14 9.65 23.12
CA LYS C 500 -40.51 10.06 22.87
C LYS C 500 -41.44 8.89 23.21
N LYS C 501 -42.65 9.20 23.69
CA LYS C 501 -43.59 8.13 23.98
C LYS C 501 -44.60 7.95 22.87
N ILE C 502 -44.83 8.97 22.04
CA ILE C 502 -45.67 8.88 20.86
C ILE C 502 -45.00 9.70 19.78
N TYR C 503 -45.40 9.47 18.52
CA TYR C 503 -44.94 10.29 17.41
C TYR C 503 -45.67 11.63 17.39
N GLU C 504 -45.00 12.61 16.75
CA GLU C 504 -45.70 13.76 16.21
C GLU C 504 -45.82 13.60 14.70
N ARG C 505 -46.81 14.28 14.13
CA ARG C 505 -47.19 14.04 12.76
C ARG C 505 -46.18 14.58 11.74
N ASN C 506 -45.21 15.39 12.19
CA ASN C 506 -44.15 15.85 11.30
C ASN C 506 -42.88 15.00 11.38
N ASP C 507 -42.94 13.81 12.00
CA ASP C 507 -41.72 13.05 12.25
C ASP C 507 -41.05 12.66 10.93
N PRO C 508 -39.71 12.71 10.81
CA PRO C 508 -39.02 12.28 9.59
C PRO C 508 -39.19 10.81 9.19
N TYR C 509 -39.62 9.99 10.13
CA TYR C 509 -39.72 8.54 9.87
C TYR C 509 -40.91 8.22 8.93
N PHE C 510 -41.74 9.21 8.60
CA PHE C 510 -42.75 9.01 7.56
C PHE C 510 -42.89 10.24 6.67
N ALA C 511 -41.77 10.97 6.50
CA ALA C 511 -41.77 12.07 5.54
C ALA C 511 -42.18 11.59 4.15
N SER C 512 -41.72 10.43 3.71
CA SER C 512 -42.04 9.90 2.40
C SER C 512 -43.53 9.61 2.28
N CYS C 513 -44.16 9.14 3.36
CA CYS C 513 -45.60 8.88 3.32
C CYS C 513 -46.36 10.19 3.14
N ARG C 514 -45.92 11.21 3.88
CA ARG C 514 -46.58 12.51 3.78
C ARG C 514 -46.46 13.04 2.36
N ALA C 515 -45.28 12.89 1.75
CA ALA C 515 -45.07 13.41 0.41
C ALA C 515 -45.96 12.69 -0.60
N GLN C 516 -46.12 11.37 -0.48
CA GLN C 516 -46.94 10.64 -1.43
C GLN C 516 -48.41 11.00 -1.22
N ALA C 517 -48.83 11.09 0.05
CA ALA C 517 -50.22 11.46 0.36
C ALA C 517 -50.55 12.81 -0.26
N GLU C 518 -49.60 13.76 -0.15
CA GLU C 518 -49.88 15.09 -0.70
C GLU C 518 -50.08 15.03 -2.22
N LYS C 519 -49.31 14.22 -2.94
CA LYS C 519 -49.46 14.01 -4.38
C LYS C 519 -50.82 13.48 -4.75
N ASP C 520 -51.41 12.64 -3.87
CA ASP C 520 -52.71 12.04 -4.11
C ASP C 520 -53.86 12.85 -3.50
N GLY C 521 -53.58 14.00 -2.89
CA GLY C 521 -54.59 14.81 -2.23
C GLY C 521 -55.18 14.11 -1.00
N VAL C 522 -54.42 13.22 -0.35
CA VAL C 522 -54.86 12.52 0.82
C VAL C 522 -54.40 13.26 2.06
N THR C 523 -55.32 13.43 2.97
CA THR C 523 -55.05 13.93 4.32
C THR C 523 -54.92 12.71 5.21
N LEU C 524 -53.69 12.35 5.59
CA LEU C 524 -53.48 11.11 6.30
C LEU C 524 -54.23 11.03 7.64
N GLU C 525 -54.40 12.16 8.35
CA GLU C 525 -55.08 12.15 9.65
C GLU C 525 -56.61 11.95 9.53
N SER C 526 -57.16 11.97 8.32
CA SER C 526 -58.59 12.00 8.10
C SER C 526 -59.12 10.89 7.19
N ASP C 527 -58.35 10.46 6.19
CA ASP C 527 -58.90 9.87 4.99
C ASP C 527 -58.77 8.35 4.97
N ASN C 528 -59.79 7.73 4.35
CA ASN C 528 -59.79 6.30 4.03
C ASN C 528 -60.13 6.19 2.55
N LYS C 529 -59.14 5.98 1.72
CA LYS C 529 -59.20 6.18 0.28
C LYS C 529 -58.44 5.10 -0.47
N VAL C 530 -58.95 4.78 -1.65
CA VAL C 530 -58.26 3.94 -2.60
C VAL C 530 -57.94 4.77 -3.85
N ILE C 531 -56.65 4.90 -4.14
CA ILE C 531 -56.15 5.66 -5.28
C ILE C 531 -55.69 4.69 -6.36
N ARG C 532 -56.22 4.84 -7.58
CA ARG C 532 -55.88 4.06 -8.75
C ARG C 532 -54.82 4.79 -9.57
N ASP C 533 -53.74 4.07 -9.92
CA ASP C 533 -52.66 4.64 -10.70
C ASP C 533 -52.11 3.59 -11.66
N GLY C 534 -52.90 3.28 -12.69
CA GLY C 534 -52.46 2.29 -13.67
C GLY C 534 -52.50 0.92 -13.02
N ASN C 535 -51.34 0.24 -12.99
CA ASN C 535 -51.21 -1.07 -12.36
C ASN C 535 -50.86 -0.92 -10.87
N LYS C 536 -50.76 0.32 -10.37
CA LYS C 536 -50.51 0.59 -8.96
C LYS C 536 -51.81 1.02 -8.30
N VAL C 537 -51.94 0.60 -7.03
CA VAL C 537 -53.03 0.99 -6.15
C VAL C 537 -52.42 1.45 -4.84
N ARG C 538 -52.84 2.62 -4.36
CA ARG C 538 -52.44 3.13 -3.06
C ARG C 538 -53.68 3.19 -2.19
N VAL C 539 -53.63 2.47 -1.07
CA VAL C 539 -54.73 2.34 -0.14
C VAL C 539 -54.33 3.08 1.13
N TYR C 540 -55.10 4.10 1.54
CA TYR C 540 -54.82 4.87 2.75
C TYR C 540 -55.91 4.55 3.77
N MET C 541 -55.55 4.11 4.98
CA MET C 541 -56.51 3.87 6.04
C MET C 541 -56.03 4.53 7.33
N THR C 542 -56.99 4.97 8.12
CA THR C 542 -56.81 5.37 9.50
C THR C 542 -57.05 4.17 10.39
N SER C 543 -56.60 4.30 11.64
CA SER C 543 -56.89 3.28 12.64
C SER C 543 -57.04 3.94 13.97
N VAL C 544 -58.06 3.47 14.70
CA VAL C 544 -58.40 3.84 16.07
C VAL C 544 -58.88 2.56 16.71
N ALA C 545 -58.15 2.07 17.71
CA ALA C 545 -58.44 0.74 18.23
C ALA C 545 -59.91 0.68 18.62
N PRO C 546 -60.65 -0.37 18.22
CA PRO C 546 -60.21 -1.60 17.53
C PRO C 546 -60.59 -1.71 16.05
N GLN C 547 -60.53 -0.60 15.30
CA GLN C 547 -61.05 -0.57 13.93
C GLN C 547 -60.14 0.15 12.95
N TYR C 548 -59.87 -0.48 11.82
CA TYR C 548 -59.41 0.26 10.66
C TYR C 548 -60.56 1.11 10.11
N GLY C 549 -60.18 2.19 9.44
CA GLY C 549 -61.18 3.10 8.82
C GLY C 549 -61.79 2.56 7.52
N MET C 550 -61.27 1.45 7.04
CA MET C 550 -61.73 0.80 5.83
C MET C 550 -61.73 -0.70 6.12
N THR C 551 -62.81 -1.38 5.73
CA THR C 551 -62.87 -2.82 5.98
C THR C 551 -62.89 -3.67 4.72
N GLU C 552 -62.87 -3.06 3.52
CA GLU C 552 -62.79 -3.78 2.27
C GLU C 552 -62.20 -2.90 1.18
N PHE C 553 -61.44 -3.49 0.30
CA PHE C 553 -61.07 -2.83 -0.95
C PHE C 553 -60.87 -3.87 -2.03
N LYS C 554 -60.90 -3.46 -3.28
CA LYS C 554 -60.78 -4.38 -4.39
C LYS C 554 -59.67 -3.95 -5.34
N VAL C 555 -58.88 -4.94 -5.79
CA VAL C 555 -57.79 -4.69 -6.73
C VAL C 555 -57.83 -5.78 -7.79
N LYS C 556 -56.96 -5.64 -8.80
CA LYS C 556 -56.79 -6.68 -9.81
C LYS C 556 -55.56 -7.52 -9.50
N GLU C 557 -55.62 -8.79 -9.90
CA GLU C 557 -54.49 -9.69 -9.85
C GLU C 557 -53.28 -9.03 -10.50
N GLY C 558 -52.14 -9.00 -9.77
CA GLY C 558 -50.92 -8.46 -10.31
C GLY C 558 -50.76 -6.96 -10.03
N ASP C 559 -51.77 -6.30 -9.49
CA ASP C 559 -51.59 -4.90 -9.10
C ASP C 559 -50.46 -4.79 -8.07
N GLU C 560 -49.72 -3.68 -8.16
CA GLU C 560 -48.75 -3.29 -7.14
C GLU C 560 -49.48 -2.45 -6.10
N VAL C 561 -49.80 -3.07 -4.95
CA VAL C 561 -50.64 -2.48 -3.94
C VAL C 561 -49.76 -1.93 -2.82
N THR C 562 -49.95 -0.66 -2.49
CA THR C 562 -49.30 -0.09 -1.30
C THR C 562 -50.38 0.29 -0.31
N VAL C 563 -50.25 -0.16 0.92
CA VAL C 563 -51.15 0.15 2.01
C VAL C 563 -50.42 1.07 2.98
N TYR C 564 -51.01 2.25 3.22
CA TYR C 564 -50.60 3.21 4.23
C TYR C 564 -51.57 3.16 5.40
N ILE C 565 -51.06 2.96 6.60
CA ILE C 565 -51.87 3.01 7.79
C ILE C 565 -51.36 4.11 8.69
N THR C 566 -52.32 4.89 9.23
CA THR C 566 -52.05 5.99 10.12
C THR C 566 -52.77 5.68 11.44
N ASN C 567 -52.04 5.64 12.55
CA ASN C 567 -52.57 5.33 13.88
C ASN C 567 -52.96 6.64 14.57
N LEU C 568 -54.28 6.84 14.74
CA LEU C 568 -54.79 8.07 15.32
C LEU C 568 -54.96 7.94 16.84
N ASP C 569 -54.67 6.78 17.43
CA ASP C 569 -54.64 6.73 18.89
C ASP C 569 -53.57 7.66 19.45
N MET C 570 -53.86 8.22 20.64
CA MET C 570 -52.94 9.10 21.34
C MET C 570 -52.41 8.48 22.64
N VAL C 571 -53.00 7.38 23.10
CA VAL C 571 -52.57 6.79 24.36
C VAL C 571 -51.28 6.03 24.13
N GLU C 572 -50.32 6.20 25.03
CA GLU C 572 -49.02 5.54 24.97
C GLU C 572 -49.24 4.04 24.96
N ASP C 573 -48.46 3.34 24.12
CA ASP C 573 -48.40 1.90 24.06
C ASP C 573 -49.54 1.32 23.21
N VAL C 574 -50.44 2.14 22.62
CA VAL C 574 -51.54 1.59 21.83
C VAL C 574 -51.03 1.55 20.38
N THR C 575 -50.14 0.57 20.15
CA THR C 575 -49.57 0.32 18.82
C THR C 575 -50.56 -0.60 18.07
N HIS C 576 -50.67 -0.36 16.75
CA HIS C 576 -51.40 -1.24 15.84
C HIS C 576 -50.41 -1.91 14.91
N GLY C 577 -50.86 -2.98 14.29
CA GLY C 577 -50.14 -3.58 13.19
C GLY C 577 -51.01 -3.65 11.95
N PHE C 578 -50.43 -4.30 10.94
CA PHE C 578 -51.09 -4.57 9.69
C PHE C 578 -50.41 -5.76 9.06
N CYS C 579 -51.19 -6.79 8.77
CA CYS C 579 -50.72 -8.00 8.09
C CYS C 579 -51.73 -8.33 6.99
N MET C 580 -51.24 -8.56 5.76
CA MET C 580 -52.06 -9.06 4.67
C MET C 580 -51.79 -10.55 4.51
N VAL C 581 -52.86 -11.34 4.74
CA VAL C 581 -52.72 -12.79 4.74
C VAL C 581 -52.21 -13.29 3.39
N ASN C 582 -51.22 -14.19 3.47
CA ASN C 582 -50.60 -14.86 2.34
C ASN C 582 -49.91 -13.92 1.36
N HIS C 583 -49.60 -12.68 1.81
CA HIS C 583 -48.88 -11.75 0.96
C HIS C 583 -47.55 -11.31 1.57
N GLY C 584 -47.11 -11.96 2.64
CA GLY C 584 -45.74 -11.71 3.10
C GLY C 584 -45.46 -10.30 3.60
N VAL C 585 -46.44 -9.65 4.25
CA VAL C 585 -46.18 -8.31 4.75
C VAL C 585 -46.75 -8.18 6.16
N SER C 586 -46.01 -7.39 6.94
CA SER C 586 -46.37 -6.97 8.28
C SER C 586 -45.73 -5.61 8.52
N MET C 587 -46.35 -4.79 9.36
CA MET C 587 -45.73 -3.53 9.78
C MET C 587 -46.31 -3.06 11.10
N GLU C 588 -45.46 -2.33 11.85
CA GLU C 588 -45.84 -1.58 13.05
C GLU C 588 -46.39 -0.21 12.69
N ILE C 589 -47.44 0.20 13.39
CA ILE C 589 -47.88 1.60 13.38
C ILE C 589 -48.16 2.03 14.81
N SER C 590 -47.19 2.65 15.44
CA SER C 590 -47.33 3.11 16.82
C SER C 590 -48.10 4.44 16.84
N PRO C 591 -48.52 4.94 18.04
CA PRO C 591 -49.39 6.11 18.12
C PRO C 591 -48.86 7.30 17.32
N GLN C 592 -49.71 7.80 16.42
CA GLN C 592 -49.46 8.97 15.55
C GLN C 592 -48.47 8.68 14.43
N GLN C 593 -48.06 7.42 14.25
CA GLN C 593 -47.20 7.07 13.13
C GLN C 593 -48.03 6.86 11.87
N THR C 594 -47.39 7.02 10.70
CA THR C 594 -47.85 6.42 9.44
C THR C 594 -46.77 5.46 8.99
N ALA C 595 -47.14 4.30 8.44
CA ALA C 595 -46.23 3.31 7.89
C ALA C 595 -46.86 2.73 6.61
N SER C 596 -46.05 2.18 5.70
CA SER C 596 -46.62 1.55 4.51
C SER C 596 -45.86 0.27 4.13
N VAL C 597 -46.55 -0.58 3.40
CA VAL C 597 -45.97 -1.77 2.80
C VAL C 597 -46.52 -1.89 1.38
N THR C 598 -45.68 -2.35 0.48
CA THR C 598 -46.04 -2.66 -0.90
C THR C 598 -45.92 -4.15 -1.17
N PHE C 599 -46.89 -4.70 -1.93
CA PHE C 599 -46.91 -6.11 -2.29
C PHE C 599 -47.60 -6.18 -3.65
N THR C 600 -47.41 -7.29 -4.34
CA THR C 600 -48.14 -7.61 -5.54
C THR C 600 -49.35 -8.47 -5.20
N ALA C 601 -50.52 -8.02 -5.66
CA ALA C 601 -51.76 -8.78 -5.42
C ALA C 601 -51.61 -10.16 -6.08
N GLY C 602 -51.91 -11.22 -5.33
CA GLY C 602 -51.76 -12.60 -5.77
C GLY C 602 -52.91 -13.05 -6.69
N LYS C 603 -53.13 -14.37 -6.73
CA LYS C 603 -54.16 -14.89 -7.60
C LYS C 603 -55.53 -14.44 -7.11
N PRO C 604 -56.55 -14.38 -7.99
CA PRO C 604 -57.87 -13.94 -7.60
C PRO C 604 -58.43 -14.69 -6.39
N GLY C 605 -59.12 -13.92 -5.55
CA GLY C 605 -59.66 -14.44 -4.32
C GLY C 605 -59.74 -13.36 -3.26
N VAL C 606 -60.27 -13.78 -2.12
CA VAL C 606 -60.33 -12.98 -0.90
C VAL C 606 -59.04 -13.18 -0.13
N TYR C 607 -58.49 -12.09 0.38
CA TYR C 607 -57.39 -12.16 1.35
C TYR C 607 -57.72 -11.23 2.50
N TRP C 608 -57.73 -11.75 3.73
CA TRP C 608 -57.94 -10.95 4.88
C TRP C 608 -56.69 -10.16 5.26
N TYR C 609 -56.91 -8.97 5.82
CA TYR C 609 -55.90 -8.25 6.55
C TYR C 609 -56.37 -8.11 7.99
N TYR C 610 -55.37 -8.01 8.89
CA TYR C 610 -55.69 -7.94 10.31
C TYR C 610 -54.57 -7.23 11.06
N CYS C 611 -54.93 -6.70 12.23
CA CYS C 611 -53.97 -6.11 13.13
C CYS C 611 -53.28 -7.19 13.93
N ASN C 612 -51.94 -7.15 13.95
CA ASN C 612 -51.12 -8.14 14.68
C ASN C 612 -50.52 -7.59 15.96
N TRP C 613 -50.93 -6.39 16.42
CA TRP C 613 -50.45 -5.81 17.66
C TRP C 613 -51.61 -5.74 18.64
N PHE C 614 -51.66 -6.63 19.63
CA PHE C 614 -52.81 -6.73 20.52
C PHE C 614 -53.03 -5.37 21.15
N CYS C 615 -54.19 -4.77 20.91
CA CYS C 615 -54.38 -3.34 21.05
C CYS C 615 -55.63 -2.97 21.86
N HIS C 616 -56.50 -3.92 22.15
CA HIS C 616 -57.87 -3.65 22.60
C HIS C 616 -58.51 -5.01 22.83
N ALA C 617 -59.56 -5.09 23.68
CA ALA C 617 -60.30 -6.32 23.84
C ALA C 617 -60.89 -6.85 22.54
N LEU C 618 -61.18 -5.95 21.56
CA LEU C 618 -61.71 -6.38 20.27
C LEU C 618 -60.63 -6.48 19.19
N HIS C 619 -59.40 -6.74 19.60
CA HIS C 619 -58.30 -6.93 18.63
C HIS C 619 -58.57 -8.03 17.59
N MET C 620 -59.11 -9.19 17.96
CA MET C 620 -59.27 -10.26 16.98
C MET C 620 -60.17 -9.81 15.81
N GLU C 621 -61.06 -8.85 16.10
CA GLU C 621 -62.05 -8.32 15.18
C GLU C 621 -61.51 -7.16 14.35
N MET C 622 -60.27 -6.74 14.62
CA MET C 622 -59.68 -5.60 13.91
C MET C 622 -59.03 -6.06 12.59
N GLY C 623 -59.84 -6.01 11.52
CA GLY C 623 -59.39 -6.52 10.23
C GLY C 623 -60.32 -6.09 9.12
N GLY C 624 -60.12 -6.69 7.96
CA GLY C 624 -60.86 -6.38 6.75
C GLY C 624 -60.47 -7.32 5.64
N ARG C 625 -60.98 -7.09 4.43
CA ARG C 625 -60.68 -7.97 3.30
C ARG C 625 -60.22 -7.18 2.09
N MET C 626 -59.22 -7.73 1.44
CA MET C 626 -58.81 -7.34 0.10
C MET C 626 -59.42 -8.32 -0.89
N LEU C 627 -60.15 -7.85 -1.87
CA LEU C 627 -60.76 -8.68 -2.92
C LEU C 627 -59.91 -8.53 -4.17
N VAL C 628 -59.35 -9.62 -4.63
CA VAL C 628 -58.54 -9.61 -5.84
C VAL C 628 -59.34 -10.22 -6.97
N GLU C 629 -59.59 -9.43 -8.01
CA GLU C 629 -60.29 -9.94 -9.17
C GLU C 629 -59.34 -10.28 -10.32
N LYS C 630 -59.80 -11.22 -11.18
CA LYS C 630 -59.07 -11.49 -12.41
C LYS C 630 -59.06 -10.22 -13.26
N ALA C 631 -57.93 -9.98 -13.94
CA ALA C 631 -57.89 -8.94 -14.95
C ALA C 631 -58.65 -9.43 -16.18
N ALA D 60 -36.95 -19.46 42.89
CA ALA D 60 -37.18 -18.16 42.20
C ALA D 60 -35.93 -17.68 41.43
N HIS D 61 -34.72 -17.99 41.95
CA HIS D 61 -33.49 -17.30 41.54
C HIS D 61 -32.42 -18.34 41.13
N VAL D 62 -31.78 -18.18 39.94
CA VAL D 62 -30.79 -19.13 39.43
C VAL D 62 -29.40 -18.46 39.40
N ALA D 63 -28.51 -18.91 40.31
CA ALA D 63 -27.20 -18.30 40.46
C ALA D 63 -26.26 -18.74 39.34
N PRO D 64 -25.15 -18.01 39.08
CA PRO D 64 -24.12 -18.45 38.14
C PRO D 64 -23.66 -19.87 38.48
N GLY D 65 -23.67 -20.76 37.47
CA GLY D 65 -23.28 -22.15 37.71
C GLY D 65 -24.45 -23.09 37.94
N GLU D 66 -25.62 -22.55 38.33
CA GLU D 66 -26.84 -23.32 38.55
C GLU D 66 -27.64 -23.36 37.24
N LEU D 67 -28.55 -24.34 37.12
CA LEU D 67 -29.40 -24.49 35.94
C LEU D 67 -30.87 -24.25 36.28
N ASP D 68 -31.62 -23.76 35.29
CA ASP D 68 -33.06 -23.63 35.46
C ASP D 68 -33.71 -25.00 35.66
N GLU D 69 -34.94 -25.04 36.19
CA GLU D 69 -35.66 -26.27 36.46
C GLU D 69 -36.60 -26.70 35.33
N TYR D 70 -37.07 -25.71 34.55
CA TYR D 70 -37.96 -25.95 33.43
C TYR D 70 -37.40 -25.23 32.20
N TYR D 71 -37.72 -25.81 31.05
CA TYR D 71 -37.71 -25.07 29.81
C TYR D 71 -39.03 -24.35 29.60
N GLY D 72 -38.98 -23.18 28.98
CA GLY D 72 -40.16 -22.51 28.49
C GLY D 72 -40.03 -22.31 26.99
N PHE D 73 -41.05 -22.68 26.26
CA PHE D 73 -41.05 -22.43 24.82
C PHE D 73 -42.08 -21.34 24.55
N TRP D 74 -41.60 -20.14 24.23
CA TRP D 74 -42.43 -18.96 24.03
C TRP D 74 -42.70 -18.79 22.57
N SER D 75 -43.95 -18.48 22.22
CA SER D 75 -44.24 -17.98 20.90
C SER D 75 -43.58 -16.61 20.71
N GLY D 76 -43.29 -16.27 19.45
CA GLY D 76 -42.77 -14.97 19.06
C GLY D 76 -43.81 -14.03 18.48
N GLY D 77 -45.02 -14.51 18.30
CA GLY D 77 -46.04 -13.72 17.65
C GLY D 77 -45.59 -13.36 16.25
N HIS D 78 -45.79 -12.11 15.88
CA HIS D 78 -45.52 -11.67 14.53
C HIS D 78 -44.04 -11.46 14.28
N GLN D 79 -43.20 -11.72 15.27
CA GLN D 79 -41.76 -11.76 15.03
C GLN D 79 -41.38 -13.10 14.40
N GLY D 80 -42.19 -14.15 14.60
CA GLY D 80 -42.07 -15.35 13.78
C GLY D 80 -41.19 -16.47 14.32
N GLU D 81 -40.48 -16.28 15.41
CA GLU D 81 -39.60 -17.33 15.95
C GLU D 81 -40.23 -17.95 17.20
N VAL D 82 -39.62 -19.04 17.69
CA VAL D 82 -39.87 -19.60 19.01
C VAL D 82 -38.68 -19.29 19.92
N ARG D 83 -38.97 -18.86 21.14
CA ARG D 83 -37.92 -18.46 22.07
C ARG D 83 -37.85 -19.48 23.18
N VAL D 84 -36.66 -19.95 23.50
CA VAL D 84 -36.49 -20.96 24.53
C VAL D 84 -35.98 -20.25 25.78
N LEU D 85 -36.71 -20.35 26.89
CA LEU D 85 -36.37 -19.69 28.14
C LEU D 85 -36.05 -20.74 29.19
N GLY D 86 -35.22 -20.34 30.16
CA GLY D 86 -35.06 -21.10 31.38
C GLY D 86 -36.04 -20.52 32.40
N VAL D 87 -36.74 -21.40 33.12
CA VAL D 87 -37.69 -21.00 34.16
C VAL D 87 -37.19 -21.68 35.43
N PRO D 88 -37.05 -20.96 36.58
CA PRO D 88 -37.66 -19.66 36.83
C PRO D 88 -36.80 -18.41 36.64
N SER D 89 -35.62 -18.52 36.02
CA SER D 89 -34.79 -17.36 35.80
C SER D 89 -35.41 -16.39 34.80
N MET D 90 -36.21 -16.94 33.84
CA MET D 90 -36.88 -16.18 32.79
C MET D 90 -35.86 -15.57 31.82
N ARG D 91 -34.75 -16.27 31.64
CA ARG D 91 -33.73 -15.84 30.70
C ARG D 91 -33.90 -16.60 29.39
N GLU D 92 -33.74 -15.87 28.27
CA GLU D 92 -33.83 -16.47 26.95
C GLU D 92 -32.53 -17.19 26.61
N LEU D 93 -32.59 -18.52 26.50
CA LEU D 93 -31.43 -19.38 26.24
C LEU D 93 -31.18 -19.51 24.75
N MET D 94 -32.24 -19.49 23.94
CA MET D 94 -32.06 -19.78 22.51
C MET D 94 -33.25 -19.17 21.76
N ARG D 95 -33.04 -18.89 20.47
CA ARG D 95 -34.08 -18.55 19.52
C ARG D 95 -34.08 -19.63 18.46
N ILE D 96 -35.27 -20.16 18.15
CA ILE D 96 -35.46 -21.15 17.11
C ILE D 96 -36.17 -20.45 15.95
N PRO D 97 -35.52 -20.22 14.81
CA PRO D 97 -36.19 -19.52 13.72
C PRO D 97 -37.24 -20.46 13.12
N VAL D 98 -38.37 -19.87 12.71
CA VAL D 98 -39.45 -20.66 12.15
C VAL D 98 -39.96 -19.99 10.89
N PHE D 99 -40.66 -18.84 11.04
CA PHE D 99 -41.26 -18.12 9.93
C PHE D 99 -40.50 -16.84 9.61
N ASN D 100 -39.61 -16.45 10.52
CA ASN D 100 -38.71 -15.33 10.30
C ASN D 100 -37.50 -15.75 9.46
N VAL D 101 -36.75 -14.77 8.96
CA VAL D 101 -35.49 -15.00 8.30
C VAL D 101 -34.37 -14.56 9.23
N ASP D 102 -33.53 -15.53 9.67
CA ASP D 102 -32.48 -15.31 10.63
C ASP D 102 -31.15 -15.02 9.96
N SER D 103 -30.71 -13.76 10.04
CA SER D 103 -29.44 -13.29 9.52
C SER D 103 -28.26 -14.10 10.04
N ALA D 104 -28.38 -14.65 11.28
CA ALA D 104 -27.26 -15.34 11.92
C ALA D 104 -27.09 -16.76 11.41
N THR D 105 -28.09 -17.61 11.71
CA THR D 105 -28.04 -19.00 11.30
C THR D 105 -28.33 -19.17 9.83
N GLY D 106 -28.91 -18.16 9.18
CA GLY D 106 -29.28 -18.33 7.79
C GLY D 106 -30.60 -19.03 7.58
N TRP D 107 -31.41 -19.18 8.61
CA TRP D 107 -32.74 -19.76 8.39
C TRP D 107 -33.55 -18.85 7.48
N GLY D 108 -33.98 -19.39 6.34
CA GLY D 108 -34.63 -18.62 5.31
C GLY D 108 -33.70 -18.29 4.14
N ILE D 109 -32.38 -18.47 4.34
CA ILE D 109 -31.33 -18.20 3.37
C ILE D 109 -30.71 -19.54 2.91
N THR D 110 -30.38 -20.44 3.84
CA THR D 110 -29.75 -21.71 3.50
C THR D 110 -30.67 -22.52 2.60
N ASN D 111 -30.07 -23.42 1.84
CA ASN D 111 -30.84 -24.32 1.00
C ASN D 111 -31.67 -25.30 1.80
N GLU D 112 -31.14 -25.72 2.94
CA GLU D 112 -31.83 -26.72 3.75
C GLU D 112 -33.11 -26.12 4.32
N SER D 113 -33.00 -24.90 4.86
CA SER D 113 -34.17 -24.23 5.40
C SER D 113 -35.17 -23.95 4.30
N LYS D 114 -34.69 -23.51 3.14
CA LYS D 114 -35.59 -23.17 2.02
C LYS D 114 -36.36 -24.42 1.63
N GLU D 115 -35.72 -25.60 1.62
CA GLU D 115 -36.42 -26.82 1.25
C GLU D 115 -37.51 -27.14 2.27
N ILE D 116 -37.20 -26.97 3.55
CA ILE D 116 -38.18 -27.17 4.62
C ILE D 116 -39.35 -26.19 4.45
N LEU D 117 -39.05 -24.90 4.25
CA LEU D 117 -40.09 -23.89 4.07
C LEU D 117 -40.98 -24.18 2.86
N GLY D 118 -40.37 -24.69 1.79
CA GLY D 118 -41.12 -24.98 0.58
C GLY D 118 -41.93 -23.79 0.11
N GLY D 119 -43.15 -24.06 -0.37
CA GLY D 119 -44.01 -23.02 -0.90
C GLY D 119 -43.69 -22.60 -2.33
N ASP D 120 -44.58 -21.79 -2.92
N ASP D 120 -44.59 -21.77 -2.86
CA ASP D 120 -44.35 -21.29 -4.28
CA ASP D 120 -44.48 -21.28 -4.21
C ASP D 120 -44.00 -19.79 -4.25
C ASP D 120 -43.81 -19.92 -4.23
N GLN D 121 -43.71 -19.25 -3.06
CA GLN D 121 -43.05 -17.98 -2.96
C GLN D 121 -42.40 -17.87 -1.59
N GLN D 122 -41.42 -16.98 -1.51
CA GLN D 122 -40.74 -16.67 -0.27
C GLN D 122 -41.60 -15.73 0.58
N TYR D 123 -41.68 -16.06 1.86
CA TYR D 123 -42.30 -15.18 2.85
C TYR D 123 -41.22 -14.76 3.84
N LEU D 124 -41.10 -13.45 4.06
CA LEU D 124 -40.13 -12.95 5.02
C LEU D 124 -40.70 -12.86 6.43
N ASN D 125 -41.96 -13.29 6.62
CA ASN D 125 -42.65 -13.10 7.88
C ASN D 125 -43.52 -14.32 8.22
N GLY D 126 -43.93 -14.31 9.49
CA GLY D 126 -45.03 -15.14 9.93
C GLY D 126 -45.59 -14.61 11.24
N ASP D 127 -46.54 -15.35 11.87
CA ASP D 127 -47.22 -14.86 13.06
C ASP D 127 -47.62 -16.08 13.89
N CYS D 128 -46.76 -16.40 14.85
CA CYS D 128 -46.86 -17.68 15.55
C CYS D 128 -47.33 -17.47 17.00
N HIS D 129 -48.41 -18.14 17.39
CA HIS D 129 -49.05 -17.84 18.68
C HIS D 129 -48.97 -18.98 19.69
N HIS D 130 -49.09 -20.24 19.21
CA HIS D 130 -49.54 -21.36 20.04
C HIS D 130 -48.59 -22.54 19.95
N PRO D 131 -47.54 -22.56 20.79
CA PRO D 131 -46.56 -23.62 20.81
C PRO D 131 -46.99 -24.76 21.73
N HIS D 132 -46.94 -26.00 21.19
CA HIS D 132 -47.40 -27.18 21.91
C HIS D 132 -46.43 -28.32 21.72
N ILE D 133 -46.26 -29.14 22.76
N ILE D 133 -46.25 -29.13 22.78
CA ILE D 133 -45.31 -30.24 22.70
CA ILE D 133 -45.30 -30.24 22.79
C ILE D 133 -46.02 -31.58 22.69
C ILE D 133 -46.04 -31.57 22.67
N SER D 134 -45.46 -32.48 21.87
CA SER D 134 -46.00 -33.82 21.68
C SER D 134 -46.13 -34.59 23.00
N MET D 135 -47.21 -35.40 23.06
N MET D 135 -47.19 -35.42 23.04
CA MET D 135 -47.54 -36.16 24.25
CA MET D 135 -47.54 -36.17 24.23
C MET D 135 -47.69 -37.65 23.95
C MET D 135 -47.68 -37.66 23.93
N THR D 136 -47.40 -38.44 24.97
CA THR D 136 -47.68 -39.87 25.02
C THR D 136 -48.53 -40.09 26.28
N ASP D 137 -49.75 -40.60 26.06
CA ASP D 137 -50.75 -40.85 27.10
C ASP D 137 -50.88 -39.65 28.03
N GLY D 138 -51.05 -38.47 27.42
CA GLY D 138 -51.34 -37.30 28.20
C GLY D 138 -50.17 -36.77 29.04
N ARG D 139 -48.93 -37.15 28.70
CA ARG D 139 -47.75 -36.63 29.35
C ARG D 139 -46.79 -36.13 28.26
N TYR D 140 -46.08 -35.04 28.53
CA TYR D 140 -45.18 -34.51 27.52
C TYR D 140 -44.06 -35.50 27.22
N ASP D 141 -43.77 -35.73 25.92
CA ASP D 141 -42.77 -36.70 25.57
C ASP D 141 -41.49 -36.08 24.99
N GLY D 142 -41.48 -34.76 24.75
CA GLY D 142 -40.24 -34.10 24.40
C GLY D 142 -39.76 -34.33 22.97
N LYS D 143 -40.58 -34.91 22.08
CA LYS D 143 -40.09 -35.17 20.74
C LYS D 143 -40.21 -33.92 19.85
N TYR D 144 -41.44 -33.33 19.78
CA TYR D 144 -41.70 -32.27 18.80
C TYR D 144 -42.43 -31.13 19.49
N LEU D 145 -42.19 -29.94 18.95
CA LEU D 145 -43.05 -28.79 19.23
C LEU D 145 -43.72 -28.44 17.91
N PHE D 146 -45.00 -28.02 17.97
CA PHE D 146 -45.75 -27.54 16.82
C PHE D 146 -46.25 -26.12 17.08
N ILE D 147 -46.39 -25.31 16.01
CA ILE D 147 -46.86 -23.95 16.14
C ILE D 147 -47.51 -23.50 14.84
N ASN D 148 -48.45 -22.56 14.97
CA ASN D 148 -49.20 -21.98 13.87
C ASN D 148 -48.48 -20.81 13.22
N ASP D 149 -48.89 -20.51 11.99
CA ASP D 149 -48.62 -19.25 11.33
C ASP D 149 -49.91 -18.59 10.82
N LYS D 150 -50.37 -17.56 11.52
CA LYS D 150 -51.59 -16.84 11.14
C LYS D 150 -51.39 -15.99 9.88
N ALA D 151 -50.17 -15.54 9.61
CA ALA D 151 -49.94 -14.58 8.54
C ALA D 151 -49.99 -15.21 7.15
N ASN D 152 -49.31 -16.35 6.97
CA ASN D 152 -49.20 -16.97 5.65
C ASN D 152 -49.68 -18.45 5.70
N THR D 153 -50.55 -18.79 6.65
CA THR D 153 -51.40 -19.99 6.63
C THR D 153 -50.54 -21.27 6.55
N ARG D 154 -49.73 -21.47 7.61
CA ARG D 154 -48.84 -22.61 7.74
C ARG D 154 -48.88 -23.15 9.16
N VAL D 155 -48.31 -24.35 9.31
CA VAL D 155 -48.02 -24.98 10.59
C VAL D 155 -46.58 -25.47 10.47
N ALA D 156 -45.84 -25.30 11.56
CA ALA D 156 -44.47 -25.80 11.66
C ALA D 156 -44.34 -26.87 12.73
N ARG D 157 -43.34 -27.74 12.53
CA ARG D 157 -42.89 -28.71 13.49
C ARG D 157 -41.40 -28.45 13.75
N ILE D 158 -41.06 -28.45 15.05
N ILE D 158 -41.06 -28.45 15.05
CA ILE D 158 -39.71 -28.27 15.55
CA ILE D 158 -39.70 -28.28 15.56
C ILE D 158 -39.25 -29.58 16.17
C ILE D 158 -39.25 -29.59 16.18
N ARG D 159 -38.04 -30.03 15.81
CA ARG D 159 -37.41 -31.16 16.47
C ARG D 159 -36.72 -30.72 17.75
N LEU D 160 -37.12 -31.26 18.89
CA LEU D 160 -36.60 -30.82 20.17
C LEU D 160 -35.25 -31.49 20.53
N ASP D 161 -34.73 -32.37 19.69
CA ASP D 161 -33.38 -32.88 19.92
C ASP D 161 -32.31 -31.85 19.51
N ILE D 162 -32.54 -31.09 18.46
CA ILE D 162 -31.60 -30.07 17.98
C ILE D 162 -32.17 -28.65 18.07
N MET D 163 -33.43 -28.48 18.46
N MET D 163 -33.47 -28.55 18.40
CA MET D 163 -34.06 -27.17 18.57
CA MET D 163 -34.17 -27.29 18.54
C MET D 163 -34.03 -26.47 17.22
C MET D 163 -34.07 -26.50 17.25
N LYS D 164 -34.51 -27.19 16.17
CA LYS D 164 -34.63 -26.61 14.85
C LYS D 164 -35.98 -26.98 14.25
N THR D 165 -36.52 -26.07 13.44
CA THR D 165 -37.66 -26.41 12.60
C THR D 165 -37.30 -27.49 11.57
N ASP D 166 -38.17 -28.52 11.44
CA ASP D 166 -37.91 -29.57 10.48
C ASP D 166 -39.02 -29.77 9.44
N LYS D 167 -40.22 -29.24 9.70
CA LYS D 167 -41.30 -29.35 8.73
C LYS D 167 -42.17 -28.11 8.74
N ILE D 168 -42.58 -27.70 7.54
CA ILE D 168 -43.51 -26.60 7.38
C ILE D 168 -44.58 -27.06 6.40
N THR D 169 -45.84 -26.95 6.80
CA THR D 169 -46.97 -27.40 5.99
C THR D 169 -47.88 -26.22 5.70
N HIS D 170 -48.19 -26.01 4.42
CA HIS D 170 -49.14 -25.00 3.99
C HIS D 170 -50.55 -25.61 4.03
N ILE D 171 -51.46 -24.99 4.77
CA ILE D 171 -52.77 -25.57 4.99
C ILE D 171 -53.70 -25.11 3.88
N PRO D 172 -54.31 -26.05 3.13
CA PRO D 172 -55.08 -25.69 1.94
C PRO D 172 -56.50 -25.17 2.19
N ASN D 173 -56.93 -24.25 1.33
CA ASN D 173 -58.33 -23.81 1.22
C ASN D 173 -58.87 -23.12 2.47
N VAL D 174 -57.96 -22.61 3.31
CA VAL D 174 -58.33 -21.83 4.47
C VAL D 174 -57.38 -20.63 4.56
N GLN D 175 -57.69 -19.71 5.48
CA GLN D 175 -56.78 -18.61 5.81
C GLN D 175 -56.63 -18.43 7.32
N ALA D 176 -55.35 -18.11 7.69
CA ALA D 176 -55.01 -17.60 9.00
C ALA D 176 -55.15 -18.71 10.03
N ILE D 177 -54.10 -19.54 10.10
CA ILE D 177 -54.09 -20.58 11.12
C ILE D 177 -53.86 -19.92 12.47
N HIS D 178 -54.78 -20.10 13.41
CA HIS D 178 -54.76 -19.40 14.69
C HIS D 178 -54.62 -20.44 15.81
N GLY D 179 -55.75 -20.92 16.35
CA GLY D 179 -55.66 -21.93 17.39
C GLY D 179 -54.98 -23.19 16.87
N LEU D 180 -54.16 -23.76 17.74
CA LEU D 180 -53.46 -24.99 17.47
C LEU D 180 -53.26 -25.68 18.81
N ARG D 181 -53.63 -26.96 18.92
CA ARG D 181 -53.26 -27.80 20.05
C ARG D 181 -53.23 -29.25 19.58
N LEU D 182 -52.69 -30.12 20.44
CA LEU D 182 -52.38 -31.46 20.02
C LEU D 182 -53.30 -32.47 20.69
N GLN D 183 -53.49 -33.58 19.96
CA GLN D 183 -54.06 -34.76 20.57
C GLN D 183 -53.19 -35.15 21.77
N LYS D 184 -53.83 -35.55 22.86
CA LYS D 184 -53.10 -35.96 24.07
C LYS D 184 -53.04 -37.49 24.23
N VAL D 185 -54.13 -38.17 23.86
CA VAL D 185 -54.29 -39.58 24.16
C VAL D 185 -54.82 -40.28 22.91
N PRO D 186 -54.37 -41.49 22.55
CA PRO D 186 -53.29 -42.21 23.24
C PRO D 186 -51.90 -41.61 23.15
N LYS D 187 -51.74 -40.73 22.14
CA LYS D 187 -50.52 -39.99 21.93
C LYS D 187 -50.83 -38.90 20.91
N THR D 188 -49.86 -38.03 20.63
CA THR D 188 -50.07 -37.04 19.57
C THR D 188 -49.93 -37.69 18.21
N ASN D 189 -51.05 -38.21 17.69
CA ASN D 189 -51.11 -38.63 16.29
C ASN D 189 -51.58 -37.48 15.40
N TYR D 190 -52.46 -36.61 15.93
CA TYR D 190 -52.98 -35.46 15.20
C TYR D 190 -52.54 -34.14 15.86
N VAL D 191 -52.27 -33.17 14.97
CA VAL D 191 -52.18 -31.75 15.30
C VAL D 191 -53.49 -31.14 14.84
N PHE D 192 -54.15 -30.41 15.72
CA PHE D 192 -55.45 -29.84 15.40
C PHE D 192 -55.27 -28.33 15.22
N CYS D 193 -55.81 -27.78 14.14
N CYS D 193 -55.82 -27.76 14.16
CA CYS D 193 -55.53 -26.41 13.70
CA CYS D 193 -55.65 -26.33 14.00
C CYS D 193 -56.86 -25.73 13.33
C CYS D 193 -56.80 -25.67 13.28
N ASN D 194 -57.08 -24.50 13.84
CA ASN D 194 -58.17 -23.66 13.43
C ASN D 194 -57.72 -22.68 12.36
N ALA D 195 -58.57 -22.39 11.39
CA ALA D 195 -58.39 -21.27 10.46
C ALA D 195 -59.44 -20.21 10.81
N GLU D 196 -58.98 -18.97 11.08
CA GLU D 196 -59.83 -17.96 11.67
C GLU D 196 -60.76 -17.26 10.71
N PHE D 197 -60.39 -17.11 9.44
CA PHE D 197 -61.06 -16.16 8.56
C PHE D 197 -61.80 -16.89 7.44
N VAL D 198 -63.11 -16.64 7.38
CA VAL D 198 -63.94 -17.33 6.38
C VAL D 198 -63.62 -16.84 4.97
N ILE D 199 -63.55 -17.80 4.03
CA ILE D 199 -63.25 -17.50 2.64
C ILE D 199 -64.16 -18.32 1.73
N PRO D 200 -64.39 -17.86 0.48
CA PRO D 200 -65.11 -18.72 -0.45
C PRO D 200 -64.41 -20.06 -0.63
N GLN D 201 -65.21 -21.07 -1.00
CA GLN D 201 -64.70 -22.40 -1.26
C GLN D 201 -65.09 -22.81 -2.68
N PRO D 202 -64.14 -22.92 -3.63
CA PRO D 202 -62.73 -22.57 -3.48
C PRO D 202 -62.59 -21.04 -3.58
N ASN D 203 -61.43 -20.56 -3.16
CA ASN D 203 -61.18 -19.13 -3.10
C ASN D 203 -60.49 -18.70 -4.38
N ASP D 204 -61.33 -18.50 -5.40
CA ASP D 204 -60.82 -18.31 -6.76
C ASP D 204 -61.29 -17.01 -7.43
N GLY D 205 -61.85 -16.07 -6.67
CA GLY D 205 -62.23 -14.78 -7.21
C GLY D 205 -63.54 -14.75 -8.00
N THR D 206 -64.30 -15.87 -8.01
CA THR D 206 -65.57 -15.91 -8.74
C THR D 206 -66.75 -15.42 -7.89
N ASP D 207 -66.63 -15.49 -6.56
CA ASP D 207 -67.68 -15.11 -5.65
C ASP D 207 -67.04 -14.64 -4.35
N PHE D 208 -67.04 -13.33 -4.12
CA PHE D 208 -66.44 -12.77 -2.92
C PHE D 208 -67.39 -12.76 -1.71
N SER D 209 -68.64 -13.23 -1.86
CA SER D 209 -69.65 -12.99 -0.84
C SER D 209 -69.31 -13.66 0.49
N LEU D 210 -69.52 -12.91 1.57
CA LEU D 210 -69.41 -13.46 2.91
C LEU D 210 -70.44 -14.55 3.14
N ASP D 211 -71.63 -14.42 2.51
CA ASP D 211 -72.67 -15.42 2.64
C ASP D 211 -72.22 -16.81 2.23
N ASN D 212 -71.27 -16.92 1.28
CA ASN D 212 -70.78 -18.19 0.77
C ASN D 212 -69.33 -18.45 1.22
N SER D 213 -68.90 -17.75 2.28
CA SER D 213 -67.57 -17.91 2.82
C SER D 213 -67.62 -18.78 4.06
N TYR D 214 -66.65 -19.70 4.16
CA TYR D 214 -66.55 -20.63 5.27
C TYR D 214 -65.10 -20.81 5.69
N THR D 215 -64.92 -21.38 6.88
CA THR D 215 -63.63 -21.90 7.32
C THR D 215 -63.72 -23.38 7.66
N MET D 216 -62.56 -23.98 7.97
CA MET D 216 -62.46 -25.40 8.28
C MET D 216 -61.50 -25.60 9.44
N PHE D 217 -61.79 -26.66 10.18
CA PHE D 217 -60.91 -27.23 11.21
C PHE D 217 -60.05 -28.29 10.54
N THR D 218 -58.74 -28.27 10.78
CA THR D 218 -57.79 -29.14 10.10
C THR D 218 -57.11 -30.06 11.10
N ALA D 219 -56.95 -31.34 10.72
CA ALA D 219 -56.13 -32.30 11.43
C ALA D 219 -54.94 -32.63 10.54
N ILE D 220 -53.74 -32.49 11.10
CA ILE D 220 -52.50 -32.85 10.45
C ILE D 220 -51.96 -34.11 11.11
N ASP D 221 -51.39 -35.03 10.31
CA ASP D 221 -50.65 -36.14 10.85
C ASP D 221 -49.33 -35.63 11.47
N ALA D 222 -49.14 -35.84 12.77
CA ALA D 222 -48.03 -35.26 13.51
C ALA D 222 -46.69 -35.81 13.04
N GLU D 223 -46.65 -37.08 12.61
N GLU D 223 -46.68 -37.08 12.59
CA GLU D 223 -45.38 -37.73 12.28
CA GLU D 223 -45.45 -37.77 12.23
C GLU D 223 -44.96 -37.44 10.84
C GLU D 223 -44.97 -37.41 10.83
N THR D 224 -45.90 -37.32 9.88
CA THR D 224 -45.55 -36.99 8.51
C THR D 224 -45.61 -35.48 8.24
N MET D 225 -46.48 -34.80 8.99
CA MET D 225 -46.81 -33.40 8.75
C MET D 225 -47.63 -33.18 7.46
N ASP D 226 -48.23 -34.25 6.93
CA ASP D 226 -49.18 -34.11 5.85
C ASP D 226 -50.58 -33.95 6.45
N VAL D 227 -51.40 -33.09 5.84
CA VAL D 227 -52.75 -32.89 6.30
C VAL D 227 -53.54 -34.20 6.18
N ALA D 228 -54.28 -34.54 7.24
CA ALA D 228 -55.10 -35.76 7.26
C ALA D 228 -56.51 -35.50 6.74
N TRP D 229 -57.17 -34.46 7.22
CA TRP D 229 -58.54 -34.15 6.84
C TRP D 229 -58.90 -32.77 7.38
N GLN D 230 -60.03 -32.28 6.89
CA GLN D 230 -60.63 -31.01 7.25
C GLN D 230 -62.13 -31.19 7.44
N VAL D 231 -62.67 -30.33 8.32
CA VAL D 231 -64.09 -30.27 8.60
C VAL D 231 -64.61 -28.86 8.34
N ILE D 232 -65.57 -28.71 7.44
CA ILE D 232 -66.22 -27.43 7.20
C ILE D 232 -67.12 -27.15 8.40
N VAL D 233 -67.08 -25.89 8.91
CA VAL D 233 -67.90 -25.46 10.02
C VAL D 233 -68.73 -24.26 9.61
N ASP D 234 -69.75 -23.99 10.42
CA ASP D 234 -70.40 -22.68 10.37
C ASP D 234 -69.55 -21.70 11.19
N GLY D 235 -69.83 -20.41 11.10
CA GLY D 235 -69.09 -19.42 11.89
C GLY D 235 -67.60 -19.41 11.60
N ASN D 236 -66.80 -19.21 12.63
CA ASN D 236 -65.34 -19.21 12.45
C ASN D 236 -64.73 -20.02 13.58
N LEU D 237 -63.39 -19.99 13.68
CA LEU D 237 -62.68 -20.76 14.67
C LEU D 237 -61.58 -19.87 15.27
N ASP D 238 -61.43 -19.91 16.58
CA ASP D 238 -60.50 -19.05 17.28
C ASP D 238 -59.45 -19.96 17.92
N ASN D 239 -59.71 -20.48 19.11
CA ASN D 239 -58.78 -21.37 19.81
C ASN D 239 -59.34 -22.79 19.92
N THR D 240 -58.47 -23.75 20.23
CA THR D 240 -58.83 -25.17 20.23
C THR D 240 -58.10 -25.93 21.34
N ASP D 241 -58.71 -27.03 21.81
CA ASP D 241 -58.04 -28.01 22.66
C ASP D 241 -58.69 -29.38 22.44
N ALA D 242 -58.06 -30.36 23.10
CA ALA D 242 -58.42 -31.75 22.91
C ALA D 242 -58.61 -32.39 24.28
N ASP D 243 -59.33 -33.51 24.25
CA ASP D 243 -59.66 -34.23 25.50
C ASP D 243 -58.52 -35.17 25.88
N TYR D 244 -58.75 -36.02 26.90
CA TYR D 244 -57.80 -37.03 27.34
C TYR D 244 -58.25 -38.45 26.93
N THR D 245 -58.95 -38.55 25.78
CA THR D 245 -59.27 -39.87 25.24
C THR D 245 -58.89 -40.05 23.78
N GLY D 246 -58.83 -38.95 23.02
CA GLY D 246 -58.64 -39.01 21.58
C GLY D 246 -59.94 -38.80 20.79
N LYS D 247 -61.08 -38.92 21.44
CA LYS D 247 -62.34 -38.89 20.75
C LYS D 247 -62.78 -37.48 20.37
N TYR D 248 -62.51 -36.48 21.24
CA TYR D 248 -63.07 -35.14 21.04
C TYR D 248 -61.98 -34.07 21.02
N ALA D 249 -62.26 -33.07 20.19
CA ALA D 249 -61.59 -31.77 20.23
C ALA D 249 -62.66 -30.69 20.15
N ALA D 250 -62.30 -29.45 20.52
CA ALA D 250 -63.29 -28.39 20.58
C ALA D 250 -62.63 -27.06 20.30
N SER D 251 -63.41 -26.17 19.68
CA SER D 251 -62.93 -24.84 19.30
C SER D 251 -63.95 -23.77 19.64
N THR D 252 -63.50 -22.58 20.03
CA THR D 252 -64.34 -21.40 20.12
C THR D 252 -64.57 -20.82 18.73
N CYS D 253 -65.68 -20.09 18.64
CA CYS D 253 -66.08 -19.27 17.50
C CYS D 253 -66.46 -17.89 18.04
N TYR D 254 -65.99 -16.82 17.40
CA TYR D 254 -66.43 -15.46 17.75
C TYR D 254 -67.29 -14.85 16.68
N ASN D 255 -67.28 -15.40 15.46
CA ASN D 255 -67.92 -14.81 14.28
C ASN D 255 -68.94 -15.82 13.74
N SER D 256 -69.93 -16.14 14.58
CA SER D 256 -71.06 -16.94 14.14
C SER D 256 -71.81 -16.19 13.04
N GLU D 257 -71.65 -14.86 13.05
CA GLU D 257 -72.30 -13.92 12.13
C GLU D 257 -71.65 -13.91 10.73
N ARG D 258 -70.41 -14.44 10.60
CA ARG D 258 -69.57 -14.35 9.40
C ARG D 258 -69.61 -12.93 8.84
N ALA D 259 -69.30 -11.95 9.71
CA ALA D 259 -69.23 -10.55 9.35
C ALA D 259 -67.76 -10.08 9.27
N VAL D 260 -67.57 -8.95 8.57
CA VAL D 260 -66.33 -8.20 8.62
C VAL D 260 -66.45 -7.02 9.58
N ASP D 261 -67.57 -6.29 9.53
CA ASP D 261 -67.70 -5.09 10.34
C ASP D 261 -67.82 -5.47 11.82
N LEU D 262 -67.33 -4.57 12.65
CA LEU D 262 -67.20 -4.83 14.07
C LEU D 262 -68.57 -5.09 14.70
N ALA D 263 -69.56 -4.26 14.36
CA ALA D 263 -70.88 -4.41 14.96
C ALA D 263 -71.43 -5.78 14.57
N GLY D 264 -71.21 -6.21 13.33
CA GLY D 264 -71.68 -7.50 12.84
C GLY D 264 -71.08 -8.66 13.62
N THR D 265 -69.77 -8.58 13.95
CA THR D 265 -69.12 -9.69 14.66
C THR D 265 -69.62 -9.80 16.09
N MET D 266 -70.29 -8.79 16.65
CA MET D 266 -70.75 -8.82 18.04
C MET D 266 -72.27 -8.86 18.11
N ARG D 267 -72.94 -9.14 16.99
CA ARG D 267 -74.39 -8.99 16.95
C ARG D 267 -75.05 -10.02 17.87
N ASN D 268 -74.65 -11.30 17.76
CA ASN D 268 -75.34 -12.37 18.47
C ASN D 268 -74.99 -12.30 19.96
N ASP D 269 -75.98 -12.58 20.84
CA ASP D 269 -75.72 -12.63 22.27
C ASP D 269 -74.71 -13.74 22.62
N ARG D 270 -74.82 -14.85 21.86
N ARG D 270 -74.81 -14.85 21.87
CA ARG D 270 -73.92 -15.98 22.02
CA ARG D 270 -73.91 -15.98 22.04
C ARG D 270 -73.36 -16.38 20.66
C ARG D 270 -73.38 -16.41 20.67
N ASP D 271 -72.12 -16.84 20.68
CA ASP D 271 -71.55 -17.64 19.62
C ASP D 271 -71.57 -19.08 20.12
N TRP D 272 -70.46 -19.85 19.98
CA TRP D 272 -70.49 -21.23 20.39
C TRP D 272 -69.08 -21.75 20.61
N VAL D 273 -69.04 -22.90 21.27
CA VAL D 273 -67.95 -23.86 21.14
C VAL D 273 -68.44 -24.92 20.19
N VAL D 274 -67.65 -25.21 19.14
CA VAL D 274 -67.94 -26.35 18.29
C VAL D 274 -67.12 -27.52 18.78
N VAL D 275 -67.78 -28.66 19.01
CA VAL D 275 -67.10 -29.87 19.43
C VAL D 275 -67.04 -30.80 18.22
N PHE D 276 -65.86 -31.39 17.99
CA PHE D 276 -65.61 -32.31 16.91
C PHE D 276 -65.53 -33.71 17.46
N ASN D 277 -66.33 -34.62 16.86
CA ASN D 277 -66.25 -36.05 17.13
C ASN D 277 -65.19 -36.61 16.18
N VAL D 278 -63.95 -36.56 16.68
CA VAL D 278 -62.79 -37.03 15.92
C VAL D 278 -62.94 -38.49 15.50
N GLU D 279 -63.49 -39.32 16.39
CA GLU D 279 -63.73 -40.73 16.05
C GLU D 279 -64.61 -40.86 14.81
N ARG D 280 -65.74 -40.15 14.77
CA ARG D 280 -66.66 -40.26 13.66
C ARG D 280 -66.07 -39.65 12.39
N ILE D 281 -65.31 -38.55 12.53
CA ILE D 281 -64.71 -37.91 11.37
C ILE D 281 -63.69 -38.87 10.73
N ALA D 282 -62.80 -39.38 11.56
CA ALA D 282 -61.75 -40.30 11.07
C ALA D 282 -62.38 -41.51 10.39
N ALA D 283 -63.50 -42.00 10.93
CA ALA D 283 -64.14 -43.19 10.36
C ALA D 283 -64.72 -42.84 8.98
N ALA D 284 -65.32 -41.65 8.82
CA ALA D 284 -65.91 -41.24 7.55
C ALA D 284 -64.81 -41.12 6.51
N VAL D 285 -63.67 -40.51 6.87
CA VAL D 285 -62.54 -40.37 5.95
C VAL D 285 -62.02 -41.75 5.54
N LYS D 286 -61.86 -42.67 6.50
CA LYS D 286 -61.34 -43.99 6.19
C LYS D 286 -62.26 -44.75 5.23
N ALA D 287 -63.57 -44.48 5.30
CA ALA D 287 -64.60 -45.14 4.50
C ALA D 287 -64.69 -44.52 3.10
N GLY D 288 -64.09 -43.33 2.90
CA GLY D 288 -64.17 -42.65 1.63
C GLY D 288 -65.36 -41.70 1.50
N ASN D 289 -66.05 -41.40 2.59
CA ASN D 289 -67.21 -40.54 2.60
C ASN D 289 -66.75 -39.09 2.85
N PHE D 290 -66.23 -38.49 1.81
CA PHE D 290 -65.71 -37.14 1.89
C PHE D 290 -65.66 -36.54 0.49
N LYS D 291 -65.44 -35.23 0.44
CA LYS D 291 -65.27 -34.51 -0.80
C LYS D 291 -63.93 -33.78 -0.74
N THR D 292 -63.57 -33.15 -1.84
CA THR D 292 -62.39 -32.33 -1.94
C THR D 292 -62.77 -30.95 -2.43
N ILE D 293 -61.91 -29.99 -2.11
CA ILE D 293 -62.10 -28.61 -2.51
C ILE D 293 -60.93 -28.16 -3.39
N GLY D 294 -61.25 -27.47 -4.50
CA GLY D 294 -60.19 -26.85 -5.28
C GLY D 294 -59.20 -27.89 -5.83
N ASP D 295 -57.92 -27.57 -5.71
CA ASP D 295 -56.85 -28.39 -6.26
C ASP D 295 -56.27 -29.30 -5.20
N SER D 296 -56.88 -29.32 -4.02
CA SER D 296 -56.34 -30.13 -2.93
C SER D 296 -56.97 -31.51 -2.90
N LYS D 297 -56.17 -32.54 -2.60
CA LYS D 297 -56.72 -33.87 -2.44
C LYS D 297 -57.06 -34.18 -0.98
N VAL D 298 -56.91 -33.17 -0.08
CA VAL D 298 -57.25 -33.42 1.31
C VAL D 298 -58.71 -33.80 1.49
N PRO D 299 -59.02 -34.87 2.24
CA PRO D 299 -60.41 -35.22 2.55
C PRO D 299 -61.12 -34.14 3.37
N VAL D 300 -62.29 -33.69 2.86
CA VAL D 300 -63.12 -32.67 3.52
C VAL D 300 -64.48 -33.26 3.88
N VAL D 301 -64.86 -33.21 5.16
CA VAL D 301 -66.21 -33.58 5.59
C VAL D 301 -66.96 -32.34 6.02
N ASP D 302 -68.29 -32.40 6.01
CA ASP D 302 -69.10 -31.24 6.24
C ASP D 302 -69.67 -31.31 7.65
N GLY D 303 -69.18 -30.40 8.53
CA GLY D 303 -69.70 -30.27 9.88
C GLY D 303 -70.66 -29.10 10.08
N ARG D 304 -71.20 -28.51 9.00
CA ARG D 304 -72.14 -27.42 9.10
C ARG D 304 -73.50 -27.92 9.57
N GLY D 305 -74.24 -27.06 10.26
CA GLY D 305 -75.62 -27.37 10.58
C GLY D 305 -75.74 -28.58 11.50
N GLU D 306 -76.72 -29.43 11.21
CA GLU D 306 -76.89 -30.68 11.91
C GLU D 306 -76.06 -31.72 11.21
N SER D 307 -75.03 -32.19 11.92
CA SER D 307 -74.02 -33.06 11.37
C SER D 307 -73.68 -34.10 12.42
N GLU D 308 -73.34 -35.32 11.97
CA GLU D 308 -72.85 -36.31 12.92
C GLU D 308 -71.49 -35.92 13.50
N PHE D 309 -70.76 -34.99 12.85
CA PHE D 309 -69.37 -34.74 13.21
C PHE D 309 -69.20 -33.65 14.26
N THR D 310 -70.20 -32.80 14.45
CA THR D 310 -70.09 -31.57 15.22
C THR D 310 -71.29 -31.36 16.12
N ARG D 311 -71.05 -30.64 17.22
CA ARG D 311 -72.11 -30.04 18.03
C ARG D 311 -71.73 -28.61 18.35
N TYR D 312 -72.71 -27.71 18.22
CA TYR D 312 -72.48 -26.29 18.44
C TYR D 312 -73.14 -25.83 19.72
N ILE D 313 -72.34 -25.74 20.79
CA ILE D 313 -72.80 -25.43 22.13
C ILE D 313 -72.81 -23.91 22.29
N PRO D 314 -73.96 -23.22 22.48
CA PRO D 314 -73.93 -21.75 22.58
C PRO D 314 -73.20 -21.28 23.82
N VAL D 315 -72.33 -20.28 23.61
CA VAL D 315 -71.46 -19.70 24.63
C VAL D 315 -71.39 -18.20 24.38
N PRO D 316 -71.59 -17.36 25.43
CA PRO D 316 -71.38 -15.92 25.30
C PRO D 316 -69.90 -15.59 25.54
N LYS D 317 -69.33 -14.57 24.88
CA LYS D 317 -69.83 -13.76 23.78
C LYS D 317 -68.58 -13.31 23.02
N ASN D 318 -68.48 -13.74 21.77
CA ASN D 318 -67.20 -13.70 21.09
C ASN D 318 -66.13 -14.42 21.92
N PRO D 319 -66.40 -15.65 22.39
CA PRO D 319 -65.46 -16.36 23.25
C PRO D 319 -64.13 -16.65 22.56
N HIS D 320 -63.10 -16.78 23.40
CA HIS D 320 -61.73 -16.74 22.93
C HIS D 320 -60.98 -18.00 23.30
N GLY D 321 -60.34 -18.04 24.46
CA GLY D 321 -59.60 -19.24 24.83
C GLY D 321 -60.46 -20.47 25.00
N LEU D 322 -59.88 -21.63 24.76
CA LEU D 322 -60.54 -22.91 24.96
C LEU D 322 -59.49 -23.83 25.58
N ASN D 323 -59.69 -24.24 26.85
CA ASN D 323 -58.65 -24.88 27.63
C ASN D 323 -59.20 -26.14 28.30
N THR D 324 -58.49 -27.25 28.12
CA THR D 324 -58.86 -28.51 28.77
C THR D 324 -58.25 -28.66 30.15
N SER D 325 -59.07 -29.00 31.16
CA SER D 325 -58.55 -29.25 32.49
C SER D 325 -57.73 -30.53 32.54
N PRO D 326 -56.67 -30.57 33.37
CA PRO D 326 -55.73 -31.72 33.38
C PRO D 326 -56.26 -33.04 33.96
N ASP D 327 -57.43 -33.00 34.57
CA ASP D 327 -58.13 -34.21 34.98
C ASP D 327 -59.00 -34.75 33.83
N GLY D 328 -58.99 -34.07 32.68
CA GLY D 328 -59.76 -34.48 31.53
C GLY D 328 -61.26 -34.21 31.61
N LYS D 329 -61.74 -33.51 32.64
CA LYS D 329 -63.16 -33.36 32.83
C LYS D 329 -63.82 -32.28 31.99
N TYR D 330 -63.10 -31.20 31.71
CA TYR D 330 -63.74 -29.98 31.25
C TYR D 330 -63.00 -29.37 30.06
N PHE D 331 -63.79 -28.80 29.16
CA PHE D 331 -63.33 -27.79 28.21
C PHE D 331 -63.85 -26.47 28.76
N ILE D 332 -62.98 -25.48 28.95
CA ILE D 332 -63.38 -24.19 29.46
C ILE D 332 -63.21 -23.17 28.33
N ALA D 333 -64.33 -22.52 27.97
CA ALA D 333 -64.36 -21.46 27.00
C ALA D 333 -64.33 -20.15 27.74
N ASN D 334 -63.53 -19.21 27.25
CA ASN D 334 -63.36 -17.93 27.95
C ASN D 334 -64.25 -16.90 27.27
N GLY D 335 -65.03 -16.17 28.06
CA GLY D 335 -66.16 -15.43 27.52
C GLY D 335 -65.88 -14.11 26.84
N LYS D 336 -64.69 -13.50 27.05
CA LYS D 336 -64.27 -12.25 26.42
C LYS D 336 -65.27 -11.11 26.62
N LEU D 337 -66.23 -10.94 25.72
CA LEU D 337 -67.17 -9.83 25.86
C LEU D 337 -68.21 -10.11 26.96
N SER D 338 -68.40 -11.38 27.28
CA SER D 338 -69.15 -11.80 28.45
C SER D 338 -68.15 -11.95 29.59
N PRO D 339 -68.43 -11.44 30.82
CA PRO D 339 -67.48 -11.52 31.92
C PRO D 339 -67.45 -12.86 32.64
N THR D 340 -67.54 -13.93 31.86
CA THR D 340 -67.74 -15.28 32.30
C THR D 340 -66.72 -16.21 31.64
N VAL D 341 -66.65 -17.43 32.17
CA VAL D 341 -66.20 -18.59 31.41
C VAL D 341 -67.33 -19.60 31.39
N SER D 342 -67.29 -20.52 30.42
CA SER D 342 -68.30 -21.56 30.26
C SER D 342 -67.58 -22.90 30.39
N VAL D 343 -68.04 -23.74 31.33
CA VAL D 343 -67.37 -24.97 31.69
C VAL D 343 -68.22 -26.10 31.10
N ILE D 344 -67.67 -26.79 30.10
CA ILE D 344 -68.31 -27.87 29.37
C ILE D 344 -67.80 -29.22 29.92
N ALA D 345 -68.71 -30.08 30.39
CA ALA D 345 -68.34 -31.39 30.90
C ALA D 345 -68.16 -32.38 29.76
N ILE D 346 -66.90 -32.83 29.59
CA ILE D 346 -66.53 -33.75 28.54
C ILE D 346 -67.32 -35.07 28.68
N ASP D 347 -67.59 -35.47 29.94
CA ASP D 347 -68.31 -36.74 30.13
C ASP D 347 -69.76 -36.71 29.65
N LYS D 348 -70.29 -35.54 29.26
CA LYS D 348 -71.65 -35.43 28.74
C LYS D 348 -71.69 -35.40 27.22
N LEU D 349 -70.53 -35.40 26.57
CA LEU D 349 -70.49 -35.27 25.12
C LEU D 349 -71.02 -36.51 24.42
N ASP D 350 -70.75 -37.72 24.92
CA ASP D 350 -71.33 -38.90 24.25
C ASP D 350 -72.86 -38.79 24.20
N ASP D 351 -73.47 -38.38 25.32
CA ASP D 351 -74.92 -38.22 25.34
C ASP D 351 -75.38 -37.13 24.38
N LEU D 352 -74.61 -36.04 24.28
CA LEU D 352 -74.98 -34.99 23.35
C LEU D 352 -74.96 -35.48 21.89
N PHE D 353 -73.93 -36.28 21.52
CA PHE D 353 -73.79 -36.80 20.18
C PHE D 353 -74.83 -37.89 19.90
N GLU D 354 -75.60 -38.31 20.91
CA GLU D 354 -76.77 -39.16 20.69
C GLU D 354 -78.08 -38.41 20.84
N ASP D 355 -78.02 -37.10 21.09
CA ASP D 355 -79.18 -36.22 21.22
C ASP D 355 -80.01 -36.56 22.45
N LYS D 356 -79.38 -37.08 23.51
CA LYS D 356 -80.00 -37.47 24.77
C LYS D 356 -80.15 -36.32 25.74
N ILE D 357 -79.41 -35.23 25.50
CA ILE D 357 -79.43 -34.04 26.34
C ILE D 357 -79.39 -32.85 25.39
N GLU D 358 -79.71 -31.69 25.91
CA GLU D 358 -79.69 -30.43 25.17
C GLU D 358 -78.24 -29.93 25.08
N LEU D 359 -77.96 -29.09 24.07
CA LEU D 359 -76.62 -28.51 23.94
C LEU D 359 -76.15 -27.83 25.24
N ARG D 360 -77.01 -27.00 25.84
CA ARG D 360 -76.62 -26.24 27.02
C ARG D 360 -76.53 -27.12 28.28
N ASP D 361 -77.08 -28.34 28.23
CA ASP D 361 -76.99 -29.25 29.37
C ASP D 361 -75.53 -29.69 29.60
N THR D 362 -74.66 -29.48 28.60
CA THR D 362 -73.25 -29.79 28.79
C THR D 362 -72.55 -28.74 29.65
N ILE D 363 -73.15 -27.57 29.82
CA ILE D 363 -72.57 -26.48 30.62
C ILE D 363 -72.85 -26.78 32.08
N VAL D 364 -71.80 -27.03 32.86
CA VAL D 364 -71.95 -27.33 34.28
C VAL D 364 -71.63 -26.12 35.16
N ALA D 365 -70.99 -25.07 34.62
CA ALA D 365 -70.74 -23.82 35.31
C ALA D 365 -70.58 -22.72 34.27
N GLU D 366 -70.95 -21.48 34.63
CA GLU D 366 -70.72 -20.32 33.80
C GLU D 366 -70.50 -19.14 34.72
N PRO D 367 -69.41 -19.17 35.51
CA PRO D 367 -69.20 -18.18 36.56
C PRO D 367 -68.81 -16.81 36.02
N GLU D 368 -69.37 -15.77 36.62
CA GLU D 368 -68.91 -14.41 36.37
C GLU D 368 -67.59 -14.19 37.13
N LEU D 369 -66.53 -13.88 36.39
CA LEU D 369 -65.21 -13.66 36.97
C LEU D 369 -64.80 -12.20 36.95
N GLY D 370 -65.13 -11.44 35.91
CA GLY D 370 -64.60 -10.11 35.75
C GLY D 370 -64.53 -9.74 34.27
N LEU D 371 -63.95 -8.56 34.00
CA LEU D 371 -64.07 -8.02 32.66
C LEU D 371 -62.94 -8.54 31.76
N GLY D 372 -63.39 -9.12 30.65
CA GLY D 372 -62.55 -9.52 29.53
C GLY D 372 -61.83 -10.88 29.74
N PRO D 373 -62.49 -11.98 30.13
CA PRO D 373 -61.77 -13.25 30.33
C PRO D 373 -61.27 -13.76 28.98
N LEU D 374 -59.97 -14.07 28.89
CA LEU D 374 -59.36 -14.48 27.63
C LEU D 374 -58.85 -15.92 27.64
N HIS D 375 -58.10 -16.35 28.67
CA HIS D 375 -57.48 -17.66 28.69
C HIS D 375 -57.52 -18.22 30.11
N THR D 376 -57.59 -19.55 30.22
CA THR D 376 -57.64 -20.22 31.50
C THR D 376 -56.57 -21.30 31.53
N THR D 377 -55.97 -21.50 32.72
CA THR D 377 -55.02 -22.56 32.92
C THR D 377 -55.24 -23.16 34.31
N PHE D 378 -54.47 -24.23 34.66
CA PHE D 378 -54.88 -25.10 35.76
C PHE D 378 -53.68 -25.47 36.63
N ASP D 379 -53.94 -25.58 37.96
CA ASP D 379 -52.90 -26.00 38.87
C ASP D 379 -52.89 -27.49 39.17
N GLY D 380 -53.86 -28.24 38.66
CA GLY D 380 -53.96 -29.65 38.99
C GLY D 380 -54.44 -29.93 40.42
N ARG D 381 -54.84 -28.89 41.15
CA ARG D 381 -55.40 -29.03 42.50
C ARG D 381 -56.89 -28.76 42.48
N GLY D 382 -57.48 -28.47 41.30
CA GLY D 382 -58.91 -28.17 41.15
C GLY D 382 -59.21 -26.67 41.04
N ASN D 383 -58.16 -25.86 40.95
CA ASN D 383 -58.33 -24.44 40.67
C ASN D 383 -57.93 -24.12 39.23
N ALA D 384 -58.57 -23.06 38.77
CA ALA D 384 -58.33 -22.48 37.46
C ALA D 384 -57.88 -21.03 37.66
N TYR D 385 -57.12 -20.53 36.66
CA TYR D 385 -56.54 -19.20 36.70
C TYR D 385 -56.87 -18.58 35.34
N THR D 386 -57.62 -17.49 35.34
CA THR D 386 -58.16 -16.89 34.12
C THR D 386 -57.68 -15.44 34.01
N THR D 387 -57.15 -15.07 32.84
CA THR D 387 -56.77 -13.71 32.57
C THR D 387 -58.00 -12.86 32.30
N LEU D 388 -58.01 -11.67 32.90
CA LEU D 388 -59.05 -10.69 32.72
C LEU D 388 -58.40 -9.50 32.01
N PHE D 389 -58.62 -9.41 30.69
CA PHE D 389 -57.88 -8.42 29.92
C PHE D 389 -58.25 -6.99 30.32
N ILE D 390 -59.55 -6.74 30.46
CA ILE D 390 -60.05 -5.39 30.68
C ILE D 390 -59.76 -4.97 32.12
N ASP D 391 -59.99 -5.87 33.09
CA ASP D 391 -59.66 -5.52 34.48
C ASP D 391 -58.16 -5.59 34.80
N SER D 392 -57.38 -6.19 33.89
CA SER D 392 -55.94 -6.34 34.03
C SER D 392 -55.55 -7.12 35.29
N GLN D 393 -56.09 -8.34 35.38
CA GLN D 393 -55.86 -9.21 36.52
C GLN D 393 -55.78 -10.65 36.06
N VAL D 394 -55.24 -11.48 36.96
CA VAL D 394 -55.43 -12.91 36.86
C VAL D 394 -56.30 -13.35 38.03
N CYS D 395 -57.30 -14.17 37.72
CA CYS D 395 -58.33 -14.56 38.68
C CYS D 395 -58.21 -16.05 38.94
N LYS D 396 -57.92 -16.42 40.19
CA LYS D 396 -57.89 -17.80 40.63
C LYS D 396 -59.27 -18.14 41.15
N TRP D 397 -59.84 -19.25 40.68
CA TRP D 397 -61.17 -19.67 41.07
C TRP D 397 -61.22 -21.18 41.16
N ASN D 398 -62.21 -21.68 41.92
CA ASN D 398 -62.29 -23.10 42.16
C ASN D 398 -63.43 -23.68 41.32
N ILE D 399 -63.10 -24.68 40.49
CA ILE D 399 -64.04 -25.22 39.51
C ILE D 399 -65.24 -25.88 40.20
N ALA D 400 -64.97 -26.70 41.23
CA ALA D 400 -66.05 -27.42 41.90
C ALA D 400 -67.04 -26.44 42.52
N ASP D 401 -66.53 -25.36 43.13
CA ASP D 401 -67.39 -24.36 43.75
C ASP D 401 -68.16 -23.56 42.71
N ALA D 402 -67.57 -23.34 41.53
CA ALA D 402 -68.30 -22.71 40.43
C ALA D 402 -69.51 -23.54 40.00
N ILE D 403 -69.33 -24.87 39.91
CA ILE D 403 -70.39 -25.80 39.58
C ILE D 403 -71.49 -25.71 40.66
N LYS D 404 -71.09 -25.71 41.91
CA LYS D 404 -72.08 -25.60 42.99
C LYS D 404 -72.86 -24.28 42.89
N HIS D 405 -72.15 -23.18 42.57
CA HIS D 405 -72.80 -21.89 42.46
C HIS D 405 -73.80 -21.89 41.30
N TYR D 406 -73.43 -22.54 40.18
CA TYR D 406 -74.31 -22.62 39.03
C TYR D 406 -75.58 -23.38 39.38
N ASN D 407 -75.47 -24.37 40.28
CA ASN D 407 -76.59 -25.18 40.74
C ASN D 407 -77.45 -24.43 41.76
N GLY D 408 -77.03 -23.25 42.21
CA GLY D 408 -77.80 -22.42 43.11
C GLY D 408 -77.30 -22.42 44.55
N ASP D 409 -76.15 -23.04 44.84
CA ASP D 409 -75.62 -23.06 46.20
C ASP D 409 -75.02 -21.70 46.59
N ARG D 410 -75.13 -21.37 47.87
CA ARG D 410 -74.58 -20.14 48.40
C ARG D 410 -73.11 -20.38 48.75
N VAL D 411 -72.22 -20.12 47.79
CA VAL D 411 -70.81 -20.44 47.93
C VAL D 411 -70.03 -19.43 47.11
N ASN D 412 -68.79 -19.12 47.51
CA ASN D 412 -67.92 -18.33 46.63
C ASN D 412 -67.09 -19.32 45.80
N TYR D 413 -66.84 -18.93 44.56
CA TYR D 413 -65.96 -19.71 43.70
C TYR D 413 -64.65 -18.96 43.41
N ILE D 414 -64.64 -17.62 43.45
CA ILE D 414 -63.42 -16.88 43.27
C ILE D 414 -62.58 -16.99 44.54
N ARG D 415 -61.30 -17.30 44.36
CA ARG D 415 -60.36 -17.34 45.45
C ARG D 415 -59.57 -16.03 45.55
N GLN D 416 -59.04 -15.53 44.45
CA GLN D 416 -58.10 -14.42 44.55
C GLN D 416 -58.06 -13.71 43.21
N LYS D 417 -57.84 -12.39 43.22
CA LYS D 417 -57.49 -11.64 42.03
C LYS D 417 -56.17 -10.93 42.28
N LEU D 418 -55.30 -11.04 41.31
CA LEU D 418 -54.02 -10.39 41.36
C LEU D 418 -53.91 -9.44 40.19
N ASP D 419 -53.57 -8.16 40.45
CA ASP D 419 -53.35 -7.23 39.37
C ASP D 419 -52.09 -7.65 38.62
N VAL D 420 -52.15 -7.52 37.29
CA VAL D 420 -50.99 -7.69 36.43
C VAL D 420 -50.83 -6.44 35.57
N GLN D 421 -49.61 -6.27 35.03
CA GLN D 421 -49.22 -5.03 34.41
C GLN D 421 -48.70 -5.27 33.00
N TYR D 422 -49.51 -5.10 31.94
CA TYR D 422 -50.90 -4.74 31.94
C TYR D 422 -51.60 -5.46 30.81
N GLN D 423 -52.92 -5.74 30.97
CA GLN D 423 -53.73 -6.22 29.86
C GLN D 423 -53.26 -7.63 29.45
N PRO D 424 -53.55 -8.62 30.32
CA PRO D 424 -53.06 -9.99 30.10
C PRO D 424 -53.79 -10.70 28.95
N GLY D 425 -53.03 -11.49 28.16
CA GLY D 425 -53.59 -12.38 27.15
C GLY D 425 -53.54 -13.81 27.67
N HIS D 426 -52.63 -14.62 27.18
CA HIS D 426 -52.52 -15.97 27.67
C HIS D 426 -51.96 -15.98 29.08
N ASN D 427 -52.25 -17.10 29.76
CA ASN D 427 -51.55 -17.52 30.95
C ASN D 427 -51.26 -19.01 30.85
N HIS D 428 -50.30 -19.46 31.60
CA HIS D 428 -49.88 -20.85 31.50
C HIS D 428 -49.28 -21.32 32.82
N ALA D 429 -49.87 -22.38 33.38
CA ALA D 429 -49.35 -22.99 34.59
C ALA D 429 -48.51 -24.21 34.24
N SER D 430 -47.47 -24.46 35.01
CA SER D 430 -46.50 -25.50 34.68
C SER D 430 -47.20 -26.86 34.58
N LEU D 431 -47.00 -27.51 33.43
CA LEU D 431 -47.48 -28.84 33.06
C LEU D 431 -49.00 -28.90 32.92
N THR D 432 -49.64 -27.72 32.74
CA THR D 432 -51.10 -27.65 32.67
C THR D 432 -51.71 -28.51 31.57
N GLU D 433 -51.01 -28.69 30.43
CA GLU D 433 -51.56 -29.41 29.28
C GLU D 433 -51.40 -30.91 29.40
N SER D 434 -50.98 -31.39 30.58
CA SER D 434 -50.73 -32.78 30.80
C SER D 434 -51.36 -33.21 32.12
N ARG D 435 -51.43 -34.54 32.24
CA ARG D 435 -51.96 -35.15 33.47
C ARG D 435 -51.13 -34.74 34.70
N ASP D 436 -49.90 -34.29 34.54
N ASP D 436 -49.87 -34.34 34.42
CA ASP D 436 -49.00 -34.10 35.68
CA ASP D 436 -48.74 -34.03 35.32
C ASP D 436 -48.84 -32.61 35.98
C ASP D 436 -48.83 -32.62 35.93
N ALA D 437 -49.83 -31.80 35.54
CA ALA D 437 -50.00 -30.41 36.02
C ALA D 437 -49.59 -30.29 37.48
N ASP D 438 -48.57 -29.45 37.77
CA ASP D 438 -47.88 -29.52 39.06
C ASP D 438 -48.18 -28.35 39.99
N GLY D 439 -48.90 -27.34 39.49
CA GLY D 439 -49.33 -26.23 40.34
C GLY D 439 -48.23 -25.37 40.93
N LYS D 440 -47.04 -25.33 40.29
CA LYS D 440 -45.93 -24.57 40.84
C LYS D 440 -45.81 -23.15 40.32
N TRP D 441 -45.74 -23.00 38.98
CA TRP D 441 -45.53 -21.70 38.37
C TRP D 441 -46.69 -21.34 37.46
N LEU D 442 -46.94 -20.03 37.36
CA LEU D 442 -47.91 -19.46 36.44
C LEU D 442 -47.22 -18.31 35.72
N VAL D 443 -47.23 -18.37 34.39
CA VAL D 443 -46.76 -17.25 33.57
C VAL D 443 -48.00 -16.51 33.04
N VAL D 444 -48.00 -15.19 33.15
CA VAL D 444 -49.04 -14.35 32.56
C VAL D 444 -48.36 -13.48 31.49
N LEU D 445 -48.85 -13.50 30.23
CA LEU D 445 -48.23 -12.82 29.11
C LEU D 445 -49.10 -11.61 28.77
N SER D 446 -48.64 -10.45 29.22
CA SER D 446 -49.41 -9.24 29.05
C SER D 446 -48.98 -8.44 27.81
N LYS D 447 -49.91 -7.64 27.35
CA LYS D 447 -49.80 -7.01 26.03
C LYS D 447 -49.37 -5.55 26.11
N PHE D 448 -49.48 -4.89 27.26
CA PHE D 448 -48.97 -3.54 27.44
C PHE D 448 -47.97 -3.59 28.59
N SER D 449 -46.93 -2.76 28.50
CA SER D 449 -46.03 -2.63 29.64
C SER D 449 -45.97 -1.22 30.21
N LYS D 450 -46.46 -0.21 29.48
CA LYS D 450 -46.56 1.18 29.97
C LYS D 450 -45.24 1.59 30.65
N ASP D 451 -45.25 1.79 32.00
CA ASP D 451 -44.11 2.28 32.76
C ASP D 451 -43.35 1.20 33.52
N ARG D 452 -43.52 -0.09 33.19
CA ARG D 452 -42.91 -1.15 33.97
C ARG D 452 -41.40 -1.27 33.72
N PHE D 453 -40.92 -0.75 32.56
CA PHE D 453 -39.53 -0.86 32.15
C PHE D 453 -39.04 0.52 31.70
N LEU D 454 -37.72 0.64 31.57
CA LEU D 454 -37.13 1.88 31.07
C LEU D 454 -37.77 2.27 29.75
N PRO D 455 -37.97 3.57 29.52
CA PRO D 455 -38.55 4.01 28.26
C PRO D 455 -37.65 3.69 27.07
N VAL D 456 -38.26 3.20 25.96
CA VAL D 456 -37.48 2.82 24.80
C VAL D 456 -38.15 3.31 23.51
N GLY D 457 -38.98 4.36 23.57
CA GLY D 457 -39.61 4.91 22.39
C GLY D 457 -41.06 4.49 22.29
N PRO D 458 -41.74 4.91 21.20
CA PRO D 458 -43.17 4.62 21.07
C PRO D 458 -43.52 3.13 21.14
N LEU D 459 -42.64 2.28 20.60
CA LEU D 459 -42.87 0.84 20.67
C LEU D 459 -42.40 0.30 22.02
N HIS D 460 -43.33 -0.21 22.83
CA HIS D 460 -42.95 -0.71 24.15
C HIS D 460 -42.79 -2.23 24.12
N PRO D 461 -42.05 -2.85 25.07
CA PRO D 461 -42.05 -4.29 25.19
C PRO D 461 -43.36 -4.81 25.80
N GLU D 462 -43.54 -6.11 25.69
CA GLU D 462 -44.58 -6.82 26.42
C GLU D 462 -44.01 -7.16 27.79
N ASN D 463 -44.87 -7.66 28.67
CA ASN D 463 -44.46 -8.04 30.01
C ASN D 463 -44.97 -9.46 30.30
N ASP D 464 -44.04 -10.39 30.46
CA ASP D 464 -44.40 -11.73 30.91
C ASP D 464 -44.07 -11.81 32.41
N GLN D 465 -45.08 -12.04 33.25
CA GLN D 465 -44.93 -12.03 34.67
C GLN D 465 -44.96 -13.48 35.16
N LEU D 466 -44.02 -13.80 36.04
CA LEU D 466 -43.90 -15.11 36.67
C LEU D 466 -44.48 -15.02 38.08
N ILE D 467 -45.46 -15.90 38.35
CA ILE D 467 -46.23 -15.95 39.59
C ILE D 467 -46.08 -17.35 40.23
N ASP D 468 -45.75 -17.35 41.53
CA ASP D 468 -45.71 -18.54 42.34
C ASP D 468 -47.13 -18.91 42.76
N ILE D 469 -47.60 -20.08 42.30
CA ILE D 469 -48.94 -20.58 42.59
C ILE D 469 -48.91 -21.86 43.43
N SER D 470 -47.74 -22.15 44.01
CA SER D 470 -47.53 -23.39 44.74
C SER D 470 -48.33 -23.44 46.04
N GLY D 471 -48.67 -22.26 46.58
CA GLY D 471 -49.40 -22.15 47.85
C GLY D 471 -50.81 -21.60 47.67
N GLU D 472 -51.44 -21.26 48.80
CA GLU D 472 -52.83 -20.80 48.76
C GLU D 472 -52.96 -19.42 48.15
N GLU D 473 -51.89 -18.59 48.20
CA GLU D 473 -51.91 -17.23 47.68
C GLU D 473 -50.96 -17.12 46.49
N MET D 474 -51.48 -16.62 45.37
CA MET D 474 -50.63 -16.26 44.23
C MET D 474 -49.70 -15.12 44.62
N LYS D 475 -48.41 -15.18 44.23
CA LYS D 475 -47.44 -14.13 44.51
C LYS D 475 -46.57 -13.84 43.30
N LEU D 476 -46.54 -12.57 42.89
CA LEU D 476 -45.69 -12.16 41.79
C LEU D 476 -44.23 -12.28 42.20
N VAL D 477 -43.41 -12.87 41.29
CA VAL D 477 -42.00 -13.10 41.55
C VAL D 477 -41.15 -12.27 40.57
N HIS D 478 -41.50 -12.16 39.28
CA HIS D 478 -40.62 -11.56 38.28
C HIS D 478 -41.41 -10.88 37.16
N ASP D 479 -40.95 -9.72 36.72
CA ASP D 479 -41.40 -9.04 35.48
C ASP D 479 -40.39 -9.20 34.34
N GLY D 480 -40.84 -9.79 33.24
CA GLY D 480 -39.97 -10.16 32.13
C GLY D 480 -40.36 -9.39 30.87
N PRO D 481 -39.59 -8.35 30.45
CA PRO D 481 -39.89 -7.63 29.22
C PRO D 481 -39.62 -8.58 28.08
N THR D 482 -40.45 -8.50 27.06
N THR D 482 -40.45 -8.49 27.05
CA THR D 482 -40.23 -9.31 25.88
CA THR D 482 -40.34 -9.36 25.88
C THR D 482 -40.56 -8.50 24.64
C THR D 482 -40.59 -8.51 24.63
N TYR D 483 -39.86 -8.84 23.57
CA TYR D 483 -40.07 -8.21 22.29
C TYR D 483 -41.37 -8.69 21.69
N ALA D 484 -41.99 -7.87 20.88
CA ALA D 484 -43.19 -8.20 20.12
C ALA D 484 -43.13 -9.61 19.55
N GLU D 485 -44.20 -10.39 19.74
CA GLU D 485 -45.23 -10.25 20.77
C GLU D 485 -45.67 -11.67 21.14
N PRO D 486 -45.21 -12.21 22.29
CA PRO D 486 -45.66 -13.55 22.68
C PRO D 486 -47.16 -13.62 22.89
N HIS D 487 -47.72 -14.74 22.49
CA HIS D 487 -49.09 -15.10 22.84
C HIS D 487 -49.00 -16.15 23.94
N ASP D 488 -48.90 -17.43 23.57
CA ASP D 488 -48.83 -18.50 24.53
C ASP D 488 -47.39 -19.00 24.69
N CYS D 489 -47.19 -19.74 25.79
CA CYS D 489 -45.94 -20.41 26.01
C CYS D 489 -46.23 -21.78 26.59
N ILE D 490 -45.24 -22.67 26.56
CA ILE D 490 -45.39 -23.99 27.18
C ILE D 490 -44.17 -24.30 28.02
N LEU D 491 -44.40 -24.68 29.28
CA LEU D 491 -43.35 -25.06 30.23
C LEU D 491 -43.20 -26.59 30.27
N VAL D 492 -41.96 -27.07 30.26
CA VAL D 492 -41.72 -28.50 30.36
C VAL D 492 -40.59 -28.69 31.37
N ARG D 493 -40.63 -29.79 32.12
CA ARG D 493 -39.54 -30.04 33.05
C ARG D 493 -38.23 -30.24 32.28
N ARG D 494 -37.09 -29.93 32.94
CA ARG D 494 -35.78 -30.19 32.37
C ARG D 494 -35.63 -31.64 31.90
N ASP D 495 -36.15 -32.57 32.72
CA ASP D 495 -35.96 -33.99 32.43
C ASP D 495 -36.86 -34.50 31.31
N GLN D 496 -37.75 -33.65 30.75
CA GLN D 496 -38.63 -34.06 29.66
C GLN D 496 -38.07 -33.74 28.27
N ILE D 497 -36.91 -33.06 28.23
CA ILE D 497 -36.20 -32.67 27.02
C ILE D 497 -34.86 -33.41 26.98
N LYS D 498 -34.53 -34.02 25.84
CA LYS D 498 -33.21 -34.63 25.64
C LYS D 498 -32.66 -34.14 24.31
N THR D 499 -31.57 -33.42 24.39
CA THR D 499 -30.97 -32.77 23.22
C THR D 499 -29.65 -33.44 22.84
N LYS D 500 -29.29 -33.23 21.57
CA LYS D 500 -27.98 -33.65 21.07
C LYS D 500 -27.01 -32.48 21.23
N LYS D 501 -25.72 -32.77 21.40
CA LYS D 501 -24.71 -31.75 21.57
C LYS D 501 -23.97 -31.49 20.28
N ILE D 502 -23.85 -32.51 19.43
CA ILE D 502 -23.26 -32.38 18.13
C ILE D 502 -24.11 -33.22 17.15
N TYR D 503 -23.93 -32.96 15.85
CA TYR D 503 -24.64 -33.71 14.81
C TYR D 503 -23.97 -35.06 14.54
N GLU D 504 -24.82 -36.01 14.12
CA GLU D 504 -24.33 -37.22 13.48
C GLU D 504 -24.36 -36.99 11.98
N ARG D 505 -23.46 -37.69 11.25
CA ARG D 505 -23.35 -37.41 9.82
C ARG D 505 -24.53 -37.91 9.00
N ASN D 506 -25.41 -38.73 9.61
CA ASN D 506 -26.63 -39.15 8.95
C ASN D 506 -27.83 -38.28 9.26
N ASP D 507 -27.64 -37.10 9.86
CA ASP D 507 -28.79 -36.35 10.30
C ASP D 507 -29.65 -35.90 9.12
N PRO D 508 -30.98 -35.95 9.26
CA PRO D 508 -31.88 -35.49 8.19
C PRO D 508 -31.70 -34.04 7.76
N TYR D 509 -31.17 -33.20 8.68
CA TYR D 509 -31.08 -31.76 8.40
C TYR D 509 -30.10 -31.42 7.29
N PHE D 510 -29.31 -32.41 6.85
CA PHE D 510 -28.52 -32.16 5.63
C PHE D 510 -28.55 -33.39 4.70
N ALA D 511 -29.67 -34.12 4.70
CA ALA D 511 -29.85 -35.20 3.72
C ALA D 511 -29.68 -34.69 2.30
N SER D 512 -30.22 -33.51 1.97
CA SER D 512 -30.15 -33.01 0.61
C SER D 512 -28.69 -32.76 0.22
N CYS D 513 -27.88 -32.29 1.18
CA CYS D 513 -26.48 -32.04 0.89
C CYS D 513 -25.75 -33.35 0.58
N ARG D 514 -26.04 -34.39 1.37
CA ARG D 514 -25.47 -35.72 1.15
C ARG D 514 -25.86 -36.20 -0.26
N ALA D 515 -27.09 -35.95 -0.70
CA ALA D 515 -27.56 -36.43 -1.99
C ALA D 515 -26.86 -35.71 -3.12
N GLN D 516 -26.71 -34.39 -3.00
CA GLN D 516 -26.01 -33.64 -4.02
C GLN D 516 -24.54 -34.03 -4.09
N ALA D 517 -23.89 -34.19 -2.91
CA ALA D 517 -22.49 -34.61 -2.86
C ALA D 517 -22.30 -35.94 -3.59
N GLU D 518 -23.22 -36.87 -3.36
CA GLU D 518 -23.10 -38.19 -3.96
C GLU D 518 -23.15 -38.04 -5.48
N LYS D 519 -24.05 -37.20 -5.98
CA LYS D 519 -24.17 -37.00 -7.43
C LYS D 519 -22.88 -36.45 -8.01
N ASP D 520 -22.17 -35.61 -7.23
CA ASP D 520 -20.98 -34.93 -7.69
C ASP D 520 -19.70 -35.73 -7.43
N GLY D 521 -19.85 -36.91 -6.85
CA GLY D 521 -18.68 -37.71 -6.49
C GLY D 521 -17.86 -37.14 -5.34
N VAL D 522 -18.52 -36.36 -4.45
CA VAL D 522 -17.87 -35.71 -3.33
C VAL D 522 -18.14 -36.46 -2.02
N THR D 523 -17.10 -36.63 -1.21
CA THR D 523 -17.19 -37.09 0.15
C THR D 523 -17.15 -35.86 1.05
N LEU D 524 -18.27 -35.56 1.71
CA LEU D 524 -18.33 -34.31 2.46
C LEU D 524 -17.31 -34.20 3.57
N GLU D 525 -16.96 -35.31 4.25
CA GLU D 525 -16.07 -35.23 5.40
C GLU D 525 -14.62 -35.02 4.99
N SER D 526 -14.25 -35.09 3.69
N SER D 526 -14.30 -35.11 3.68
CA SER D 526 -12.84 -34.98 3.31
CA SER D 526 -12.93 -35.21 3.19
C SER D 526 -12.53 -33.95 2.22
C SER D 526 -12.55 -34.22 2.09
N ASP D 527 -13.52 -33.63 1.38
CA ASP D 527 -13.26 -32.99 0.10
C ASP D 527 -13.34 -31.46 0.16
N ASN D 528 -12.42 -30.86 -0.58
CA ASN D 528 -12.38 -29.44 -0.87
C ASN D 528 -12.28 -29.32 -2.38
N LYS D 529 -13.44 -29.11 -3.01
CA LYS D 529 -13.59 -29.26 -4.45
C LYS D 529 -14.58 -28.24 -4.99
N VAL D 530 -14.30 -27.82 -6.23
CA VAL D 530 -15.18 -26.97 -7.00
C VAL D 530 -15.72 -27.77 -8.19
N ILE D 531 -17.05 -27.88 -8.27
CA ILE D 531 -17.77 -28.59 -9.31
C ILE D 531 -18.42 -27.56 -10.23
N ARG D 532 -18.12 -27.66 -11.52
CA ARG D 532 -18.67 -26.80 -12.55
C ARG D 532 -19.84 -27.51 -13.21
N ASP D 533 -20.96 -26.84 -13.34
CA ASP D 533 -22.19 -27.40 -13.89
C ASP D 533 -22.88 -26.33 -14.73
N GLY D 534 -22.30 -26.03 -15.89
CA GLY D 534 -22.89 -24.99 -16.73
C GLY D 534 -22.69 -23.63 -16.09
N ASN D 535 -23.79 -22.89 -15.85
CA ASN D 535 -23.67 -21.62 -15.17
C ASN D 535 -23.83 -21.79 -13.64
N LYS D 536 -23.92 -23.04 -13.16
CA LYS D 536 -23.91 -23.32 -11.74
C LYS D 536 -22.50 -23.77 -11.33
N VAL D 537 -22.14 -23.40 -10.09
CA VAL D 537 -20.92 -23.85 -9.47
C VAL D 537 -21.28 -24.34 -8.08
N ARG D 538 -20.77 -25.50 -7.69
CA ARG D 538 -20.95 -26.00 -6.34
C ARG D 538 -19.55 -26.14 -5.74
N VAL D 539 -19.34 -25.47 -4.62
CA VAL D 539 -18.08 -25.41 -3.90
C VAL D 539 -18.27 -26.18 -2.60
N TYR D 540 -17.48 -27.20 -2.38
CA TYR D 540 -17.52 -27.99 -1.17
C TYR D 540 -16.26 -27.75 -0.37
N MET D 541 -16.40 -27.39 0.90
CA MET D 541 -15.26 -27.16 1.78
C MET D 541 -15.52 -27.88 3.09
N THR D 542 -14.44 -28.36 3.70
CA THR D 542 -14.42 -28.77 5.08
C THR D 542 -13.93 -27.58 5.88
N SER D 543 -14.19 -27.61 7.18
CA SER D 543 -13.67 -26.59 8.07
C SER D 543 -13.25 -27.23 9.40
N VAL D 544 -12.12 -26.73 9.89
CA VAL D 544 -11.59 -27.01 11.23
C VAL D 544 -11.07 -25.67 11.72
N ALA D 545 -11.70 -25.11 12.75
CA ALA D 545 -11.37 -23.73 13.12
C ALA D 545 -9.87 -23.69 13.42
N PRO D 546 -9.10 -22.69 13.01
CA PRO D 546 -9.57 -21.46 12.32
C PRO D 546 -9.38 -21.42 10.81
N GLN D 547 -9.54 -22.56 10.12
CA GLN D 547 -9.21 -22.65 8.71
C GLN D 547 -10.34 -23.32 7.93
N TYR D 548 -10.83 -22.63 6.91
CA TYR D 548 -11.56 -23.33 5.86
C TYR D 548 -10.59 -24.19 5.07
N GLY D 549 -11.10 -25.27 4.48
CA GLY D 549 -10.29 -26.19 3.68
C GLY D 549 -9.92 -25.67 2.32
N MET D 550 -10.55 -24.55 1.93
CA MET D 550 -10.30 -23.87 0.68
C MET D 550 -10.25 -22.37 0.99
N THR D 551 -9.25 -21.65 0.48
CA THR D 551 -9.15 -20.21 0.76
C THR D 551 -9.30 -19.35 -0.49
N GLU D 552 -9.52 -19.94 -1.66
CA GLU D 552 -9.79 -19.22 -2.87
C GLU D 552 -10.59 -20.09 -3.81
N PHE D 553 -11.51 -19.49 -4.55
CA PHE D 553 -12.08 -20.13 -5.73
C PHE D 553 -12.50 -19.04 -6.71
N LYS D 554 -12.69 -19.44 -7.97
CA LYS D 554 -12.96 -18.53 -9.06
C LYS D 554 -14.25 -18.97 -9.75
N VAL D 555 -15.07 -17.98 -10.10
CA VAL D 555 -16.32 -18.17 -10.81
C VAL D 555 -16.44 -17.05 -11.83
N LYS D 556 -17.49 -17.13 -12.65
CA LYS D 556 -17.82 -16.07 -13.58
C LYS D 556 -18.98 -15.23 -13.05
N GLU D 557 -19.01 -13.95 -13.41
CA GLU D 557 -20.10 -13.04 -13.11
C GLU D 557 -21.42 -13.70 -13.52
N GLY D 558 -22.39 -13.71 -12.62
CA GLY D 558 -23.71 -14.26 -12.86
C GLY D 558 -23.83 -15.75 -12.64
N ASP D 559 -22.73 -16.44 -12.32
CA ASP D 559 -22.82 -17.85 -11.96
C ASP D 559 -23.71 -18.01 -10.72
N GLU D 560 -24.48 -19.10 -10.68
CA GLU D 560 -25.26 -19.46 -9.50
C GLU D 560 -24.38 -20.35 -8.64
N VAL D 561 -23.84 -19.76 -7.55
CA VAL D 561 -22.82 -20.43 -6.73
C VAL D 561 -23.53 -20.98 -5.50
N THR D 562 -23.26 -22.25 -5.20
CA THR D 562 -23.68 -22.88 -3.94
C THR D 562 -22.44 -23.29 -3.19
N VAL D 563 -22.33 -22.83 -1.94
CA VAL D 563 -21.23 -23.20 -1.07
C VAL D 563 -21.74 -24.14 0.02
N TYR D 564 -21.13 -25.32 0.12
CA TYR D 564 -21.37 -26.33 1.14
C TYR D 564 -20.21 -26.37 2.11
N ILE D 565 -20.47 -26.17 3.40
CA ILE D 565 -19.45 -26.23 4.40
C ILE D 565 -19.79 -27.37 5.36
N THR D 566 -18.79 -28.22 5.64
CA THR D 566 -18.88 -29.32 6.59
C THR D 566 -17.90 -29.09 7.74
N ASN D 567 -18.43 -28.95 8.94
CA ASN D 567 -17.65 -28.60 10.12
C ASN D 567 -17.13 -29.89 10.75
N LEU D 568 -15.82 -30.11 10.65
CA LEU D 568 -15.18 -31.32 11.16
C LEU D 568 -14.74 -31.27 12.61
N ASP D 569 -14.91 -30.14 13.29
CA ASP D 569 -14.62 -30.12 14.70
C ASP D 569 -15.61 -31.06 15.41
N MET D 570 -15.18 -31.70 16.51
N MET D 570 -15.15 -31.62 16.53
CA MET D 570 -16.04 -32.66 17.22
CA MET D 570 -15.90 -32.67 17.21
C MET D 570 -16.43 -32.14 18.61
C MET D 570 -16.09 -32.32 18.69
N VAL D 571 -15.75 -31.09 19.08
CA VAL D 571 -15.97 -30.57 20.42
C VAL D 571 -17.24 -29.72 20.45
N GLU D 572 -18.03 -29.94 21.50
CA GLU D 572 -19.30 -29.25 21.65
C GLU D 572 -19.04 -27.73 21.70
N ASP D 573 -19.97 -27.01 21.07
CA ASP D 573 -20.02 -25.54 21.07
C ASP D 573 -19.05 -24.93 20.05
N VAL D 574 -18.27 -25.72 19.29
CA VAL D 574 -17.35 -25.17 18.31
C VAL D 574 -18.08 -25.04 16.96
N THR D 575 -19.00 -24.04 16.94
CA THR D 575 -19.81 -23.73 15.77
C THR D 575 -18.99 -22.81 14.86
N HIS D 576 -19.10 -23.02 13.56
CA HIS D 576 -18.48 -22.20 12.53
C HIS D 576 -19.62 -21.43 11.85
N GLY D 577 -19.21 -20.48 11.06
CA GLY D 577 -20.11 -19.75 10.20
C GLY D 577 -19.53 -19.56 8.82
N PHE D 578 -20.27 -18.84 7.99
CA PHE D 578 -19.86 -18.54 6.64
C PHE D 578 -20.68 -17.32 6.21
N CYS D 579 -19.99 -16.31 5.68
CA CYS D 579 -20.60 -15.14 5.15
C CYS D 579 -19.85 -14.79 3.88
N MET D 580 -20.55 -14.50 2.78
CA MET D 580 -19.92 -13.99 1.55
C MET D 580 -20.19 -12.49 1.48
N VAL D 581 -19.11 -11.69 1.54
CA VAL D 581 -19.25 -10.25 1.64
C VAL D 581 -20.01 -9.74 0.42
N ASN D 582 -20.99 -8.88 0.70
CA ASN D 582 -21.77 -8.12 -0.29
C ASN D 582 -22.69 -9.02 -1.12
N HIS D 583 -22.84 -10.29 -0.73
CA HIS D 583 -23.70 -11.23 -1.44
C HIS D 583 -24.89 -11.68 -0.61
N GLY D 584 -25.14 -11.07 0.55
CA GLY D 584 -26.40 -11.31 1.26
C GLY D 584 -26.59 -12.72 1.78
N VAL D 585 -25.54 -13.41 2.24
CA VAL D 585 -25.71 -14.77 2.74
C VAL D 585 -24.89 -14.93 4.01
N SER D 586 -25.43 -15.76 4.88
CA SER D 586 -24.85 -16.21 6.12
C SER D 586 -25.41 -17.58 6.42
N MET D 587 -24.65 -18.43 7.12
CA MET D 587 -25.16 -19.70 7.63
C MET D 587 -24.35 -20.21 8.82
N GLU D 588 -25.03 -20.93 9.68
CA GLU D 588 -24.47 -21.71 10.78
C GLU D 588 -23.99 -23.07 10.27
N ILE D 589 -22.81 -23.49 10.73
CA ILE D 589 -22.38 -24.89 10.61
C ILE D 589 -21.87 -25.34 11.98
N SER D 590 -22.70 -26.03 12.76
CA SER D 590 -22.35 -26.53 14.07
C SER D 590 -21.53 -27.82 13.92
N PRO D 591 -20.91 -28.31 15.01
CA PRO D 591 -20.02 -29.48 14.88
C PRO D 591 -20.67 -30.68 14.17
N GLN D 592 -20.02 -31.16 13.10
CA GLN D 592 -20.42 -32.29 12.29
C GLN D 592 -21.64 -32.01 11.42
N GLN D 593 -22.05 -30.74 11.33
CA GLN D 593 -23.08 -30.35 10.39
C GLN D 593 -22.52 -30.12 9.00
N THR D 594 -23.39 -30.28 7.98
CA THR D 594 -23.17 -29.67 6.67
C THR D 594 -24.31 -28.68 6.42
N ALA D 595 -24.01 -27.50 5.85
CA ALA D 595 -25.02 -26.49 5.50
C ALA D 595 -24.63 -25.88 4.16
N SER D 596 -25.58 -25.31 3.47
CA SER D 596 -25.26 -24.69 2.20
C SER D 596 -26.08 -23.43 1.95
N VAL D 597 -25.52 -22.52 1.15
CA VAL D 597 -26.20 -21.34 0.68
C VAL D 597 -25.91 -21.16 -0.81
N THR D 598 -26.89 -20.58 -1.52
CA THR D 598 -26.77 -20.30 -2.94
C THR D 598 -26.94 -18.80 -3.12
N PHE D 599 -26.13 -18.23 -4.02
CA PHE D 599 -26.20 -16.84 -4.37
C PHE D 599 -25.72 -16.69 -5.81
N THR D 600 -26.08 -15.58 -6.42
CA THR D 600 -25.61 -15.20 -7.75
C THR D 600 -24.33 -14.38 -7.61
N ALA D 601 -23.24 -14.84 -8.27
CA ALA D 601 -22.01 -14.09 -8.26
C ALA D 601 -22.23 -12.70 -8.90
N GLY D 602 -21.82 -11.67 -8.18
CA GLY D 602 -21.99 -10.27 -8.57
C GLY D 602 -21.04 -9.81 -9.68
N LYS D 603 -20.86 -8.50 -9.74
CA LYS D 603 -20.00 -7.92 -10.74
C LYS D 603 -18.57 -8.42 -10.55
N PRO D 604 -17.76 -8.45 -11.61
CA PRO D 604 -16.38 -8.92 -11.50
C PRO D 604 -15.59 -8.19 -10.42
N GLY D 605 -14.74 -8.97 -9.74
CA GLY D 605 -13.95 -8.47 -8.64
C GLY D 605 -13.73 -9.56 -7.59
N VAL D 606 -12.99 -9.13 -6.55
CA VAL D 606 -12.71 -9.95 -5.39
C VAL D 606 -13.85 -9.77 -4.40
N TYR D 607 -14.30 -10.86 -3.79
CA TYR D 607 -15.21 -10.78 -2.65
C TYR D 607 -14.69 -11.76 -1.61
N TRP D 608 -14.51 -11.25 -0.39
CA TRP D 608 -14.05 -12.08 0.71
C TRP D 608 -15.20 -12.86 1.32
N TYR D 609 -14.90 -14.06 1.78
CA TYR D 609 -15.80 -14.80 2.65
C TYR D 609 -15.09 -14.98 3.98
N TYR D 610 -15.88 -15.10 5.05
CA TYR D 610 -15.34 -15.18 6.41
C TYR D 610 -16.28 -15.99 7.28
N CYS D 611 -15.73 -16.50 8.35
CA CYS D 611 -16.45 -17.20 9.42
C CYS D 611 -17.01 -16.12 10.35
N ASN D 612 -18.34 -16.14 10.54
CA ASN D 612 -18.99 -15.19 11.44
C ASN D 612 -19.36 -15.76 12.81
N TRP D 613 -18.87 -16.95 13.16
CA TRP D 613 -19.13 -17.55 14.44
C TRP D 613 -17.81 -17.59 15.23
N PHE D 614 -17.68 -16.77 16.26
CA PHE D 614 -16.42 -16.69 16.96
C PHE D 614 -16.06 -18.08 17.46
N CYS D 615 -14.94 -18.63 17.02
CA CYS D 615 -14.69 -20.06 17.09
C CYS D 615 -13.32 -20.43 17.63
N HIS D 616 -12.44 -19.46 17.79
CA HIS D 616 -11.02 -19.71 17.95
C HIS D 616 -10.34 -18.34 18.13
N ALA D 617 -9.15 -18.35 18.76
CA ALA D 617 -8.36 -17.14 18.89
C ALA D 617 -8.03 -16.54 17.54
N LEU D 618 -7.94 -17.36 16.50
CA LEU D 618 -7.63 -16.96 15.12
C LEU D 618 -8.90 -16.82 14.27
N HIS D 619 -10.04 -16.51 14.90
CA HIS D 619 -11.29 -16.26 14.18
C HIS D 619 -11.18 -15.19 13.08
N MET D 620 -10.57 -14.05 13.37
CA MET D 620 -10.55 -12.98 12.35
C MET D 620 -9.86 -13.46 11.06
N GLU D 621 -8.91 -14.38 11.19
CA GLU D 621 -8.12 -14.87 10.07
C GLU D 621 -8.79 -16.03 9.34
N MET D 622 -9.99 -16.46 9.76
CA MET D 622 -10.71 -17.57 9.14
C MET D 622 -11.56 -17.04 7.97
N GLY D 623 -10.93 -16.87 6.86
CA GLY D 623 -11.52 -16.30 5.65
C GLY D 623 -10.94 -16.93 4.40
N GLY D 624 -11.34 -16.31 3.30
CA GLY D 624 -10.95 -16.69 1.95
C GLY D 624 -11.47 -15.72 0.93
N ARG D 625 -11.17 -15.93 -0.35
CA ARG D 625 -11.68 -15.05 -1.40
C ARG D 625 -12.34 -15.83 -2.53
N MET D 626 -13.45 -15.27 -2.97
CA MET D 626 -14.10 -15.64 -4.25
C MET D 626 -13.64 -14.62 -5.30
N LEU D 627 -13.09 -15.09 -6.40
CA LEU D 627 -12.66 -14.25 -7.51
C LEU D 627 -13.68 -14.37 -8.63
N VAL D 628 -14.34 -13.27 -8.96
CA VAL D 628 -15.40 -13.27 -9.95
C VAL D 628 -14.86 -12.65 -11.23
N GLU D 629 -14.81 -13.43 -12.31
CA GLU D 629 -14.24 -12.88 -13.55
C GLU D 629 -15.35 -12.48 -14.51
N LYS D 630 -15.03 -11.56 -15.44
CA LYS D 630 -15.97 -11.18 -16.49
C LYS D 630 -16.20 -12.41 -17.36
N ALA D 631 -17.46 -12.63 -17.75
CA ALA D 631 -17.78 -13.73 -18.64
C ALA D 631 -17.10 -13.49 -20.01
#